data_1TIG
# 
_entry.id   1TIG 
# 
_audit_conform.dict_name       mmcif_pdbx.dic 
_audit_conform.dict_version    5.386 
_audit_conform.dict_location   http://mmcif.pdb.org/dictionaries/ascii/mmcif_pdbx.dic 
# 
loop_
_database_2.database_id 
_database_2.database_code 
_database_2.pdbx_database_accession 
_database_2.pdbx_DOI 
PDB   1TIG         pdb_00001tig 10.2210/pdb1tig/pdb 
WWPDB D_1000176699 ?            ?                   
# 
loop_
_pdbx_audit_revision_history.ordinal 
_pdbx_audit_revision_history.data_content_type 
_pdbx_audit_revision_history.major_revision 
_pdbx_audit_revision_history.minor_revision 
_pdbx_audit_revision_history.revision_date 
1 'Structure model' 1 0 1995-12-07 
2 'Structure model' 1 1 2008-03-24 
3 'Structure model' 1 2 2011-07-13 
4 'Structure model' 1 3 2024-02-14 
# 
_pdbx_audit_revision_details.ordinal             1 
_pdbx_audit_revision_details.revision_ordinal    1 
_pdbx_audit_revision_details.data_content_type   'Structure model' 
_pdbx_audit_revision_details.provider            repository 
_pdbx_audit_revision_details.type                'Initial release' 
_pdbx_audit_revision_details.description         ? 
_pdbx_audit_revision_details.details             ? 
# 
loop_
_pdbx_audit_revision_group.ordinal 
_pdbx_audit_revision_group.revision_ordinal 
_pdbx_audit_revision_group.data_content_type 
_pdbx_audit_revision_group.group 
1 2 'Structure model' 'Version format compliance' 
2 3 'Structure model' 'Version format compliance' 
3 4 'Structure model' 'Data collection'           
4 4 'Structure model' 'Database references'       
5 4 'Structure model' Other                       
# 
loop_
_pdbx_audit_revision_category.ordinal 
_pdbx_audit_revision_category.revision_ordinal 
_pdbx_audit_revision_category.data_content_type 
_pdbx_audit_revision_category.category 
1 4 'Structure model' chem_comp_atom       
2 4 'Structure model' chem_comp_bond       
3 4 'Structure model' database_2           
4 4 'Structure model' pdbx_database_status 
# 
loop_
_pdbx_audit_revision_item.ordinal 
_pdbx_audit_revision_item.revision_ordinal 
_pdbx_audit_revision_item.data_content_type 
_pdbx_audit_revision_item.item 
1 4 'Structure model' '_database_2.pdbx_DOI'                
2 4 'Structure model' '_database_2.pdbx_database_accession' 
3 4 'Structure model' '_pdbx_database_status.process_site'  
# 
_pdbx_database_status.status_code                     REL 
_pdbx_database_status.entry_id                        1TIG 
_pdbx_database_status.recvd_initial_deposition_date   1995-08-16 
_pdbx_database_status.deposit_site                    ? 
_pdbx_database_status.process_site                    BNL 
_pdbx_database_status.SG_entry                        . 
_pdbx_database_status.status_code_sf                  ? 
_pdbx_database_status.status_code_mr                  ? 
_pdbx_database_status.pdb_format_compatible           Y 
_pdbx_database_status.status_code_cs                  ? 
_pdbx_database_status.status_code_nmr_data            ? 
_pdbx_database_status.methods_development_category    ? 
# 
_pdbx_database_related.db_name        PDB 
_pdbx_database_related.db_id          1TIF 
_pdbx_database_related.content_type   unspecified 
_pdbx_database_related.details        'N-TERMINAL DOMAIN OF IF3' 
# 
loop_
_audit_author.name 
_audit_author.pdbx_ordinal 
'Biou, V.'         1 
'Shu, F.'          2 
'Ramakrishnan, V.' 3 
# 
loop_
_citation.id 
_citation.title 
_citation.journal_abbrev 
_citation.journal_volume 
_citation.page_first 
_citation.page_last 
_citation.year 
_citation.journal_id_ASTM 
_citation.country 
_citation.journal_id_ISSN 
_citation.journal_id_CSD 
_citation.book_publisher 
_citation.pdbx_database_id_PubMed 
_citation.pdbx_database_id_DOI 
primary 
;X-ray crystallography shows that translational initiation factor IF3 consists of two compact alpha/beta domains linked by an alpha-helix.
;
'EMBO J.'    14 4056 4064 1995 EMJODG UK 0261-4189 0897 ? 7664745 ? 
1       'Prokaryotic Translation Initiation Factor If3 is an Elongated Protein Consisting of Two Crystallizable Domains' 
Biochemistry 34 6183 ?    1995 BICHAW US 0006-2960 0033 ? ?       ? 
# 
loop_
_citation_author.citation_id 
_citation_author.name 
_citation_author.ordinal 
_citation_author.identifier_ORCID 
primary 'Biou, V.'         1 ? 
primary 'Shu, F.'          2 ? 
primary 'Ramakrishnan, V.' 3 ? 
1       'Kycia, J.H.'      4 ? 
1       'Biou, V.'         5 ? 
1       'Shu, F.'          6 ? 
1       'Gerchman, S.E.'   7 ? 
1       'Graziano, V.'     8 ? 
1       'Ramakrishnan, V.' 9 ? 
# 
loop_
_entity.id 
_entity.type 
_entity.src_method 
_entity.pdbx_description 
_entity.formula_weight 
_entity.pdbx_number_of_molecules 
_entity.pdbx_ec 
_entity.pdbx_mutation 
_entity.pdbx_fragment 
_entity.details 
1 polymer man 'TRANSLATION INITIATION FACTOR 3' 10752.569 1  ? ? ? ? 
2 water   nat water                             18.015    40 ? ? ? ? 
# 
_entity_name_com.entity_id   1 
_entity_name_com.name        IF3-C 
# 
_entity_poly.entity_id                      1 
_entity_poly.type                           'polypeptide(L)' 
_entity_poly.nstd_linkage                   no 
_entity_poly.nstd_monomer                   no 
_entity_poly.pdbx_seq_one_letter_code       
;KQKVINVKEVRLSPTIEEHDFNTKLRNARKFLEKGDKVKATIRFKGRAITHKEIGQRVLDRLSEACADIAVVETAPKMDG
RNMFLVLAPKNDNK
;
_entity_poly.pdbx_seq_one_letter_code_can   
;KQKVINVKEVRLSPTIEEHDFNTKLRNARKFLEKGDKVKATIRFKGRAITHKEIGQRVLDRLSEACADIAVVETAPKMDG
RNMFLVLAPKNDNK
;
_entity_poly.pdbx_strand_id                 A 
_entity_poly.pdbx_target_identifier         ? 
# 
_pdbx_entity_nonpoly.entity_id   2 
_pdbx_entity_nonpoly.name        water 
_pdbx_entity_nonpoly.comp_id     HOH 
# 
loop_
_entity_poly_seq.entity_id 
_entity_poly_seq.num 
_entity_poly_seq.mon_id 
_entity_poly_seq.hetero 
1 1  LYS n 
1 2  GLN n 
1 3  LYS n 
1 4  VAL n 
1 5  ILE n 
1 6  ASN n 
1 7  VAL n 
1 8  LYS n 
1 9  GLU n 
1 10 VAL n 
1 11 ARG n 
1 12 LEU n 
1 13 SER n 
1 14 PRO n 
1 15 THR n 
1 16 ILE n 
1 17 GLU n 
1 18 GLU n 
1 19 HIS n 
1 20 ASP n 
1 21 PHE n 
1 22 ASN n 
1 23 THR n 
1 24 LYS n 
1 25 LEU n 
1 26 ARG n 
1 27 ASN n 
1 28 ALA n 
1 29 ARG n 
1 30 LYS n 
1 31 PHE n 
1 32 LEU n 
1 33 GLU n 
1 34 LYS n 
1 35 GLY n 
1 36 ASP n 
1 37 LYS n 
1 38 VAL n 
1 39 LYS n 
1 40 ALA n 
1 41 THR n 
1 42 ILE n 
1 43 ARG n 
1 44 PHE n 
1 45 LYS n 
1 46 GLY n 
1 47 ARG n 
1 48 ALA n 
1 49 ILE n 
1 50 THR n 
1 51 HIS n 
1 52 LYS n 
1 53 GLU n 
1 54 ILE n 
1 55 GLY n 
1 56 GLN n 
1 57 ARG n 
1 58 VAL n 
1 59 LEU n 
1 60 ASP n 
1 61 ARG n 
1 62 LEU n 
1 63 SER n 
1 64 GLU n 
1 65 ALA n 
1 66 CYS n 
1 67 ALA n 
1 68 ASP n 
1 69 ILE n 
1 70 ALA n 
1 71 VAL n 
1 72 VAL n 
1 73 GLU n 
1 74 THR n 
1 75 ALA n 
1 76 PRO n 
1 77 LYS n 
1 78 MET n 
1 79 ASP n 
1 80 GLY n 
1 81 ARG n 
1 82 ASN n 
1 83 MET n 
1 84 PHE n 
1 85 LEU n 
1 86 VAL n 
1 87 LEU n 
1 88 ALA n 
1 89 PRO n 
1 90 LYS n 
1 91 ASN n 
1 92 ASP n 
1 93 ASN n 
1 94 LYS n 
# 
_entity_src_gen.entity_id                          1 
_entity_src_gen.pdbx_src_id                        1 
_entity_src_gen.pdbx_alt_source_flag               sample 
_entity_src_gen.pdbx_seq_type                      ? 
_entity_src_gen.pdbx_beg_seq_num                   ? 
_entity_src_gen.pdbx_end_seq_num                   ? 
_entity_src_gen.gene_src_common_name               ? 
_entity_src_gen.gene_src_genus                     Geobacillus 
_entity_src_gen.pdbx_gene_src_gene                 T7 
_entity_src_gen.gene_src_species                   ? 
_entity_src_gen.gene_src_strain                    ? 
_entity_src_gen.gene_src_tissue                    ? 
_entity_src_gen.gene_src_tissue_fraction           ? 
_entity_src_gen.gene_src_details                   ? 
_entity_src_gen.pdbx_gene_src_fragment             ? 
_entity_src_gen.pdbx_gene_src_scientific_name      'Geobacillus stearothermophilus' 
_entity_src_gen.pdbx_gene_src_ncbi_taxonomy_id     1422 
_entity_src_gen.pdbx_gene_src_variant              ? 
_entity_src_gen.pdbx_gene_src_cell_line            B834 
_entity_src_gen.pdbx_gene_src_atcc                 ? 
_entity_src_gen.pdbx_gene_src_organ                ? 
_entity_src_gen.pdbx_gene_src_organelle            ? 
_entity_src_gen.pdbx_gene_src_cell                 ? 
_entity_src_gen.pdbx_gene_src_cellular_location    ? 
_entity_src_gen.host_org_common_name               ? 
_entity_src_gen.pdbx_host_org_scientific_name      'Escherichia coli' 
_entity_src_gen.pdbx_host_org_ncbi_taxonomy_id     562 
_entity_src_gen.host_org_genus                     Escherichia 
_entity_src_gen.pdbx_host_org_gene                 T7 
_entity_src_gen.pdbx_host_org_organ                ? 
_entity_src_gen.host_org_species                   ? 
_entity_src_gen.pdbx_host_org_tissue               ? 
_entity_src_gen.pdbx_host_org_tissue_fraction      ? 
_entity_src_gen.pdbx_host_org_strain               B834 
_entity_src_gen.pdbx_host_org_variant              ? 
_entity_src_gen.pdbx_host_org_cell_line            ? 
_entity_src_gen.pdbx_host_org_atcc                 ? 
_entity_src_gen.pdbx_host_org_culture_collection   ? 
_entity_src_gen.pdbx_host_org_cell                 ? 
_entity_src_gen.pdbx_host_org_organelle            ? 
_entity_src_gen.pdbx_host_org_cellular_location    ? 
_entity_src_gen.pdbx_host_org_vector_type          T7 
_entity_src_gen.pdbx_host_org_vector               ? 
_entity_src_gen.host_org_details                   ? 
_entity_src_gen.expression_system_id               ? 
_entity_src_gen.plasmid_name                       'T7 VECTOR PET13A' 
_entity_src_gen.plasmid_details                    ? 
_entity_src_gen.pdbx_description                   ? 
# 
loop_
_chem_comp.id 
_chem_comp.type 
_chem_comp.mon_nstd_flag 
_chem_comp.name 
_chem_comp.pdbx_synonyms 
_chem_comp.formula 
_chem_comp.formula_weight 
ALA 'L-peptide linking' y ALANINE         ? 'C3 H7 N O2'     89.093  
ARG 'L-peptide linking' y ARGININE        ? 'C6 H15 N4 O2 1' 175.209 
ASN 'L-peptide linking' y ASPARAGINE      ? 'C4 H8 N2 O3'    132.118 
ASP 'L-peptide linking' y 'ASPARTIC ACID' ? 'C4 H7 N O4'     133.103 
CYS 'L-peptide linking' y CYSTEINE        ? 'C3 H7 N O2 S'   121.158 
GLN 'L-peptide linking' y GLUTAMINE       ? 'C5 H10 N2 O3'   146.144 
GLU 'L-peptide linking' y 'GLUTAMIC ACID' ? 'C5 H9 N O4'     147.129 
GLY 'peptide linking'   y GLYCINE         ? 'C2 H5 N O2'     75.067  
HIS 'L-peptide linking' y HISTIDINE       ? 'C6 H10 N3 O2 1' 156.162 
HOH non-polymer         . WATER           ? 'H2 O'           18.015  
ILE 'L-peptide linking' y ISOLEUCINE      ? 'C6 H13 N O2'    131.173 
LEU 'L-peptide linking' y LEUCINE         ? 'C6 H13 N O2'    131.173 
LYS 'L-peptide linking' y LYSINE          ? 'C6 H15 N2 O2 1' 147.195 
MET 'L-peptide linking' y METHIONINE      ? 'C5 H11 N O2 S'  149.211 
PHE 'L-peptide linking' y PHENYLALANINE   ? 'C9 H11 N O2'    165.189 
PRO 'L-peptide linking' y PROLINE         ? 'C5 H9 N O2'     115.130 
SER 'L-peptide linking' y SERINE          ? 'C3 H7 N O3'     105.093 
THR 'L-peptide linking' y THREONINE       ? 'C4 H9 N O3'     119.119 
VAL 'L-peptide linking' y VALINE          ? 'C5 H11 N O2'    117.146 
# 
loop_
_pdbx_poly_seq_scheme.asym_id 
_pdbx_poly_seq_scheme.entity_id 
_pdbx_poly_seq_scheme.seq_id 
_pdbx_poly_seq_scheme.mon_id 
_pdbx_poly_seq_scheme.ndb_seq_num 
_pdbx_poly_seq_scheme.pdb_seq_num 
_pdbx_poly_seq_scheme.auth_seq_num 
_pdbx_poly_seq_scheme.pdb_mon_id 
_pdbx_poly_seq_scheme.auth_mon_id 
_pdbx_poly_seq_scheme.pdb_strand_id 
_pdbx_poly_seq_scheme.pdb_ins_code 
_pdbx_poly_seq_scheme.hetero 
A 1 1  LYS 1  79  ?   ?   ?   A . n 
A 1 2  GLN 2  80  ?   ?   ?   A . n 
A 1 3  LYS 3  81  ?   ?   ?   A . n 
A 1 4  VAL 4  82  ?   ?   ?   A . n 
A 1 5  ILE 5  83  83  ILE ILE A . n 
A 1 6  ASN 6  84  84  ASN ASN A . n 
A 1 7  VAL 7  85  85  VAL VAL A . n 
A 1 8  LYS 8  86  86  LYS LYS A . n 
A 1 9  GLU 9  87  87  GLU GLU A . n 
A 1 10 VAL 10 88  88  VAL VAL A . n 
A 1 11 ARG 11 89  89  ARG ARG A . n 
A 1 12 LEU 12 90  90  LEU LEU A . n 
A 1 13 SER 13 91  91  SER SER A . n 
A 1 14 PRO 14 92  92  PRO PRO A . n 
A 1 15 THR 15 93  93  THR THR A . n 
A 1 16 ILE 16 94  94  ILE ILE A . n 
A 1 17 GLU 17 95  95  GLU GLU A . n 
A 1 18 GLU 18 96  96  GLU GLU A . n 
A 1 19 HIS 19 97  97  HIS HIS A . n 
A 1 20 ASP 20 98  98  ASP ASP A . n 
A 1 21 PHE 21 99  99  PHE PHE A . n 
A 1 22 ASN 22 100 100 ASN ASN A . n 
A 1 23 THR 23 101 101 THR THR A . n 
A 1 24 LYS 24 102 102 LYS LYS A . n 
A 1 25 LEU 25 103 103 LEU LEU A . n 
A 1 26 ARG 26 104 104 ARG ARG A . n 
A 1 27 ASN 27 105 105 ASN ASN A . n 
A 1 28 ALA 28 106 106 ALA ALA A . n 
A 1 29 ARG 29 107 107 ARG ARG A . n 
A 1 30 LYS 30 108 108 LYS LYS A . n 
A 1 31 PHE 31 109 109 PHE PHE A . n 
A 1 32 LEU 32 110 110 LEU LEU A . n 
A 1 33 GLU 33 111 111 GLU GLU A . n 
A 1 34 LYS 34 112 112 LYS LYS A . n 
A 1 35 GLY 35 113 113 GLY GLY A . n 
A 1 36 ASP 36 114 114 ASP ASP A . n 
A 1 37 LYS 37 115 115 LYS LYS A . n 
A 1 38 VAL 38 116 116 VAL VAL A . n 
A 1 39 LYS 39 117 117 LYS LYS A . n 
A 1 40 ALA 40 118 118 ALA ALA A . n 
A 1 41 THR 41 119 119 THR THR A . n 
A 1 42 ILE 42 120 120 ILE ILE A . n 
A 1 43 ARG 43 121 121 ARG ARG A . n 
A 1 44 PHE 44 122 122 PHE PHE A . n 
A 1 45 LYS 45 123 123 LYS LYS A . n 
A 1 46 GLY 46 124 124 GLY GLY A . n 
A 1 47 ARG 47 125 125 ARG ARG A . n 
A 1 48 ALA 48 126 126 ALA ALA A . n 
A 1 49 ILE 49 127 127 ILE ILE A . n 
A 1 50 THR 50 128 128 THR THR A . n 
A 1 51 HIS 51 129 129 HIS HIS A . n 
A 1 52 LYS 52 130 130 LYS LYS A . n 
A 1 53 GLU 53 131 131 GLU GLU A . n 
A 1 54 ILE 54 132 132 ILE ILE A . n 
A 1 55 GLY 55 133 133 GLY GLY A . n 
A 1 56 GLN 56 134 134 GLN GLN A . n 
A 1 57 ARG 57 135 135 ARG ARG A . n 
A 1 58 VAL 58 136 136 VAL VAL A . n 
A 1 59 LEU 59 137 137 LEU LEU A . n 
A 1 60 ASP 60 138 138 ASP ASP A . n 
A 1 61 ARG 61 139 139 ARG ARG A . n 
A 1 62 LEU 62 140 140 LEU LEU A . n 
A 1 63 SER 63 141 141 SER SER A . n 
A 1 64 GLU 64 142 142 GLU GLU A . n 
A 1 65 ALA 65 143 143 ALA ALA A . n 
A 1 66 CYS 66 144 144 CYS CYS A . n 
A 1 67 ALA 67 145 145 ALA ALA A . n 
A 1 68 ASP 68 146 146 ASP ASP A . n 
A 1 69 ILE 69 147 147 ILE ILE A . n 
A 1 70 ALA 70 148 148 ALA ALA A . n 
A 1 71 VAL 71 149 149 VAL VAL A . n 
A 1 72 VAL 72 150 150 VAL VAL A . n 
A 1 73 GLU 73 151 151 GLU GLU A . n 
A 1 74 THR 74 152 152 THR THR A . n 
A 1 75 ALA 75 153 153 ALA ALA A . n 
A 1 76 PRO 76 154 154 PRO PRO A . n 
A 1 77 LYS 77 155 155 LYS LYS A . n 
A 1 78 MET 78 156 156 MET MET A . n 
A 1 79 ASP 79 157 157 ASP ASP A . n 
A 1 80 GLY 80 158 158 GLY GLY A . n 
A 1 81 ARG 81 159 159 ARG ARG A . n 
A 1 82 ASN 82 160 160 ASN ASN A . n 
A 1 83 MET 83 161 161 MET MET A . n 
A 1 84 PHE 84 162 162 PHE PHE A . n 
A 1 85 LEU 85 163 163 LEU LEU A . n 
A 1 86 VAL 86 164 164 VAL VAL A . n 
A 1 87 LEU 87 165 165 LEU LEU A . n 
A 1 88 ALA 88 166 166 ALA ALA A . n 
A 1 89 PRO 89 167 167 PRO PRO A . n 
A 1 90 LYS 90 168 168 LYS LYS A . n 
A 1 91 ASN 91 169 169 ASN ASN A . n 
A 1 92 ASP 92 170 170 ASP ASP A . n 
A 1 93 ASN 93 171 ?   ?   ?   A . n 
A 1 94 LYS 94 172 ?   ?   ?   A . n 
# 
loop_
_pdbx_nonpoly_scheme.asym_id 
_pdbx_nonpoly_scheme.entity_id 
_pdbx_nonpoly_scheme.mon_id 
_pdbx_nonpoly_scheme.ndb_seq_num 
_pdbx_nonpoly_scheme.pdb_seq_num 
_pdbx_nonpoly_scheme.auth_seq_num 
_pdbx_nonpoly_scheme.pdb_mon_id 
_pdbx_nonpoly_scheme.auth_mon_id 
_pdbx_nonpoly_scheme.pdb_strand_id 
_pdbx_nonpoly_scheme.pdb_ins_code 
B 2 HOH 1  178 178 HOH HOH A . 
B 2 HOH 2  182 182 HOH HOH A . 
B 2 HOH 3  183 183 HOH HOH A . 
B 2 HOH 4  184 184 HOH HOH A . 
B 2 HOH 5  187 187 HOH HOH A . 
B 2 HOH 6  188 188 HOH HOH A . 
B 2 HOH 7  189 189 HOH HOH A . 
B 2 HOH 8  192 192 HOH HOH A . 
B 2 HOH 9  194 194 HOH HOH A . 
B 2 HOH 10 201 201 HOH HOH A . 
B 2 HOH 11 207 207 HOH HOH A . 
B 2 HOH 12 208 208 HOH HOH A . 
B 2 HOH 13 209 209 HOH HOH A . 
B 2 HOH 14 210 210 HOH HOH A . 
B 2 HOH 15 211 211 HOH HOH A . 
B 2 HOH 16 212 212 HOH HOH A . 
B 2 HOH 17 213 213 HOH HOH A . 
B 2 HOH 18 214 214 HOH HOH A . 
B 2 HOH 19 215 215 HOH HOH A . 
B 2 HOH 20 216 216 HOH HOH A . 
B 2 HOH 21 218 218 HOH HOH A . 
B 2 HOH 22 219 219 HOH HOH A . 
B 2 HOH 23 220 220 HOH HOH A . 
B 2 HOH 24 221 221 HOH HOH A . 
B 2 HOH 25 222 222 HOH HOH A . 
B 2 HOH 26 223 223 HOH HOH A . 
B 2 HOH 27 224 224 HOH HOH A . 
B 2 HOH 28 225 225 HOH HOH A . 
B 2 HOH 29 226 226 HOH HOH A . 
B 2 HOH 30 227 227 HOH HOH A . 
B 2 HOH 31 228 228 HOH HOH A . 
B 2 HOH 32 229 229 HOH HOH A . 
B 2 HOH 33 230 230 HOH HOH A . 
B 2 HOH 34 232 232 HOH HOH A . 
B 2 HOH 35 233 233 HOH HOH A . 
B 2 HOH 36 234 234 HOH HOH A . 
B 2 HOH 37 235 235 HOH HOH A . 
B 2 HOH 38 236 236 HOH HOH A . 
B 2 HOH 39 237 237 HOH HOH A . 
B 2 HOH 40 238 238 HOH HOH A . 
# 
loop_
_software.name 
_software.classification 
_software.version 
_software.citation_id 
_software.pdbx_ordinal 
X-PLOR 'model building' . ? 1 
X-PLOR refinement       . ? 2 
MOSFLM 'data reduction' . ? 3 
X-PLOR phasing          . ? 4 
# 
_cell.entry_id           1TIG 
_cell.length_a           72.500 
_cell.length_b           30.200 
_cell.length_c           43.400 
_cell.angle_alpha        90.00 
_cell.angle_beta         100.11 
_cell.angle_gamma        90.00 
_cell.Z_PDB              4 
_cell.pdbx_unique_axis   ? 
_cell.length_a_esd       ? 
_cell.length_b_esd       ? 
_cell.length_c_esd       ? 
_cell.angle_alpha_esd    ? 
_cell.angle_beta_esd     ? 
_cell.angle_gamma_esd    ? 
# 
_symmetry.entry_id                         1TIG 
_symmetry.space_group_name_H-M             'C 1 2 1' 
_symmetry.pdbx_full_space_group_name_H-M   ? 
_symmetry.cell_setting                     ? 
_symmetry.Int_Tables_number                5 
_symmetry.space_group_name_Hall            ? 
# 
_exptl.entry_id          1TIG 
_exptl.method            'X-RAY DIFFRACTION' 
_exptl.crystals_number   ? 
# 
_exptl_crystal.id                    1 
_exptl_crystal.density_meas          ? 
_exptl_crystal.density_Matthews      2.17 
_exptl_crystal.density_percent_sol   43.43 
_exptl_crystal.description           
;THREE EXPERIMENTS WERE CONDUCTED USING MAD DATA COLLECTED
AT THREE WAVELENGTHS ON TWO SELENOMETHIONINE CRYSTALS,
USING INVERSE BEAM GEOMETRY:

WAVELENGTH   DATA REDUNDANCY   MERGING R VALUE
 0.9802        3.8 (2.9)         4.2 (9.0)
 0.9795        3.8 (3.)          4.4 (10.9)
 0.930         3.9 (3.9)         4.8 (13.6)
;
_exptl_crystal.F_000                 ? 
_exptl_crystal.preparation           ? 
# 
_diffrn.id                     1 
_diffrn.ambient_temp           ? 
_diffrn.ambient_temp_details   ? 
_diffrn.crystal_id             1 
# 
_diffrn_detector.diffrn_id              1 
_diffrn_detector.detector               'IMAGE PLATE AREA DETECTOR' 
_diffrn_detector.type                   MARRESEARCH 
_diffrn_detector.pdbx_collection_date   1994-03 
_diffrn_detector.details                ? 
# 
_diffrn_radiation.diffrn_id                        1 
_diffrn_radiation.wavelength_id                    1 
_diffrn_radiation.pdbx_monochromatic_or_laue_m_l   M 
_diffrn_radiation.monochromator                    ? 
_diffrn_radiation.pdbx_diffrn_protocol             ? 
_diffrn_radiation.pdbx_scattering_type             x-ray 
# 
loop_
_diffrn_radiation_wavelength.id 
_diffrn_radiation_wavelength.wavelength 
_diffrn_radiation_wavelength.wt 
1 1.00   1.0 
2 0.9802 1.0 
3 0.9795 1.0 
4 0.930  1.0 
# 
_diffrn_source.diffrn_id                   1 
_diffrn_source.source                      SYNCHROTRON 
_diffrn_source.type                        'NSLS BEAMLINE X12C' 
_diffrn_source.pdbx_synchrotron_site       NSLS 
_diffrn_source.pdbx_synchrotron_beamline   X12C 
_diffrn_source.pdbx_wavelength             ? 
_diffrn_source.pdbx_wavelength_list        1.00,0.9802,0.9795,0.930 
# 
_reflns.entry_id                     1TIG 
_reflns.observed_criterion_sigma_I   ? 
_reflns.observed_criterion_sigma_F   ? 
_reflns.d_resolution_low             ? 
_reflns.d_resolution_high            ? 
_reflns.number_obs                   6402 
_reflns.number_all                   ? 
_reflns.percent_possible_obs         99.9 
_reflns.pdbx_Rmerge_I_obs            0.042 
_reflns.pdbx_Rsym_value              ? 
_reflns.pdbx_netI_over_sigmaI        ? 
_reflns.B_iso_Wilson_estimate        ? 
_reflns.pdbx_redundancy              2.9 
_reflns.R_free_details               ? 
_reflns.limit_h_max                  ? 
_reflns.limit_h_min                  ? 
_reflns.limit_k_max                  ? 
_reflns.limit_k_min                  ? 
_reflns.limit_l_max                  ? 
_reflns.limit_l_min                  ? 
_reflns.observed_criterion_F_max     ? 
_reflns.observed_criterion_F_min     ? 
_reflns.pdbx_chi_squared             ? 
_reflns.pdbx_scaling_rejects         ? 
_reflns.pdbx_diffrn_id               1 
_reflns.pdbx_ordinal                 1 
# 
_refine.entry_id                                 1TIG 
_refine.ls_number_reflns_obs                     6046 
_refine.ls_number_reflns_all                     ? 
_refine.pdbx_ls_sigma_I                          ? 
_refine.pdbx_ls_sigma_F                          0. 
_refine.pdbx_data_cutoff_high_absF               ? 
_refine.pdbx_data_cutoff_low_absF                ? 
_refine.pdbx_data_cutoff_high_rms_absF           ? 
_refine.ls_d_res_low                             6. 
_refine.ls_d_res_high                            2.0 
_refine.ls_percent_reflns_obs                    ? 
_refine.ls_R_factor_obs                          0.207 
_refine.ls_R_factor_all                          ? 
_refine.ls_R_factor_R_work                       0.207 
_refine.ls_R_factor_R_free                       0.274 
_refine.ls_R_factor_R_free_error                 ? 
_refine.ls_R_factor_R_free_error_details         ? 
_refine.ls_percent_reflns_R_free                 ? 
_refine.ls_number_reflns_R_free                  ? 
_refine.ls_number_parameters                     ? 
_refine.ls_number_restraints                     ? 
_refine.occupancy_min                            ? 
_refine.occupancy_max                            ? 
_refine.B_iso_mean                               20.3 
_refine.aniso_B[1][1]                            ? 
_refine.aniso_B[2][2]                            ? 
_refine.aniso_B[3][3]                            ? 
_refine.aniso_B[1][2]                            ? 
_refine.aniso_B[1][3]                            ? 
_refine.aniso_B[2][3]                            ? 
_refine.solvent_model_details                    ? 
_refine.solvent_model_param_ksol                 ? 
_refine.solvent_model_param_bsol                 ? 
_refine.pdbx_ls_cross_valid_method               ? 
_refine.details                                  ? 
_refine.pdbx_starting_model                      ? 
_refine.pdbx_method_to_determine_struct          ? 
_refine.pdbx_isotropic_thermal_model             ? 
_refine.pdbx_stereochemistry_target_values       ? 
_refine.pdbx_stereochem_target_val_spec_case     ? 
_refine.pdbx_R_Free_selection_details            ? 
_refine.pdbx_overall_ESU_R                       ? 
_refine.pdbx_overall_ESU_R_Free                  ? 
_refine.overall_SU_ML                            ? 
_refine.overall_SU_B                             ? 
_refine.pdbx_refine_id                           'X-RAY DIFFRACTION' 
_refine.ls_redundancy_reflns_obs                 ? 
_refine.pdbx_overall_phase_error                 ? 
_refine.B_iso_min                                ? 
_refine.B_iso_max                                ? 
_refine.correlation_coeff_Fo_to_Fc               ? 
_refine.correlation_coeff_Fo_to_Fc_free          ? 
_refine.pdbx_solvent_vdw_probe_radii             ? 
_refine.pdbx_solvent_ion_probe_radii             ? 
_refine.pdbx_solvent_shrinkage_radii             ? 
_refine.overall_SU_R_Cruickshank_DPI             ? 
_refine.overall_SU_R_free                        ? 
_refine.ls_wR_factor_R_free                      ? 
_refine.ls_wR_factor_R_work                      ? 
_refine.overall_FOM_free_R_set                   ? 
_refine.overall_FOM_work_R_set                   ? 
_refine.pdbx_diffrn_id                           1 
_refine.pdbx_TLS_residual_ADP_flag               ? 
_refine.pdbx_overall_SU_R_free_Cruickshank_DPI   ? 
_refine.pdbx_overall_SU_R_Blow_DPI               ? 
_refine.pdbx_overall_SU_R_free_Blow_DPI          ? 
# 
_refine_hist.pdbx_refine_id                   'X-RAY DIFFRACTION' 
_refine_hist.cycle_id                         LAST 
_refine_hist.pdbx_number_atoms_protein        882 
_refine_hist.pdbx_number_atoms_nucleic_acid   0 
_refine_hist.pdbx_number_atoms_ligand         0 
_refine_hist.number_atoms_solvent             120 
_refine_hist.number_atoms_total               1002 
_refine_hist.d_res_high                       2.0 
_refine_hist.d_res_low                        6. 
# 
loop_
_refine_ls_restr.type 
_refine_ls_restr.dev_ideal 
_refine_ls_restr.dev_ideal_target 
_refine_ls_restr.weight 
_refine_ls_restr.number 
_refine_ls_restr.pdbx_refine_id 
_refine_ls_restr.pdbx_restraint_function 
x_bond_d                0.011 ? ? ? 'X-RAY DIFFRACTION' ? 
x_bond_d_na             ?     ? ? ? 'X-RAY DIFFRACTION' ? 
x_bond_d_prot           ?     ? ? ? 'X-RAY DIFFRACTION' ? 
x_angle_d               ?     ? ? ? 'X-RAY DIFFRACTION' ? 
x_angle_d_na            ?     ? ? ? 'X-RAY DIFFRACTION' ? 
x_angle_d_prot          ?     ? ? ? 'X-RAY DIFFRACTION' ? 
x_angle_deg             1.612 ? ? ? 'X-RAY DIFFRACTION' ? 
x_angle_deg_na          ?     ? ? ? 'X-RAY DIFFRACTION' ? 
x_angle_deg_prot        ?     ? ? ? 'X-RAY DIFFRACTION' ? 
x_dihedral_angle_d      ?     ? ? ? 'X-RAY DIFFRACTION' ? 
x_dihedral_angle_d_na   ?     ? ? ? 'X-RAY DIFFRACTION' ? 
x_dihedral_angle_d_prot ?     ? ? ? 'X-RAY DIFFRACTION' ? 
x_improper_angle_d      ?     ? ? ? 'X-RAY DIFFRACTION' ? 
x_improper_angle_d_na   ?     ? ? ? 'X-RAY DIFFRACTION' ? 
x_improper_angle_d_prot ?     ? ? ? 'X-RAY DIFFRACTION' ? 
x_mcbond_it             ?     ? ? ? 'X-RAY DIFFRACTION' ? 
x_mcangle_it            ?     ? ? ? 'X-RAY DIFFRACTION' ? 
x_scbond_it             ?     ? ? ? 'X-RAY DIFFRACTION' ? 
x_scangle_it            ?     ? ? ? 'X-RAY DIFFRACTION' ? 
# 
_struct.entry_id                  1TIG 
_struct.title                     'TRANSLATION INITIATION FACTOR 3 C-TERMINAL DOMAIN' 
_struct.pdbx_model_details        ? 
_struct.pdbx_CASP_flag            ? 
_struct.pdbx_model_type_details   ? 
# 
_struct_keywords.entry_id        1TIG 
_struct_keywords.pdbx_keywords   'RIBOSOME BINDING FACTOR' 
_struct_keywords.text            'IF3 C-TERMINAL DOMAIN, RIBOSOME BINDING FACTOR' 
# 
loop_
_struct_asym.id 
_struct_asym.pdbx_blank_PDB_chainid_flag 
_struct_asym.pdbx_modified 
_struct_asym.entity_id 
_struct_asym.details 
A N N 1 ? 
B N N 2 ? 
# 
_struct_ref.id                         1 
_struct_ref.db_name                    UNP 
_struct_ref.db_code                    IF3_BACST 
_struct_ref.entity_id                  1 
_struct_ref.pdbx_db_accession          P03000 
_struct_ref.pdbx_align_begin           1 
_struct_ref.pdbx_seq_one_letter_code   
;SKDFIINEQIRAREVRLIDQNGDQLGIKSKQEALEIAARRNLDLVLVAPNAKPPVCRIMDYGKFRFEQQKKEKEARKKQK
VINVKEVRLSPTIEEHDFNTKLRNARKFLEKGDKVKATIRFKGRAITHKEIGQRVLDRLSEACADIAVVETAPKMDGRNM
FLVLAPKNDNK
;
_struct_ref.pdbx_db_isoform            ? 
# 
_struct_ref_seq.align_id                      1 
_struct_ref_seq.ref_id                        1 
_struct_ref_seq.pdbx_PDB_id_code              1TIG 
_struct_ref_seq.pdbx_strand_id                A 
_struct_ref_seq.seq_align_beg                 1 
_struct_ref_seq.pdbx_seq_align_beg_ins_code   ? 
_struct_ref_seq.seq_align_end                 94 
_struct_ref_seq.pdbx_seq_align_end_ins_code   ? 
_struct_ref_seq.pdbx_db_accession             P03000 
_struct_ref_seq.db_align_beg                  78 
_struct_ref_seq.pdbx_db_align_beg_ins_code    ? 
_struct_ref_seq.db_align_end                  171 
_struct_ref_seq.pdbx_db_align_end_ins_code    ? 
_struct_ref_seq.pdbx_auth_seq_align_beg       79 
_struct_ref_seq.pdbx_auth_seq_align_end       172 
# 
_pdbx_struct_assembly.id                   1 
_pdbx_struct_assembly.details              author_defined_assembly 
_pdbx_struct_assembly.method_details       ? 
_pdbx_struct_assembly.oligomeric_details   monomeric 
_pdbx_struct_assembly.oligomeric_count     1 
# 
_pdbx_struct_assembly_gen.assembly_id       1 
_pdbx_struct_assembly_gen.oper_expression   1 
_pdbx_struct_assembly_gen.asym_id_list      A,B 
# 
_pdbx_struct_oper_list.id                   1 
_pdbx_struct_oper_list.type                 'identity operation' 
_pdbx_struct_oper_list.name                 1_555 
_pdbx_struct_oper_list.symmetry_operation   x,y,z 
_pdbx_struct_oper_list.matrix[1][1]         1.0000000000 
_pdbx_struct_oper_list.matrix[1][2]         0.0000000000 
_pdbx_struct_oper_list.matrix[1][3]         0.0000000000 
_pdbx_struct_oper_list.vector[1]            0.0000000000 
_pdbx_struct_oper_list.matrix[2][1]         0.0000000000 
_pdbx_struct_oper_list.matrix[2][2]         1.0000000000 
_pdbx_struct_oper_list.matrix[2][3]         0.0000000000 
_pdbx_struct_oper_list.vector[2]            0.0000000000 
_pdbx_struct_oper_list.matrix[3][1]         0.0000000000 
_pdbx_struct_oper_list.matrix[3][2]         0.0000000000 
_pdbx_struct_oper_list.matrix[3][3]         1.0000000000 
_pdbx_struct_oper_list.vector[3]            0.0000000000 
# 
_struct_biol.id        1 
_struct_biol.details   ? 
# 
loop_
_struct_conf.conf_type_id 
_struct_conf.id 
_struct_conf.pdbx_PDB_helix_id 
_struct_conf.beg_label_comp_id 
_struct_conf.beg_label_asym_id 
_struct_conf.beg_label_seq_id 
_struct_conf.pdbx_beg_PDB_ins_code 
_struct_conf.end_label_comp_id 
_struct_conf.end_label_asym_id 
_struct_conf.end_label_seq_id 
_struct_conf.pdbx_end_PDB_ins_code 
_struct_conf.beg_auth_comp_id 
_struct_conf.beg_auth_asym_id 
_struct_conf.beg_auth_seq_id 
_struct_conf.end_auth_comp_id 
_struct_conf.end_auth_asym_id 
_struct_conf.end_auth_seq_id 
_struct_conf.pdbx_PDB_helix_class 
_struct_conf.details 
_struct_conf.pdbx_PDB_helix_length 
HELX_P HELX_P1 1 GLU A 18 ? GLU A 33 ? GLU A 96  GLU A 111 1 ? 16 
HELX_P HELX_P2 2 HIS A 51 ? ALA A 65 ? HIS A 129 ALA A 143 1 ? 15 
# 
_struct_conf_type.id          HELX_P 
_struct_conf_type.criteria    ? 
_struct_conf_type.reference   ? 
# 
_struct_sheet.id               A 
_struct_sheet.type             ? 
_struct_sheet.number_strands   4 
_struct_sheet.details          ? 
# 
loop_
_struct_sheet_order.sheet_id 
_struct_sheet_order.range_id_1 
_struct_sheet_order.range_id_2 
_struct_sheet_order.offset 
_struct_sheet_order.sense 
A 1 2 ? parallel      
A 2 3 ? anti-parallel 
A 3 4 ? anti-parallel 
# 
loop_
_struct_sheet_range.sheet_id 
_struct_sheet_range.id 
_struct_sheet_range.beg_label_comp_id 
_struct_sheet_range.beg_label_asym_id 
_struct_sheet_range.beg_label_seq_id 
_struct_sheet_range.pdbx_beg_PDB_ins_code 
_struct_sheet_range.end_label_comp_id 
_struct_sheet_range.end_label_asym_id 
_struct_sheet_range.end_label_seq_id 
_struct_sheet_range.pdbx_end_PDB_ins_code 
_struct_sheet_range.beg_auth_comp_id 
_struct_sheet_range.beg_auth_asym_id 
_struct_sheet_range.beg_auth_seq_id 
_struct_sheet_range.end_auth_comp_id 
_struct_sheet_range.end_auth_asym_id 
_struct_sheet_range.end_auth_seq_id 
A 1 VAL A 7  ? LEU A 12 ? VAL A 85  LEU A 90  
A 2 LYS A 37 ? ARG A 43 ? LYS A 115 ARG A 121 
A 3 ASN A 82 ? PRO A 89 ? ASN A 160 PRO A 167 
A 4 ALA A 70 ? THR A 74 ? ALA A 148 THR A 152 
# 
loop_
_pdbx_struct_sheet_hbond.sheet_id 
_pdbx_struct_sheet_hbond.range_id_1 
_pdbx_struct_sheet_hbond.range_id_2 
_pdbx_struct_sheet_hbond.range_1_label_atom_id 
_pdbx_struct_sheet_hbond.range_1_label_comp_id 
_pdbx_struct_sheet_hbond.range_1_label_asym_id 
_pdbx_struct_sheet_hbond.range_1_label_seq_id 
_pdbx_struct_sheet_hbond.range_1_PDB_ins_code 
_pdbx_struct_sheet_hbond.range_1_auth_atom_id 
_pdbx_struct_sheet_hbond.range_1_auth_comp_id 
_pdbx_struct_sheet_hbond.range_1_auth_asym_id 
_pdbx_struct_sheet_hbond.range_1_auth_seq_id 
_pdbx_struct_sheet_hbond.range_2_label_atom_id 
_pdbx_struct_sheet_hbond.range_2_label_comp_id 
_pdbx_struct_sheet_hbond.range_2_label_asym_id 
_pdbx_struct_sheet_hbond.range_2_label_seq_id 
_pdbx_struct_sheet_hbond.range_2_PDB_ins_code 
_pdbx_struct_sheet_hbond.range_2_auth_atom_id 
_pdbx_struct_sheet_hbond.range_2_auth_comp_id 
_pdbx_struct_sheet_hbond.range_2_auth_asym_id 
_pdbx_struct_sheet_hbond.range_2_auth_seq_id 
A 1 2 O LYS A 8  ? O LYS A 86  N LYS A 37 ? N LYS A 115 
A 2 3 O VAL A 38 ? O VAL A 116 N LEU A 87 ? N LEU A 165 
A 3 4 O VAL A 86 ? O VAL A 164 N THR A 74 ? N THR A 152 
# 
loop_
_pdbx_validate_close_contact.id 
_pdbx_validate_close_contact.PDB_model_num 
_pdbx_validate_close_contact.auth_atom_id_1 
_pdbx_validate_close_contact.auth_asym_id_1 
_pdbx_validate_close_contact.auth_comp_id_1 
_pdbx_validate_close_contact.auth_seq_id_1 
_pdbx_validate_close_contact.PDB_ins_code_1 
_pdbx_validate_close_contact.label_alt_id_1 
_pdbx_validate_close_contact.auth_atom_id_2 
_pdbx_validate_close_contact.auth_asym_id_2 
_pdbx_validate_close_contact.auth_comp_id_2 
_pdbx_validate_close_contact.auth_seq_id_2 
_pdbx_validate_close_contact.PDB_ins_code_2 
_pdbx_validate_close_contact.label_alt_id_2 
_pdbx_validate_close_contact.dist 
1 1 HH12 A ARG 159 ? ? H1 A HOH 224 ? ? 1.01 
2 1 H    A VAL 150 ? ? H1 A HOH 221 ? ? 1.23 
3 1 H1   A HOH 210 ? ? H1 A HOH 211 ? ? 1.30 
4 1 H    A GLU 96  ? ? H2 A HOH 178 ? ? 1.30 
# 
loop_
_pdbx_validate_planes.id 
_pdbx_validate_planes.PDB_model_num 
_pdbx_validate_planes.auth_comp_id 
_pdbx_validate_planes.auth_asym_id 
_pdbx_validate_planes.auth_seq_id 
_pdbx_validate_planes.PDB_ins_code 
_pdbx_validate_planes.label_alt_id 
_pdbx_validate_planes.rmsd 
_pdbx_validate_planes.type 
1 1 ARG A 135 ? ? 0.086 'SIDE CHAIN' 
2 1 ARG A 159 ? ? 0.093 'SIDE CHAIN' 
# 
_pdbx_entry_details.entry_id                 1TIG 
_pdbx_entry_details.compound_details         ? 
_pdbx_entry_details.source_details           ? 
_pdbx_entry_details.nonpolymer_details       
;NOTE THAT SOME SOLVENT MOLECULES HAVE AN OCCUPANCY
GREATER THAN 1.0.  IF IT IS SIGNIFICANTLY GREATER THAN 1.0
THEY COULD, IN FACT, BE OTHER IONS.
;
_pdbx_entry_details.sequence_details         ? 
_pdbx_entry_details.has_ligand_of_interest   ? 
# 
loop_
_pdbx_unobs_or_zero_occ_residues.id 
_pdbx_unobs_or_zero_occ_residues.PDB_model_num 
_pdbx_unobs_or_zero_occ_residues.polymer_flag 
_pdbx_unobs_or_zero_occ_residues.occupancy_flag 
_pdbx_unobs_or_zero_occ_residues.auth_asym_id 
_pdbx_unobs_or_zero_occ_residues.auth_comp_id 
_pdbx_unobs_or_zero_occ_residues.auth_seq_id 
_pdbx_unobs_or_zero_occ_residues.PDB_ins_code 
_pdbx_unobs_or_zero_occ_residues.label_asym_id 
_pdbx_unobs_or_zero_occ_residues.label_comp_id 
_pdbx_unobs_or_zero_occ_residues.label_seq_id 
1 1 Y 1 A LYS 79  ? A LYS 1  
2 1 Y 1 A GLN 80  ? A GLN 2  
3 1 Y 1 A LYS 81  ? A LYS 3  
4 1 Y 1 A VAL 82  ? A VAL 4  
5 1 Y 1 A ASN 171 ? A ASN 93 
6 1 Y 1 A LYS 172 ? A LYS 94 
# 
loop_
_chem_comp_atom.comp_id 
_chem_comp_atom.atom_id 
_chem_comp_atom.type_symbol 
_chem_comp_atom.pdbx_aromatic_flag 
_chem_comp_atom.pdbx_stereo_config 
_chem_comp_atom.pdbx_ordinal 
ALA N    N N N 1   
ALA CA   C N S 2   
ALA C    C N N 3   
ALA O    O N N 4   
ALA CB   C N N 5   
ALA OXT  O N N 6   
ALA H    H N N 7   
ALA H2   H N N 8   
ALA HA   H N N 9   
ALA HB1  H N N 10  
ALA HB2  H N N 11  
ALA HB3  H N N 12  
ALA HXT  H N N 13  
ARG N    N N N 14  
ARG CA   C N S 15  
ARG C    C N N 16  
ARG O    O N N 17  
ARG CB   C N N 18  
ARG CG   C N N 19  
ARG CD   C N N 20  
ARG NE   N N N 21  
ARG CZ   C N N 22  
ARG NH1  N N N 23  
ARG NH2  N N N 24  
ARG OXT  O N N 25  
ARG H    H N N 26  
ARG H2   H N N 27  
ARG HA   H N N 28  
ARG HB2  H N N 29  
ARG HB3  H N N 30  
ARG HG2  H N N 31  
ARG HG3  H N N 32  
ARG HD2  H N N 33  
ARG HD3  H N N 34  
ARG HE   H N N 35  
ARG HH11 H N N 36  
ARG HH12 H N N 37  
ARG HH21 H N N 38  
ARG HH22 H N N 39  
ARG HXT  H N N 40  
ASN N    N N N 41  
ASN CA   C N S 42  
ASN C    C N N 43  
ASN O    O N N 44  
ASN CB   C N N 45  
ASN CG   C N N 46  
ASN OD1  O N N 47  
ASN ND2  N N N 48  
ASN OXT  O N N 49  
ASN H    H N N 50  
ASN H2   H N N 51  
ASN HA   H N N 52  
ASN HB2  H N N 53  
ASN HB3  H N N 54  
ASN HD21 H N N 55  
ASN HD22 H N N 56  
ASN HXT  H N N 57  
ASP N    N N N 58  
ASP CA   C N S 59  
ASP C    C N N 60  
ASP O    O N N 61  
ASP CB   C N N 62  
ASP CG   C N N 63  
ASP OD1  O N N 64  
ASP OD2  O N N 65  
ASP OXT  O N N 66  
ASP H    H N N 67  
ASP H2   H N N 68  
ASP HA   H N N 69  
ASP HB2  H N N 70  
ASP HB3  H N N 71  
ASP HD2  H N N 72  
ASP HXT  H N N 73  
CYS N    N N N 74  
CYS CA   C N R 75  
CYS C    C N N 76  
CYS O    O N N 77  
CYS CB   C N N 78  
CYS SG   S N N 79  
CYS OXT  O N N 80  
CYS H    H N N 81  
CYS H2   H N N 82  
CYS HA   H N N 83  
CYS HB2  H N N 84  
CYS HB3  H N N 85  
CYS HG   H N N 86  
CYS HXT  H N N 87  
GLN N    N N N 88  
GLN CA   C N S 89  
GLN C    C N N 90  
GLN O    O N N 91  
GLN CB   C N N 92  
GLN CG   C N N 93  
GLN CD   C N N 94  
GLN OE1  O N N 95  
GLN NE2  N N N 96  
GLN OXT  O N N 97  
GLN H    H N N 98  
GLN H2   H N N 99  
GLN HA   H N N 100 
GLN HB2  H N N 101 
GLN HB3  H N N 102 
GLN HG2  H N N 103 
GLN HG3  H N N 104 
GLN HE21 H N N 105 
GLN HE22 H N N 106 
GLN HXT  H N N 107 
GLU N    N N N 108 
GLU CA   C N S 109 
GLU C    C N N 110 
GLU O    O N N 111 
GLU CB   C N N 112 
GLU CG   C N N 113 
GLU CD   C N N 114 
GLU OE1  O N N 115 
GLU OE2  O N N 116 
GLU OXT  O N N 117 
GLU H    H N N 118 
GLU H2   H N N 119 
GLU HA   H N N 120 
GLU HB2  H N N 121 
GLU HB3  H N N 122 
GLU HG2  H N N 123 
GLU HG3  H N N 124 
GLU HE2  H N N 125 
GLU HXT  H N N 126 
GLY N    N N N 127 
GLY CA   C N N 128 
GLY C    C N N 129 
GLY O    O N N 130 
GLY OXT  O N N 131 
GLY H    H N N 132 
GLY H2   H N N 133 
GLY HA2  H N N 134 
GLY HA3  H N N 135 
GLY HXT  H N N 136 
HIS N    N N N 137 
HIS CA   C N S 138 
HIS C    C N N 139 
HIS O    O N N 140 
HIS CB   C N N 141 
HIS CG   C Y N 142 
HIS ND1  N Y N 143 
HIS CD2  C Y N 144 
HIS CE1  C Y N 145 
HIS NE2  N Y N 146 
HIS OXT  O N N 147 
HIS H    H N N 148 
HIS H2   H N N 149 
HIS HA   H N N 150 
HIS HB2  H N N 151 
HIS HB3  H N N 152 
HIS HD1  H N N 153 
HIS HD2  H N N 154 
HIS HE1  H N N 155 
HIS HE2  H N N 156 
HIS HXT  H N N 157 
HOH O    O N N 158 
HOH H1   H N N 159 
HOH H2   H N N 160 
ILE N    N N N 161 
ILE CA   C N S 162 
ILE C    C N N 163 
ILE O    O N N 164 
ILE CB   C N S 165 
ILE CG1  C N N 166 
ILE CG2  C N N 167 
ILE CD1  C N N 168 
ILE OXT  O N N 169 
ILE H    H N N 170 
ILE H2   H N N 171 
ILE HA   H N N 172 
ILE HB   H N N 173 
ILE HG12 H N N 174 
ILE HG13 H N N 175 
ILE HG21 H N N 176 
ILE HG22 H N N 177 
ILE HG23 H N N 178 
ILE HD11 H N N 179 
ILE HD12 H N N 180 
ILE HD13 H N N 181 
ILE HXT  H N N 182 
LEU N    N N N 183 
LEU CA   C N S 184 
LEU C    C N N 185 
LEU O    O N N 186 
LEU CB   C N N 187 
LEU CG   C N N 188 
LEU CD1  C N N 189 
LEU CD2  C N N 190 
LEU OXT  O N N 191 
LEU H    H N N 192 
LEU H2   H N N 193 
LEU HA   H N N 194 
LEU HB2  H N N 195 
LEU HB3  H N N 196 
LEU HG   H N N 197 
LEU HD11 H N N 198 
LEU HD12 H N N 199 
LEU HD13 H N N 200 
LEU HD21 H N N 201 
LEU HD22 H N N 202 
LEU HD23 H N N 203 
LEU HXT  H N N 204 
LYS N    N N N 205 
LYS CA   C N S 206 
LYS C    C N N 207 
LYS O    O N N 208 
LYS CB   C N N 209 
LYS CG   C N N 210 
LYS CD   C N N 211 
LYS CE   C N N 212 
LYS NZ   N N N 213 
LYS OXT  O N N 214 
LYS H    H N N 215 
LYS H2   H N N 216 
LYS HA   H N N 217 
LYS HB2  H N N 218 
LYS HB3  H N N 219 
LYS HG2  H N N 220 
LYS HG3  H N N 221 
LYS HD2  H N N 222 
LYS HD3  H N N 223 
LYS HE2  H N N 224 
LYS HE3  H N N 225 
LYS HZ1  H N N 226 
LYS HZ2  H N N 227 
LYS HZ3  H N N 228 
LYS HXT  H N N 229 
MET N    N N N 230 
MET CA   C N S 231 
MET C    C N N 232 
MET O    O N N 233 
MET CB   C N N 234 
MET CG   C N N 235 
MET SD   S N N 236 
MET CE   C N N 237 
MET OXT  O N N 238 
MET H    H N N 239 
MET H2   H N N 240 
MET HA   H N N 241 
MET HB2  H N N 242 
MET HB3  H N N 243 
MET HG2  H N N 244 
MET HG3  H N N 245 
MET HE1  H N N 246 
MET HE2  H N N 247 
MET HE3  H N N 248 
MET HXT  H N N 249 
PHE N    N N N 250 
PHE CA   C N S 251 
PHE C    C N N 252 
PHE O    O N N 253 
PHE CB   C N N 254 
PHE CG   C Y N 255 
PHE CD1  C Y N 256 
PHE CD2  C Y N 257 
PHE CE1  C Y N 258 
PHE CE2  C Y N 259 
PHE CZ   C Y N 260 
PHE OXT  O N N 261 
PHE H    H N N 262 
PHE H2   H N N 263 
PHE HA   H N N 264 
PHE HB2  H N N 265 
PHE HB3  H N N 266 
PHE HD1  H N N 267 
PHE HD2  H N N 268 
PHE HE1  H N N 269 
PHE HE2  H N N 270 
PHE HZ   H N N 271 
PHE HXT  H N N 272 
PRO N    N N N 273 
PRO CA   C N S 274 
PRO C    C N N 275 
PRO O    O N N 276 
PRO CB   C N N 277 
PRO CG   C N N 278 
PRO CD   C N N 279 
PRO OXT  O N N 280 
PRO H    H N N 281 
PRO HA   H N N 282 
PRO HB2  H N N 283 
PRO HB3  H N N 284 
PRO HG2  H N N 285 
PRO HG3  H N N 286 
PRO HD2  H N N 287 
PRO HD3  H N N 288 
PRO HXT  H N N 289 
SER N    N N N 290 
SER CA   C N S 291 
SER C    C N N 292 
SER O    O N N 293 
SER CB   C N N 294 
SER OG   O N N 295 
SER OXT  O N N 296 
SER H    H N N 297 
SER H2   H N N 298 
SER HA   H N N 299 
SER HB2  H N N 300 
SER HB3  H N N 301 
SER HG   H N N 302 
SER HXT  H N N 303 
THR N    N N N 304 
THR CA   C N S 305 
THR C    C N N 306 
THR O    O N N 307 
THR CB   C N R 308 
THR OG1  O N N 309 
THR CG2  C N N 310 
THR OXT  O N N 311 
THR H    H N N 312 
THR H2   H N N 313 
THR HA   H N N 314 
THR HB   H N N 315 
THR HG1  H N N 316 
THR HG21 H N N 317 
THR HG22 H N N 318 
THR HG23 H N N 319 
THR HXT  H N N 320 
VAL N    N N N 321 
VAL CA   C N S 322 
VAL C    C N N 323 
VAL O    O N N 324 
VAL CB   C N N 325 
VAL CG1  C N N 326 
VAL CG2  C N N 327 
VAL OXT  O N N 328 
VAL H    H N N 329 
VAL H2   H N N 330 
VAL HA   H N N 331 
VAL HB   H N N 332 
VAL HG11 H N N 333 
VAL HG12 H N N 334 
VAL HG13 H N N 335 
VAL HG21 H N N 336 
VAL HG22 H N N 337 
VAL HG23 H N N 338 
VAL HXT  H N N 339 
# 
loop_
_chem_comp_bond.comp_id 
_chem_comp_bond.atom_id_1 
_chem_comp_bond.atom_id_2 
_chem_comp_bond.value_order 
_chem_comp_bond.pdbx_aromatic_flag 
_chem_comp_bond.pdbx_stereo_config 
_chem_comp_bond.pdbx_ordinal 
ALA N   CA   sing N N 1   
ALA N   H    sing N N 2   
ALA N   H2   sing N N 3   
ALA CA  C    sing N N 4   
ALA CA  CB   sing N N 5   
ALA CA  HA   sing N N 6   
ALA C   O    doub N N 7   
ALA C   OXT  sing N N 8   
ALA CB  HB1  sing N N 9   
ALA CB  HB2  sing N N 10  
ALA CB  HB3  sing N N 11  
ALA OXT HXT  sing N N 12  
ARG N   CA   sing N N 13  
ARG N   H    sing N N 14  
ARG N   H2   sing N N 15  
ARG CA  C    sing N N 16  
ARG CA  CB   sing N N 17  
ARG CA  HA   sing N N 18  
ARG C   O    doub N N 19  
ARG C   OXT  sing N N 20  
ARG CB  CG   sing N N 21  
ARG CB  HB2  sing N N 22  
ARG CB  HB3  sing N N 23  
ARG CG  CD   sing N N 24  
ARG CG  HG2  sing N N 25  
ARG CG  HG3  sing N N 26  
ARG CD  NE   sing N N 27  
ARG CD  HD2  sing N N 28  
ARG CD  HD3  sing N N 29  
ARG NE  CZ   sing N N 30  
ARG NE  HE   sing N N 31  
ARG CZ  NH1  sing N N 32  
ARG CZ  NH2  doub N N 33  
ARG NH1 HH11 sing N N 34  
ARG NH1 HH12 sing N N 35  
ARG NH2 HH21 sing N N 36  
ARG NH2 HH22 sing N N 37  
ARG OXT HXT  sing N N 38  
ASN N   CA   sing N N 39  
ASN N   H    sing N N 40  
ASN N   H2   sing N N 41  
ASN CA  C    sing N N 42  
ASN CA  CB   sing N N 43  
ASN CA  HA   sing N N 44  
ASN C   O    doub N N 45  
ASN C   OXT  sing N N 46  
ASN CB  CG   sing N N 47  
ASN CB  HB2  sing N N 48  
ASN CB  HB3  sing N N 49  
ASN CG  OD1  doub N N 50  
ASN CG  ND2  sing N N 51  
ASN ND2 HD21 sing N N 52  
ASN ND2 HD22 sing N N 53  
ASN OXT HXT  sing N N 54  
ASP N   CA   sing N N 55  
ASP N   H    sing N N 56  
ASP N   H2   sing N N 57  
ASP CA  C    sing N N 58  
ASP CA  CB   sing N N 59  
ASP CA  HA   sing N N 60  
ASP C   O    doub N N 61  
ASP C   OXT  sing N N 62  
ASP CB  CG   sing N N 63  
ASP CB  HB2  sing N N 64  
ASP CB  HB3  sing N N 65  
ASP CG  OD1  doub N N 66  
ASP CG  OD2  sing N N 67  
ASP OD2 HD2  sing N N 68  
ASP OXT HXT  sing N N 69  
CYS N   CA   sing N N 70  
CYS N   H    sing N N 71  
CYS N   H2   sing N N 72  
CYS CA  C    sing N N 73  
CYS CA  CB   sing N N 74  
CYS CA  HA   sing N N 75  
CYS C   O    doub N N 76  
CYS C   OXT  sing N N 77  
CYS CB  SG   sing N N 78  
CYS CB  HB2  sing N N 79  
CYS CB  HB3  sing N N 80  
CYS SG  HG   sing N N 81  
CYS OXT HXT  sing N N 82  
GLN N   CA   sing N N 83  
GLN N   H    sing N N 84  
GLN N   H2   sing N N 85  
GLN CA  C    sing N N 86  
GLN CA  CB   sing N N 87  
GLN CA  HA   sing N N 88  
GLN C   O    doub N N 89  
GLN C   OXT  sing N N 90  
GLN CB  CG   sing N N 91  
GLN CB  HB2  sing N N 92  
GLN CB  HB3  sing N N 93  
GLN CG  CD   sing N N 94  
GLN CG  HG2  sing N N 95  
GLN CG  HG3  sing N N 96  
GLN CD  OE1  doub N N 97  
GLN CD  NE2  sing N N 98  
GLN NE2 HE21 sing N N 99  
GLN NE2 HE22 sing N N 100 
GLN OXT HXT  sing N N 101 
GLU N   CA   sing N N 102 
GLU N   H    sing N N 103 
GLU N   H2   sing N N 104 
GLU CA  C    sing N N 105 
GLU CA  CB   sing N N 106 
GLU CA  HA   sing N N 107 
GLU C   O    doub N N 108 
GLU C   OXT  sing N N 109 
GLU CB  CG   sing N N 110 
GLU CB  HB2  sing N N 111 
GLU CB  HB3  sing N N 112 
GLU CG  CD   sing N N 113 
GLU CG  HG2  sing N N 114 
GLU CG  HG3  sing N N 115 
GLU CD  OE1  doub N N 116 
GLU CD  OE2  sing N N 117 
GLU OE2 HE2  sing N N 118 
GLU OXT HXT  sing N N 119 
GLY N   CA   sing N N 120 
GLY N   H    sing N N 121 
GLY N   H2   sing N N 122 
GLY CA  C    sing N N 123 
GLY CA  HA2  sing N N 124 
GLY CA  HA3  sing N N 125 
GLY C   O    doub N N 126 
GLY C   OXT  sing N N 127 
GLY OXT HXT  sing N N 128 
HIS N   CA   sing N N 129 
HIS N   H    sing N N 130 
HIS N   H2   sing N N 131 
HIS CA  C    sing N N 132 
HIS CA  CB   sing N N 133 
HIS CA  HA   sing N N 134 
HIS C   O    doub N N 135 
HIS C   OXT  sing N N 136 
HIS CB  CG   sing N N 137 
HIS CB  HB2  sing N N 138 
HIS CB  HB3  sing N N 139 
HIS CG  ND1  sing Y N 140 
HIS CG  CD2  doub Y N 141 
HIS ND1 CE1  doub Y N 142 
HIS ND1 HD1  sing N N 143 
HIS CD2 NE2  sing Y N 144 
HIS CD2 HD2  sing N N 145 
HIS CE1 NE2  sing Y N 146 
HIS CE1 HE1  sing N N 147 
HIS NE2 HE2  sing N N 148 
HIS OXT HXT  sing N N 149 
HOH O   H1   sing N N 150 
HOH O   H2   sing N N 151 
ILE N   CA   sing N N 152 
ILE N   H    sing N N 153 
ILE N   H2   sing N N 154 
ILE CA  C    sing N N 155 
ILE CA  CB   sing N N 156 
ILE CA  HA   sing N N 157 
ILE C   O    doub N N 158 
ILE C   OXT  sing N N 159 
ILE CB  CG1  sing N N 160 
ILE CB  CG2  sing N N 161 
ILE CB  HB   sing N N 162 
ILE CG1 CD1  sing N N 163 
ILE CG1 HG12 sing N N 164 
ILE CG1 HG13 sing N N 165 
ILE CG2 HG21 sing N N 166 
ILE CG2 HG22 sing N N 167 
ILE CG2 HG23 sing N N 168 
ILE CD1 HD11 sing N N 169 
ILE CD1 HD12 sing N N 170 
ILE CD1 HD13 sing N N 171 
ILE OXT HXT  sing N N 172 
LEU N   CA   sing N N 173 
LEU N   H    sing N N 174 
LEU N   H2   sing N N 175 
LEU CA  C    sing N N 176 
LEU CA  CB   sing N N 177 
LEU CA  HA   sing N N 178 
LEU C   O    doub N N 179 
LEU C   OXT  sing N N 180 
LEU CB  CG   sing N N 181 
LEU CB  HB2  sing N N 182 
LEU CB  HB3  sing N N 183 
LEU CG  CD1  sing N N 184 
LEU CG  CD2  sing N N 185 
LEU CG  HG   sing N N 186 
LEU CD1 HD11 sing N N 187 
LEU CD1 HD12 sing N N 188 
LEU CD1 HD13 sing N N 189 
LEU CD2 HD21 sing N N 190 
LEU CD2 HD22 sing N N 191 
LEU CD2 HD23 sing N N 192 
LEU OXT HXT  sing N N 193 
LYS N   CA   sing N N 194 
LYS N   H    sing N N 195 
LYS N   H2   sing N N 196 
LYS CA  C    sing N N 197 
LYS CA  CB   sing N N 198 
LYS CA  HA   sing N N 199 
LYS C   O    doub N N 200 
LYS C   OXT  sing N N 201 
LYS CB  CG   sing N N 202 
LYS CB  HB2  sing N N 203 
LYS CB  HB3  sing N N 204 
LYS CG  CD   sing N N 205 
LYS CG  HG2  sing N N 206 
LYS CG  HG3  sing N N 207 
LYS CD  CE   sing N N 208 
LYS CD  HD2  sing N N 209 
LYS CD  HD3  sing N N 210 
LYS CE  NZ   sing N N 211 
LYS CE  HE2  sing N N 212 
LYS CE  HE3  sing N N 213 
LYS NZ  HZ1  sing N N 214 
LYS NZ  HZ2  sing N N 215 
LYS NZ  HZ3  sing N N 216 
LYS OXT HXT  sing N N 217 
MET N   CA   sing N N 218 
MET N   H    sing N N 219 
MET N   H2   sing N N 220 
MET CA  C    sing N N 221 
MET CA  CB   sing N N 222 
MET CA  HA   sing N N 223 
MET C   O    doub N N 224 
MET C   OXT  sing N N 225 
MET CB  CG   sing N N 226 
MET CB  HB2  sing N N 227 
MET CB  HB3  sing N N 228 
MET CG  SD   sing N N 229 
MET CG  HG2  sing N N 230 
MET CG  HG3  sing N N 231 
MET SD  CE   sing N N 232 
MET CE  HE1  sing N N 233 
MET CE  HE2  sing N N 234 
MET CE  HE3  sing N N 235 
MET OXT HXT  sing N N 236 
PHE N   CA   sing N N 237 
PHE N   H    sing N N 238 
PHE N   H2   sing N N 239 
PHE CA  C    sing N N 240 
PHE CA  CB   sing N N 241 
PHE CA  HA   sing N N 242 
PHE C   O    doub N N 243 
PHE C   OXT  sing N N 244 
PHE CB  CG   sing N N 245 
PHE CB  HB2  sing N N 246 
PHE CB  HB3  sing N N 247 
PHE CG  CD1  doub Y N 248 
PHE CG  CD2  sing Y N 249 
PHE CD1 CE1  sing Y N 250 
PHE CD1 HD1  sing N N 251 
PHE CD2 CE2  doub Y N 252 
PHE CD2 HD2  sing N N 253 
PHE CE1 CZ   doub Y N 254 
PHE CE1 HE1  sing N N 255 
PHE CE2 CZ   sing Y N 256 
PHE CE2 HE2  sing N N 257 
PHE CZ  HZ   sing N N 258 
PHE OXT HXT  sing N N 259 
PRO N   CA   sing N N 260 
PRO N   CD   sing N N 261 
PRO N   H    sing N N 262 
PRO CA  C    sing N N 263 
PRO CA  CB   sing N N 264 
PRO CA  HA   sing N N 265 
PRO C   O    doub N N 266 
PRO C   OXT  sing N N 267 
PRO CB  CG   sing N N 268 
PRO CB  HB2  sing N N 269 
PRO CB  HB3  sing N N 270 
PRO CG  CD   sing N N 271 
PRO CG  HG2  sing N N 272 
PRO CG  HG3  sing N N 273 
PRO CD  HD2  sing N N 274 
PRO CD  HD3  sing N N 275 
PRO OXT HXT  sing N N 276 
SER N   CA   sing N N 277 
SER N   H    sing N N 278 
SER N   H2   sing N N 279 
SER CA  C    sing N N 280 
SER CA  CB   sing N N 281 
SER CA  HA   sing N N 282 
SER C   O    doub N N 283 
SER C   OXT  sing N N 284 
SER CB  OG   sing N N 285 
SER CB  HB2  sing N N 286 
SER CB  HB3  sing N N 287 
SER OG  HG   sing N N 288 
SER OXT HXT  sing N N 289 
THR N   CA   sing N N 290 
THR N   H    sing N N 291 
THR N   H2   sing N N 292 
THR CA  C    sing N N 293 
THR CA  CB   sing N N 294 
THR CA  HA   sing N N 295 
THR C   O    doub N N 296 
THR C   OXT  sing N N 297 
THR CB  OG1  sing N N 298 
THR CB  CG2  sing N N 299 
THR CB  HB   sing N N 300 
THR OG1 HG1  sing N N 301 
THR CG2 HG21 sing N N 302 
THR CG2 HG22 sing N N 303 
THR CG2 HG23 sing N N 304 
THR OXT HXT  sing N N 305 
VAL N   CA   sing N N 306 
VAL N   H    sing N N 307 
VAL N   H2   sing N N 308 
VAL CA  C    sing N N 309 
VAL CA  CB   sing N N 310 
VAL CA  HA   sing N N 311 
VAL C   O    doub N N 312 
VAL C   OXT  sing N N 313 
VAL CB  CG1  sing N N 314 
VAL CB  CG2  sing N N 315 
VAL CB  HB   sing N N 316 
VAL CG1 HG11 sing N N 317 
VAL CG1 HG12 sing N N 318 
VAL CG1 HG13 sing N N 319 
VAL CG2 HG21 sing N N 320 
VAL CG2 HG22 sing N N 321 
VAL CG2 HG23 sing N N 322 
VAL OXT HXT  sing N N 323 
# 
_atom_sites.entry_id                    1TIG 
_atom_sites.fract_transf_matrix[1][1]   0.01200560 
_atom_sites.fract_transf_matrix[1][2]   0.00132467 
_atom_sites.fract_transf_matrix[1][3]   -0.00709959 
_atom_sites.fract_transf_matrix[2][1]   0.01272275 
_atom_sites.fract_transf_matrix[2][2]   0.01782115 
_atom_sites.fract_transf_matrix[2][3]   0.02483966 
_atom_sites.fract_transf_matrix[3][1]   0.01143821 
_atom_sites.fract_transf_matrix[3][2]   -0.01890908 
_atom_sites.fract_transf_matrix[3][3]   0.00770768 
_atom_sites.fract_transf_vector[1]      0.180328 
_atom_sites.fract_transf_vector[2]      0.043745 
_atom_sites.fract_transf_vector[3]      0.257350 
# 
loop_
_atom_type.symbol 
C 
H 
N 
O 
S 
# 
loop_
_atom_site.group_PDB 
_atom_site.id 
_atom_site.type_symbol 
_atom_site.label_atom_id 
_atom_site.label_alt_id 
_atom_site.label_comp_id 
_atom_site.label_asym_id 
_atom_site.label_entity_id 
_atom_site.label_seq_id 
_atom_site.pdbx_PDB_ins_code 
_atom_site.Cartn_x 
_atom_site.Cartn_y 
_atom_site.Cartn_z 
_atom_site.occupancy 
_atom_site.B_iso_or_equiv 
_atom_site.pdbx_formal_charge 
_atom_site.auth_seq_id 
_atom_site.auth_comp_id 
_atom_site.auth_asym_id 
_atom_site.auth_atom_id 
_atom_site.pdbx_PDB_model_num 
ATOM   1   N N    . ILE A 1 5  ? 15.079  -7.745  -1.794  1.00 34.37 ? 83  ILE A N    1 
ATOM   2   C CA   . ILE A 1 5  ? 15.128  -8.922  -0.838  1.00 30.46 ? 83  ILE A CA   1 
ATOM   3   C C    . ILE A 1 5  ? 14.495  -8.500  0.502   1.00 27.05 ? 83  ILE A C    1 
ATOM   4   O O    . ILE A 1 5  ? 13.871  -9.289  1.211   1.00 26.58 ? 83  ILE A O    1 
ATOM   5   C CB   . ILE A 1 5  ? 16.596  -9.410  -0.630  1.00 32.11 ? 83  ILE A CB   1 
ATOM   6   C CG1  . ILE A 1 5  ? 16.622  -10.570 0.378   1.00 31.10 ? 83  ILE A CG1  1 
ATOM   7   C CG2  . ILE A 1 5  ? 17.493  -8.239  -0.207  1.00 32.09 ? 83  ILE A CG2  1 
ATOM   8   C CD1  . ILE A 1 5  ? 18.024  -10.995 0.777   1.00 36.44 ? 83  ILE A CD1  1 
ATOM   9   N N    . ASN A 1 6  ? 14.475  -7.193  0.686   1.00 21.89 ? 84  ASN A N    1 
ATOM   10  C CA   . ASN A 1 6  ? 13.868  -6.570  1.841   1.00 17.82 ? 84  ASN A CA   1 
ATOM   11  C C    . ASN A 1 6  ? 12.346  -6.481  1.681   1.00 15.32 ? 84  ASN A C    1 
ATOM   12  O O    . ASN A 1 6  ? 11.813  -6.539  0.561   1.00 11.88 ? 84  ASN A O    1 
ATOM   13  C CB   . ASN A 1 6  ? 14.443  -5.160  1.987   1.00 15.37 ? 84  ASN A CB   1 
ATOM   14  C CG   . ASN A 1 6  ? 15.969  -5.140  2.009   1.00 16.97 ? 84  ASN A CG   1 
ATOM   15  O OD1  . ASN A 1 6  ? 16.584  -5.789  2.855   1.00 18.16 ? 84  ASN A OD1  1 
ATOM   16  N ND2  . ASN A 1 6  ? 16.573  -4.421  1.087   1.00 13.80 ? 84  ASN A ND2  1 
ATOM   17  H H    . ASN A 1 6  ? 14.873  -6.610  0.021   1.00 0.00  ? 84  ASN A H    1 
ATOM   18  H HD21 . ASN A 1 6  ? 17.568  -4.436  1.088   1.00 0.00  ? 84  ASN A HD21 1 
ATOM   19  H HD22 . ASN A 1 6  ? 16.073  -3.900  0.450   1.00 0.00  ? 84  ASN A HD22 1 
ATOM   20  N N    . VAL A 1 7  ? 11.679  -6.173  2.784   1.00 13.79 ? 85  VAL A N    1 
ATOM   21  C CA   . VAL A 1 7  ? 10.273  -5.786  2.755   1.00 12.64 ? 85  VAL A CA   1 
ATOM   22  C C    . VAL A 1 7  ? 10.179  -4.367  3.284   1.00 10.07 ? 85  VAL A C    1 
ATOM   23  O O    . VAL A 1 7  ? 10.393  -4.129  4.459   1.00 10.76 ? 85  VAL A O    1 
ATOM   24  C CB   . VAL A 1 7  ? 9.445   -6.717  3.641   1.00 12.63 ? 85  VAL A CB   1 
ATOM   25  C CG1  . VAL A 1 7  ? 7.984   -6.269  3.646   1.00 11.38 ? 85  VAL A CG1  1 
ATOM   26  C CG2  . VAL A 1 7  ? 9.592   -8.144  3.153   1.00 10.89 ? 85  VAL A CG2  1 
ATOM   27  H H    . VAL A 1 7  ? 12.212  -6.059  3.605   1.00 0.00  ? 85  VAL A H    1 
ATOM   28  N N    . LYS A 1 8  ? 10.020  -3.402  2.383   1.00 10.36 ? 86  LYS A N    1 
ATOM   29  C CA   . LYS A 1 8  ? 9.966   -2.003  2.793   1.00 9.43  ? 86  LYS A CA   1 
ATOM   30  C C    . LYS A 1 8  ? 8.532   -1.575  3.112   1.00 11.32 ? 86  LYS A C    1 
ATOM   31  O O    . LYS A 1 8  ? 7.572   -2.116  2.572   1.00 14.21 ? 86  LYS A O    1 
ATOM   32  C CB   . LYS A 1 8  ? 10.563  -1.107  1.727   1.00 8.00  ? 86  LYS A CB   1 
ATOM   33  C CG   . LYS A 1 8  ? 12.012  -1.448  1.394   1.00 7.74  ? 86  LYS A CG   1 
ATOM   34  C CD   . LYS A 1 8  ? 12.932  -1.011  2.503   1.00 7.78  ? 86  LYS A CD   1 
ATOM   35  C CE   . LYS A 1 8  ? 14.383  -1.267  2.122   1.00 9.88  ? 86  LYS A CE   1 
ATOM   36  N NZ   . LYS A 1 8  ? 15.248  -0.954  3.268   1.00 9.13  ? 86  LYS A NZ   1 
ATOM   37  H H    . LYS A 1 8  ? 9.991   -3.608  1.420   1.00 0.00  ? 86  LYS A H    1 
ATOM   38  H HZ1  . LYS A 1 8  ? 15.122  0.029   3.579   1.00 0.00  ? 86  LYS A HZ1  1 
ATOM   39  H HZ2  . LYS A 1 8  ? 15.013  -1.618  4.031   1.00 0.00  ? 86  LYS A HZ2  1 
ATOM   40  H HZ3  . LYS A 1 8  ? 16.253  -1.077  3.007   1.00 0.00  ? 86  LYS A HZ3  1 
ATOM   41  N N    . GLU A 1 9  ? 8.388   -0.744  4.128   1.00 12.09 ? 87  GLU A N    1 
ATOM   42  C CA   . GLU A 1 9  ? 7.080   -0.331  4.567   1.00 13.73 ? 87  GLU A CA   1 
ATOM   43  C C    . GLU A 1 9  ? 6.706   1.066   4.059   1.00 14.69 ? 87  GLU A C    1 
ATOM   44  O O    . GLU A 1 9  ? 7.439   2.037   4.237   1.00 15.03 ? 87  GLU A O    1 
ATOM   45  C CB   . GLU A 1 9  ? 7.031   -0.347  6.083   1.00 14.47 ? 87  GLU A CB   1 
ATOM   46  C CG   . GLU A 1 9  ? 5.699   0.076   6.610   1.00 21.02 ? 87  GLU A CG   1 
ATOM   47  C CD   . GLU A 1 9  ? 5.612   -0.061  8.095   1.00 23.80 ? 87  GLU A CD   1 
ATOM   48  O OE1  . GLU A 1 9  ? 6.294   0.708   8.811   1.00 24.97 ? 87  GLU A OE1  1 
ATOM   49  O OE2  . GLU A 1 9  ? 4.865   -0.949  8.536   1.00 28.59 ? 87  GLU A OE2  1 
ATOM   50  H H    . GLU A 1 9  ? 9.198   -0.359  4.536   1.00 0.00  ? 87  GLU A H    1 
ATOM   51  N N    . VAL A 1 10 ? 5.511   1.165   3.487   1.00 14.27 ? 88  VAL A N    1 
ATOM   52  C CA   . VAL A 1 10 ? 4.940   2.432   3.046   1.00 14.07 ? 88  VAL A CA   1 
ATOM   53  C C    . VAL A 1 10 ? 3.655   2.649   3.847   1.00 13.32 ? 88  VAL A C    1 
ATOM   54  O O    . VAL A 1 10 ? 2.775   1.783   3.868   1.00 10.69 ? 88  VAL A O    1 
ATOM   55  C CB   . VAL A 1 10 ? 4.640   2.351   1.524   1.00 17.77 ? 88  VAL A CB   1 
ATOM   56  C CG1  . VAL A 1 10 ? 3.777   3.514   1.082   1.00 18.13 ? 88  VAL A CG1  1 
ATOM   57  C CG2  . VAL A 1 10 ? 5.972   2.310   0.743   1.00 14.95 ? 88  VAL A CG2  1 
ATOM   58  H H    . VAL A 1 10 ? 4.994   0.347   3.391   1.00 0.00  ? 88  VAL A H    1 
ATOM   59  N N    . ARG A 1 11 ? 3.666   3.643   4.728   1.00 12.94 ? 89  ARG A N    1 
ATOM   60  C CA   . ARG A 1 11 ? 2.498   3.857   5.566   1.00 17.69 ? 89  ARG A CA   1 
ATOM   61  C C    . ARG A 1 11 ? 1.540   4.913   5.005   1.00 18.67 ? 89  ARG A C    1 
ATOM   62  O O    . ARG A 1 11 ? 1.942   5.975   4.534   1.00 17.23 ? 89  ARG A O    1 
ATOM   63  C CB   . ARG A 1 11 ? 2.908   4.192   6.984   1.00 20.15 ? 89  ARG A CB   1 
ATOM   64  C CG   . ARG A 1 11 ? 3.448   2.993   7.714   1.00 28.06 ? 89  ARG A CG   1 
ATOM   65  C CD   . ARG A 1 11 ? 3.634   3.268   9.194   1.00 36.25 ? 89  ARG A CD   1 
ATOM   66  N NE   . ARG A 1 11 ? 4.516   4.411   9.422   1.00 43.16 ? 89  ARG A NE   1 
ATOM   67  C CZ   . ARG A 1 11 ? 5.840   4.408   9.236   1.00 48.12 ? 89  ARG A CZ   1 
ATOM   68  N NH1  . ARG A 1 11 ? 6.464   3.345   8.723   1.00 48.74 ? 89  ARG A NH1  1 
ATOM   69  N NH2  . ARG A 1 11 ? 6.544   5.498   9.529   1.00 50.70 ? 89  ARG A NH2  1 
ATOM   70  H H    . ARG A 1 11 ? 4.468   4.232   4.795   1.00 0.00  ? 89  ARG A H    1 
ATOM   71  H HE   . ARG A 1 11 ? 4.125   5.211   9.818   1.00 0.00  ? 89  ARG A HE   1 
ATOM   72  H HH11 . ARG A 1 11 ? 5.947   2.527   8.505   1.00 0.00  ? 89  ARG A HH11 1 
ATOM   73  H HH12 . ARG A 1 11 ? 7.457   3.363   8.564   1.00 0.00  ? 89  ARG A HH12 1 
ATOM   74  H HH21 . ARG A 1 11 ? 6.094   6.294   9.932   1.00 0.00  ? 89  ARG A HH21 1 
ATOM   75  H HH22 . ARG A 1 11 ? 7.535   5.513   9.375   1.00 0.00  ? 89  ARG A HH22 1 
ATOM   76  N N    . LEU A 1 12 ? 0.262   4.544   4.943   1.00 18.93 ? 90  LEU A N    1 
ATOM   77  C CA   . LEU A 1 12 ? -0.765  5.431   4.421   1.00 20.82 ? 90  LEU A CA   1 
ATOM   78  C C    . LEU A 1 12 ? -1.798  5.770   5.492   1.00 22.36 ? 90  LEU A C    1 
ATOM   79  O O    . LEU A 1 12 ? -2.100  4.970   6.374   1.00 19.75 ? 90  LEU A O    1 
ATOM   80  C CB   . LEU A 1 12 ? -1.477  4.804   3.208   1.00 17.38 ? 90  LEU A CB   1 
ATOM   81  C CG   . LEU A 1 12 ? -0.798  4.596   1.842   1.00 18.81 ? 90  LEU A CG   1 
ATOM   82  C CD1  . LEU A 1 12 ? 0.199   5.666   1.560   1.00 20.73 ? 90  LEU A CD1  1 
ATOM   83  C CD2  . LEU A 1 12 ? -0.129  3.254   1.806   1.00 19.00 ? 90  LEU A CD2  1 
ATOM   84  H H    . LEU A 1 12 ? 0.034   3.680   5.302   1.00 0.00  ? 90  LEU A H    1 
ATOM   85  N N    . SER A 1 13 ? -2.290  7.005   5.426   1.00 27.34 ? 91  SER A N    1 
ATOM   86  C CA   . SER A 1 13 ? -3.332  7.508   6.328   1.00 29.05 ? 91  SER A CA   1 
ATOM   87  C C    . SER A 1 13 ? -4.696  7.267   5.710   1.00 28.58 ? 91  SER A C    1 
ATOM   88  O O    . SER A 1 13 ? -4.853  7.295   4.492   1.00 31.27 ? 91  SER A O    1 
ATOM   89  C CB   . SER A 1 13 ? -3.126  9.017   6.571   1.00 31.74 ? 91  SER A CB   1 
ATOM   90  O OG   . SER A 1 13 ? -4.146  9.579   7.389   1.00 35.17 ? 91  SER A OG   1 
ATOM   91  H H    . SER A 1 13 ? -1.980  7.574   4.691   1.00 0.00  ? 91  SER A H    1 
ATOM   92  H HG   . SER A 1 13 ? -3.901  10.506  7.564   1.00 0.00  ? 91  SER A HG   1 
ATOM   93  N N    . PRO A 1 14 ? -5.722  7.064   6.534   1.00 29.39 ? 92  PRO A N    1 
ATOM   94  C CA   . PRO A 1 14 ? -7.062  6.878   5.959   1.00 28.18 ? 92  PRO A CA   1 
ATOM   95  C C    . PRO A 1 14 ? -7.588  8.212   5.428   1.00 27.24 ? 92  PRO A C    1 
ATOM   96  O O    . PRO A 1 14 ? -8.351  8.270   4.467   1.00 27.45 ? 92  PRO A O    1 
ATOM   97  C CB   . PRO A 1 14 ? -7.886  6.375   7.141   1.00 28.57 ? 92  PRO A CB   1 
ATOM   98  C CG   . PRO A 1 14 ? -7.182  6.927   8.341   1.00 29.69 ? 92  PRO A CG   1 
ATOM   99  C CD   . PRO A 1 14 ? -5.720  6.907   8.007   1.00 30.07 ? 92  PRO A CD   1 
ATOM   100 N N    . THR A 1 15 ? -7.011  9.281   5.956   1.00 26.58 ? 93  THR A N    1 
ATOM   101 C CA   . THR A 1 15 ? -7.360  10.639  5.558   1.00 25.17 ? 93  THR A CA   1 
ATOM   102 C C    . THR A 1 15 ? -6.373  11.231  4.534   1.00 23.59 ? 93  THR A C    1 
ATOM   103 O O    . THR A 1 15 ? -6.131  12.444  4.523   1.00 23.00 ? 93  THR A O    1 
ATOM   104 C CB   . THR A 1 15 ? -7.404  11.531  6.809   1.00 25.38 ? 93  THR A CB   1 
ATOM   105 O OG1  . THR A 1 15 ? -6.077  11.705  7.326   1.00 29.33 ? 93  THR A OG1  1 
ATOM   106 C CG2  . THR A 1 15 ? -8.255  10.881  7.869   1.00 25.02 ? 93  THR A CG2  1 
ATOM   107 H H    . THR A 1 15 ? -6.308  9.166   6.632   1.00 0.00  ? 93  THR A H    1 
ATOM   108 H HG1  . THR A 1 15 ? -5.714  10.846  7.548   1.00 0.00  ? 93  THR A HG1  1 
ATOM   109 N N    . ILE A 1 16 ? -5.766  10.364  3.708   1.00 20.79 ? 94  ILE A N    1 
ATOM   110 C CA   . ILE A 1 16 ? -4.588  10.756  2.933   1.00 17.52 ? 94  ILE A CA   1 
ATOM   111 C C    . ILE A 1 16 ? -4.942  11.683  1.764   1.00 13.82 ? 94  ILE A C    1 
ATOM   112 O O    . ILE A 1 16 ? -5.913  11.465  1.049   1.00 13.64 ? 94  ILE A O    1 
ATOM   113 C CB   . ILE A 1 16 ? -3.779  9.486   2.427   1.00 15.53 ? 94  ILE A CB   1 
ATOM   114 C CG1  . ILE A 1 16 ? -2.360  9.892   2.006   1.00 18.24 ? 94  ILE A CG1  1 
ATOM   115 C CG2  . ILE A 1 16 ? -4.495  8.784   1.309   1.00 14.79 ? 94  ILE A CG2  1 
ATOM   116 C CD1  . ILE A 1 16 ? -1.476  8.761   1.529   1.00 10.77 ? 94  ILE A CD1  1 
ATOM   117 H H    . ILE A 1 16 ? -5.962  9.410   3.780   1.00 0.00  ? 94  ILE A H    1 
ATOM   118 N N    . GLU A 1 17 ? -4.217  12.796  1.662   1.00 12.67 ? 95  GLU A N    1 
ATOM   119 C CA   . GLU A 1 17 ? -4.511  13.812  0.654   1.00 13.51 ? 95  GLU A CA   1 
ATOM   120 C C    . GLU A 1 17 ? -3.671  13.526  -0.573  1.00 14.26 ? 95  GLU A C    1 
ATOM   121 O O    . GLU A 1 17 ? -2.755  12.720  -0.521  1.00 14.29 ? 95  GLU A O    1 
ATOM   122 C CB   . GLU A 1 17 ? -4.217  15.207  1.207   1.00 14.34 ? 95  GLU A CB   1 
ATOM   123 C CG   . GLU A 1 17 ? -5.042  15.521  2.448   1.00 17.04 ? 95  GLU A CG   1 
ATOM   124 C CD   . GLU A 1 17 ? -4.882  16.949  2.959   1.00 18.21 ? 95  GLU A CD   1 
ATOM   125 O OE1  . GLU A 1 17 ? -3.865  17.615  2.683   1.00 22.70 ? 95  GLU A OE1  1 
ATOM   126 O OE2  . GLU A 1 17 ? -5.739  17.364  3.765   1.00 22.88 ? 95  GLU A OE2  1 
ATOM   127 H H    . GLU A 1 17 ? -3.510  12.957  2.319   1.00 0.00  ? 95  GLU A H    1 
ATOM   128 N N    . GLU A 1 18 ? -3.963  14.212  -1.672  1.00 12.57 ? 96  GLU A N    1 
ATOM   129 C CA   . GLU A 1 18 ? -3.421  13.844  -2.958  1.00 16.13 ? 96  GLU A CA   1 
ATOM   130 C C    . GLU A 1 18 ? -1.886  13.858  -3.026  1.00 16.28 ? 96  GLU A C    1 
ATOM   131 O O    . GLU A 1 18 ? -1.289  12.903  -3.553  1.00 15.87 ? 96  GLU A O    1 
ATOM   132 C CB   . GLU A 1 18 ? -4.023  14.731  -4.046  1.00 18.20 ? 96  GLU A CB   1 
ATOM   133 C CG   . GLU A 1 18 ? -3.661  14.345  -5.476  1.00 24.25 ? 96  GLU A CG   1 
ATOM   134 C CD   . GLU A 1 18 ? -4.107  12.935  -5.869  1.00 29.91 ? 96  GLU A CD   1 
ATOM   135 O OE1  . GLU A 1 18 ? -5.227  12.507  -5.504  1.00 30.06 ? 96  GLU A OE1  1 
ATOM   136 O OE2  . GLU A 1 18 ? -3.356  12.281  -6.624  1.00 33.54 ? 96  GLU A OE2  1 
ATOM   137 H H    . GLU A 1 18 ? -4.663  14.830  -1.665  1.00 0.00  ? 96  GLU A H    1 
ATOM   138 N N    . HIS A 1 19 ? -1.234  14.886  -2.469  1.00 16.60 ? 97  HIS A N    1 
ATOM   139 C CA   . HIS A 1 19 ? 0.218   14.968  -2.625  1.00 17.70 ? 97  HIS A CA   1 
ATOM   140 C C    . HIS A 1 19 ? 0.940   13.914  -1.817  1.00 16.41 ? 97  HIS A C    1 
ATOM   141 O O    . HIS A 1 19 ? 1.939   13.379  -2.267  1.00 14.48 ? 97  HIS A O    1 
ATOM   142 C CB   . HIS A 1 19 ? 0.779   16.347  -2.289  1.00 18.32 ? 97  HIS A CB   1 
ATOM   143 C CG   . HIS A 1 19 ? 2.213   16.535  -2.733  1.00 24.04 ? 97  HIS A CG   1 
ATOM   144 N ND1  . HIS A 1 19 ? 2.605   16.385  -4.057  1.00 25.36 ? 97  HIS A ND1  1 
ATOM   145 C CD2  . HIS A 1 19 ? 3.343   16.820  -2.047  1.00 23.61 ? 97  HIS A CD2  1 
ATOM   146 C CE1  . HIS A 1 19 ? 3.907   16.596  -4.155  1.00 28.70 ? 97  HIS A CE1  1 
ATOM   147 N NE2  . HIS A 1 19 ? 4.385   16.859  -2.953  1.00 29.67 ? 97  HIS A NE2  1 
ATOM   148 H H    . HIS A 1 19 ? -1.721  15.629  -2.095  1.00 0.00  ? 97  HIS A H    1 
ATOM   149 H HD1  . HIS A 1 19 ? 2.018   16.175  -4.785  1.00 0.00  ? 97  HIS A HD1  1 
ATOM   150 H HE2  . HIS A 1 19 ? 5.338   17.007  -2.741  1.00 0.00  ? 97  HIS A HE2  1 
ATOM   151 N N    . ASP A 1 20 ? 0.508   13.705  -0.583  1.00 16.43 ? 98  ASP A N    1 
ATOM   152 C CA   . ASP A 1 20 ? 1.046   12.636  0.230   1.00 17.39 ? 98  ASP A CA   1 
ATOM   153 C C    . ASP A 1 20 ? 0.869   11.263  -0.427  1.00 16.10 ? 98  ASP A C    1 
ATOM   154 O O    . ASP A 1 20 ? 1.800   10.457  -0.466  1.00 16.81 ? 98  ASP A O    1 
ATOM   155 C CB   . ASP A 1 20 ? 0.414   12.663  1.620   1.00 22.11 ? 98  ASP A CB   1 
ATOM   156 C CG   . ASP A 1 20 ? 1.007   11.610  2.556   1.00 33.06 ? 98  ASP A CG   1 
ATOM   157 O OD1  . ASP A 1 20 ? 2.251   11.562  2.731   1.00 35.85 ? 98  ASP A OD1  1 
ATOM   158 O OD2  . ASP A 1 20 ? 0.219   10.821  3.134   1.00 36.78 ? 98  ASP A OD2  1 
ATOM   159 H H    . ASP A 1 20 ? -0.268  14.198  -0.263  1.00 0.00  ? 98  ASP A H    1 
ATOM   160 N N    . PHE A 1 21 ? -0.289  11.019  -1.033  1.00 13.86 ? 99  PHE A N    1 
ATOM   161 C CA   . PHE A 1 21 ? -0.485  9.793   -1.797  1.00 13.48 ? 99  PHE A CA   1 
ATOM   162 C C    . PHE A 1 21 ? 0.562   9.636   -2.909  1.00 15.99 ? 99  PHE A C    1 
ATOM   163 O O    . PHE A 1 21 ? 1.186   8.582   -3.042  1.00 13.07 ? 99  PHE A O    1 
ATOM   164 C CB   . PHE A 1 21 ? -1.888  9.752   -2.406  1.00 12.85 ? 99  PHE A CB   1 
ATOM   165 C CG   . PHE A 1 21 ? -2.199  8.479   -3.132  1.00 12.59 ? 99  PHE A CG   1 
ATOM   166 C CD1  . PHE A 1 21 ? -2.601  7.348   -2.430  1.00 14.89 ? 99  PHE A CD1  1 
ATOM   167 C CD2  . PHE A 1 21 ? -1.931  8.369   -4.485  1.00 11.05 ? 99  PHE A CD2  1 
ATOM   168 C CE1  . PHE A 1 21 ? -2.716  6.110   -3.061  1.00 16.24 ? 99  PHE A CE1  1 
ATOM   169 C CE2  . PHE A 1 21 ? -2.026  7.150   -5.132  1.00 14.21 ? 99  PHE A CE2  1 
ATOM   170 C CZ   . PHE A 1 21 ? -2.416  6.007   -4.417  1.00 16.11 ? 99  PHE A CZ   1 
ATOM   171 H H    . PHE A 1 21 ? -0.950  11.734  -1.030  1.00 0.00  ? 99  PHE A H    1 
ATOM   172 N N    . ASN A 1 22 ? 0.777   10.703  -3.686  1.00 16.35 ? 100 ASN A N    1 
ATOM   173 C CA   . ASN A 1 22 ? 1.719   10.642  -4.800  1.00 16.67 ? 100 ASN A CA   1 
ATOM   174 C C    . ASN A 1 22 ? 3.147   10.454  -4.291  1.00 14.60 ? 100 ASN A C    1 
ATOM   175 O O    . ASN A 1 22 ? 3.890   9.666   -4.850  1.00 15.24 ? 100 ASN A O    1 
ATOM   176 C CB   . ASN A 1 22 ? 1.626   11.911  -5.674  1.00 17.28 ? 100 ASN A CB   1 
ATOM   177 C CG   . ASN A 1 22 ? 0.303   11.998  -6.418  1.00 19.76 ? 100 ASN A CG   1 
ATOM   178 O OD1  . ASN A 1 22 ? -0.405  11.010  -6.592  1.00 19.27 ? 100 ASN A OD1  1 
ATOM   179 N ND2  . ASN A 1 22 ? -0.045  13.206  -6.855  1.00 18.99 ? 100 ASN A ND2  1 
ATOM   180 H H    . ASN A 1 22 ? 0.276   11.531  -3.563  1.00 0.00  ? 100 ASN A H    1 
ATOM   181 H HD21 . ASN A 1 22 ? -0.873  13.242  -7.363  1.00 0.00  ? 100 ASN A HD21 1 
ATOM   182 H HD22 . ASN A 1 22 ? 0.529   13.971  -6.693  1.00 0.00  ? 100 ASN A HD22 1 
ATOM   183 N N    . THR A 1 23 ? 3.463   11.077  -3.156  1.00 14.11 ? 101 THR A N    1 
ATOM   184 C CA   . THR A 1 23 ? 4.762   10.946  -2.491  1.00 17.24 ? 101 THR A CA   1 
ATOM   185 C C    . THR A 1 23 ? 5.049   9.513   -2.022  1.00 17.16 ? 101 THR A C    1 
ATOM   186 O O    . THR A 1 23 ? 6.078   8.917   -2.336  1.00 15.27 ? 101 THR A O    1 
ATOM   187 C CB   . THR A 1 23 ? 4.805   11.882  -1.277  1.00 19.98 ? 101 THR A CB   1 
ATOM   188 O OG1  . THR A 1 23 ? 4.673   13.242  -1.730  1.00 24.61 ? 101 THR A OG1  1 
ATOM   189 C CG2  . THR A 1 23 ? 6.090   11.694  -0.482  1.00 21.27 ? 101 THR A CG2  1 
ATOM   190 H H    . THR A 1 23 ? 2.817   11.685  -2.753  1.00 0.00  ? 101 THR A H    1 
ATOM   191 H HG1  . THR A 1 23 ? 3.892   13.362  -2.255  1.00 0.00  ? 101 THR A HG1  1 
ATOM   192 N N    . LYS A 1 24 ? 4.021   8.905   -1.434  1.00 14.58 ? 102 LYS A N    1 
ATOM   193 C CA   . LYS A 1 24 ? 4.051   7.508   -1.039  1.00 14.65 ? 102 LYS A CA   1 
ATOM   194 C C    . LYS A 1 24 ? 4.078   6.556   -2.225  1.00 14.28 ? 102 LYS A C    1 
ATOM   195 O O    . LYS A 1 24 ? 4.756   5.525   -2.183  1.00 12.85 ? 102 LYS A O    1 
ATOM   196 C CB   . LYS A 1 24 ? 2.841   7.174   -0.167  1.00 15.44 ? 102 LYS A CB   1 
ATOM   197 C CG   . LYS A 1 24 ? 2.784   7.970   1.104   1.00 17.00 ? 102 LYS A CG   1 
ATOM   198 C CD   . LYS A 1 24 ? 3.803   7.517   2.108   1.00 19.77 ? 102 LYS A CD   1 
ATOM   199 C CE   . LYS A 1 24 ? 3.920   8.562   3.197   1.00 21.08 ? 102 LYS A CE   1 
ATOM   200 N NZ   . LYS A 1 24 ? 2.586   8.808   3.770   1.00 25.00 ? 102 LYS A NZ   1 
ATOM   201 H H    . LYS A 1 24 ? 3.222   9.448   -1.322  1.00 0.00  ? 102 LYS A H    1 
ATOM   202 H HZ1  . LYS A 1 24 ? 2.182   7.919   4.126   1.00 0.00  ? 102 LYS A HZ1  1 
ATOM   203 H HZ2  . LYS A 1 24 ? 2.663   9.514   4.521   1.00 0.00  ? 102 LYS A HZ2  1 
ATOM   204 H HZ3  . LYS A 1 24 ? 1.991   9.203   3.014   1.00 0.00  ? 102 LYS A HZ3  1 
ATOM   205 N N    . LEU A 1 25 ? 3.355   6.909   -3.289  1.00 12.68 ? 103 LEU A N    1 
ATOM   206 C CA   . LEU A 1 25 ? 3.374   6.143   -4.531  1.00 13.69 ? 103 LEU A CA   1 
ATOM   207 C C    . LEU A 1 25 ? 4.764   6.157   -5.205  1.00 14.12 ? 103 LEU A C    1 
ATOM   208 O O    . LEU A 1 25 ? 5.271   5.114   -5.620  1.00 14.32 ? 103 LEU A O    1 
ATOM   209 C CB   . LEU A 1 25 ? 2.307   6.664   -5.492  1.00 12.02 ? 103 LEU A CB   1 
ATOM   210 C CG   . LEU A 1 25 ? 2.417   6.167   -6.937  1.00 15.48 ? 103 LEU A CG   1 
ATOM   211 C CD1  . LEU A 1 25 ? 2.336   4.646   -7.005  1.00 14.27 ? 103 LEU A CD1  1 
ATOM   212 C CD2  . LEU A 1 25 ? 1.317   6.783   -7.765  1.00 15.88 ? 103 LEU A CD2  1 
ATOM   213 H H    . LEU A 1 25 ? 2.915   7.778   -3.256  1.00 0.00  ? 103 LEU A H    1 
ATOM   214 N N    . ARG A 1 26 ? 5.407   7.324   -5.201  1.00 16.05 ? 104 ARG A N    1 
ATOM   215 C CA   . ARG A 1 26 ? 6.766   7.513   -5.719  1.00 16.08 ? 104 ARG A CA   1 
ATOM   216 C C    . ARG A 1 26 ? 7.724   6.594   -4.954  1.00 15.03 ? 104 ARG A C    1 
ATOM   217 O O    . ARG A 1 26 ? 8.447   5.791   -5.549  1.00 15.16 ? 104 ARG A O    1 
ATOM   218 C CB   . ARG A 1 26 ? 7.173   8.992   -5.553  1.00 17.62 ? 104 ARG A CB   1 
ATOM   219 C CG   . ARG A 1 26 ? 8.533   9.375   -6.139  1.00 26.00 ? 104 ARG A CG   1 
ATOM   220 C CD   . ARG A 1 26 ? 8.813   10.875  -6.011  1.00 31.23 ? 104 ARG A CD   1 
ATOM   221 N NE   . ARG A 1 26 ? 8.967   11.295  -4.617  1.00 36.14 ? 104 ARG A NE   1 
ATOM   222 C CZ   . ARG A 1 26 ? 8.386   12.369  -4.090  1.00 37.65 ? 104 ARG A CZ   1 
ATOM   223 N NH1  . ARG A 1 26 ? 7.423   13.007  -4.748  1.00 38.49 ? 104 ARG A NH1  1 
ATOM   224 N NH2  . ARG A 1 26 ? 8.705   12.753  -2.857  1.00 38.11 ? 104 ARG A NH2  1 
ATOM   225 H H    . ARG A 1 26 ? 5.003   8.117   -4.808  1.00 0.00  ? 104 ARG A H    1 
ATOM   226 H HE   . ARG A 1 26 ? 9.679   10.855  -4.108  1.00 0.00  ? 104 ARG A HE   1 
ATOM   227 H HH11 . ARG A 1 26 ? 7.243   12.774  -5.707  1.00 0.00  ? 104 ARG A HH11 1 
ATOM   228 H HH12 . ARG A 1 26 ? 6.978   13.798  -4.339  1.00 0.00  ? 104 ARG A HH12 1 
ATOM   229 H HH21 . ARG A 1 26 ? 9.411   12.259  -2.349  1.00 0.00  ? 104 ARG A HH21 1 
ATOM   230 H HH22 . ARG A 1 26 ? 8.212   13.506  -2.424  1.00 0.00  ? 104 ARG A HH22 1 
ATOM   231 N N    . ASN A 1 27 ? 7.660   6.655   -3.625  1.00 13.07 ? 105 ASN A N    1 
ATOM   232 C CA   . ASN A 1 27 ? 8.495   5.831   -2.751  1.00 14.70 ? 105 ASN A CA   1 
ATOM   233 C C    . ASN A 1 27 ? 8.345   4.313   -2.948  1.00 12.81 ? 105 ASN A C    1 
ATOM   234 O O    . ASN A 1 27 ? 9.337   3.579   -3.007  1.00 13.12 ? 105 ASN A O    1 
ATOM   235 C CB   . ASN A 1 27 ? 8.215   6.161   -1.287  1.00 15.23 ? 105 ASN A CB   1 
ATOM   236 C CG   . ASN A 1 27 ? 8.587   7.575   -0.923  1.00 18.33 ? 105 ASN A CG   1 
ATOM   237 O OD1  . ASN A 1 27 ? 8.364   7.988   0.207   1.00 23.72 ? 105 ASN A OD1  1 
ATOM   238 N ND2  . ASN A 1 27 ? 9.242   8.279   -1.817  1.00 16.81 ? 105 ASN A ND2  1 
ATOM   239 H H    . ASN A 1 27 ? 7.091   7.348   -3.237  1.00 0.00  ? 105 ASN A H    1 
ATOM   240 H HD21 . ASN A 1 27 ? 9.565   9.162   -1.535  1.00 0.00  ? 105 ASN A HD21 1 
ATOM   241 H HD22 . ASN A 1 27 ? 9.504   7.932   -2.689  1.00 0.00  ? 105 ASN A HD22 1 
ATOM   242 N N    . ALA A 1 28 ? 7.095   3.856   -3.004  1.00 10.81 ? 106 ALA A N    1 
ATOM   243 C CA   . ALA A 1 28 ? 6.753   2.482   -3.369  1.00 9.36  ? 106 ALA A CA   1 
ATOM   244 C C    . ALA A 1 28 ? 7.338   2.042   -4.712  1.00 10.75 ? 106 ALA A C    1 
ATOM   245 O O    . ALA A 1 28 ? 7.945   1.001   -4.809  1.00 11.66 ? 106 ALA A O    1 
ATOM   246 C CB   . ALA A 1 28 ? 5.231   2.303   -3.396  1.00 8.06  ? 106 ALA A CB   1 
ATOM   247 H H    . ALA A 1 28 ? 6.405   4.553   -3.000  1.00 0.00  ? 106 ALA A H    1 
ATOM   248 N N    . ARG A 1 29 ? 7.152   2.825   -5.755  1.00 9.63  ? 107 ARG A N    1 
ATOM   249 C CA   . ARG A 1 29 ? 7.744   2.498   -7.040  1.00 12.30 ? 107 ARG A CA   1 
ATOM   250 C C    . ARG A 1 29 ? 9.269   2.464   -6.959  1.00 14.05 ? 107 ARG A C    1 
ATOM   251 O O    . ARG A 1 29 ? 9.888   1.571   -7.513  1.00 15.70 ? 107 ARG A O    1 
ATOM   252 C CB   . ARG A 1 29 ? 7.272   3.495   -8.105  1.00 10.47 ? 107 ARG A CB   1 
ATOM   253 C CG   . ARG A 1 29 ? 5.766   3.356   -8.405  1.00 7.95  ? 107 ARG A CG   1 
ATOM   254 C CD   . ARG A 1 29 ? 5.273   4.253   -9.550  1.00 11.93 ? 107 ARG A CD   1 
ATOM   255 N NE   . ARG A 1 29 ? 5.885   3.967   -10.846 1.00 10.74 ? 107 ARG A NE   1 
ATOM   256 C CZ   . ARG A 1 29 ? 5.442   3.066   -11.710 1.00 11.18 ? 107 ARG A CZ   1 
ATOM   257 N NH1  . ARG A 1 29 ? 4.315   2.420   -11.446 1.00 9.91  ? 107 ARG A NH1  1 
ATOM   258 N NH2  . ARG A 1 29 ? 6.141   2.783   -12.806 1.00 11.82 ? 107 ARG A NH2  1 
ATOM   259 H H    . ARG A 1 29 ? 6.700   3.685   -5.676  1.00 0.00  ? 107 ARG A H    1 
ATOM   260 H HE   . ARG A 1 29 ? 6.733   4.431   -11.117 1.00 0.00  ? 107 ARG A HE   1 
ATOM   261 H HH11 . ARG A 1 29 ? 3.847   2.575   -10.589 1.00 0.00  ? 107 ARG A HH11 1 
ATOM   262 H HH12 . ARG A 1 29 ? 4.010   1.783   -12.112 1.00 0.00  ? 107 ARG A HH12 1 
ATOM   263 H HH21 . ARG A 1 29 ? 7.002   3.264   -13.015 1.00 0.00  ? 107 ARG A HH21 1 
ATOM   264 H HH22 . ARG A 1 29 ? 5.841   2.140   -13.494 1.00 0.00  ? 107 ARG A HH22 1 
ATOM   265 N N    . LYS A 1 30 ? 9.866   3.358   -6.168  1.00 16.05 ? 108 LYS A N    1 
ATOM   266 C CA   . LYS A 1 30 ? 11.319  3.378   -5.991  1.00 16.95 ? 108 LYS A CA   1 
ATOM   267 C C    . LYS A 1 30 ? 11.851  2.103   -5.303  1.00 15.87 ? 108 LYS A C    1 
ATOM   268 O O    . LYS A 1 30 ? 12.837  1.506   -5.734  1.00 14.99 ? 108 LYS A O    1 
ATOM   269 C CB   . LYS A 1 30 ? 11.726  4.620   -5.207  1.00 19.50 ? 108 LYS A CB   1 
ATOM   270 C CG   . LYS A 1 30 ? 13.217  4.689   -4.924  1.00 26.98 ? 108 LYS A CG   1 
ATOM   271 C CD   . LYS A 1 30 ? 13.567  5.819   -3.965  1.00 32.74 ? 108 LYS A CD   1 
ATOM   272 C CE   . LYS A 1 30 ? 14.706  5.410   -3.021  1.00 36.59 ? 108 LYS A CE   1 
ATOM   273 N NZ   . LYS A 1 30 ? 14.365  4.238   -2.150  1.00 36.43 ? 108 LYS A NZ   1 
ATOM   274 H H    . LYS A 1 30 ? 9.349   4.053   -5.734  1.00 0.00  ? 108 LYS A H    1 
ATOM   275 H HZ1  . LYS A 1 30 ? 13.551  4.481   -1.564  1.00 0.00  ? 108 LYS A HZ1  1 
ATOM   276 H HZ2  . LYS A 1 30 ? 14.165  3.415   -2.747  1.00 0.00  ? 108 LYS A HZ2  1 
ATOM   277 H HZ3  . LYS A 1 30 ? 15.182  4.041   -1.538  1.00 0.00  ? 108 LYS A HZ3  1 
ATOM   278 N N    . PHE A 1 31 ? 11.137  1.629   -4.294  1.00 13.80 ? 109 PHE A N    1 
ATOM   279 C CA   . PHE A 1 31 ? 11.496  0.379   -3.627  1.00 11.07 ? 109 PHE A CA   1 
ATOM   280 C C    . PHE A 1 31 ? 11.353  -0.818  -4.543  1.00 9.79  ? 109 PHE A C    1 
ATOM   281 O O    . PHE A 1 31 ? 12.235  -1.644  -4.624  1.00 9.05  ? 109 PHE A O    1 
ATOM   282 C CB   . PHE A 1 31 ? 10.644  0.162   -2.379  1.00 9.30  ? 109 PHE A CB   1 
ATOM   283 C CG   . PHE A 1 31 ? 10.944  1.127   -1.295  1.00 11.63 ? 109 PHE A CG   1 
ATOM   284 C CD1  . PHE A 1 31 ? 12.256  1.409   -0.942  1.00 12.62 ? 109 PHE A CD1  1 
ATOM   285 C CD2  . PHE A 1 31 ? 9.915   1.693   -0.570  1.00 14.50 ? 109 PHE A CD2  1 
ATOM   286 C CE1  . PHE A 1 31 ? 12.533  2.223   0.138   1.00 12.77 ? 109 PHE A CE1  1 
ATOM   287 C CE2  . PHE A 1 31 ? 10.167  2.516   0.514   1.00 13.93 ? 109 PHE A CE2  1 
ATOM   288 C CZ   . PHE A 1 31 ? 11.490  2.775   0.877   1.00 14.10 ? 109 PHE A CZ   1 
ATOM   289 H H    . PHE A 1 31 ? 10.359  2.164   -4.050  1.00 0.00  ? 109 PHE A H    1 
ATOM   290 N N    . LEU A 1 32 ? 10.275  -0.844  -5.326  1.00 8.43  ? 110 LEU A N    1 
ATOM   291 C CA   . LEU A 1 32 ? 10.005  -1.956  -6.219  1.00 8.86  ? 110 LEU A CA   1 
ATOM   292 C C    . LEU A 1 32 ? 11.009  -2.021  -7.355  1.00 10.22 ? 110 LEU A C    1 
ATOM   293 O O    . LEU A 1 32 ? 11.420  -3.120  -7.745  1.00 8.99  ? 110 LEU A O    1 
ATOM   294 C CB   . LEU A 1 32 ? 8.595   -1.876  -6.792  1.00 7.98  ? 110 LEU A CB   1 
ATOM   295 C CG   . LEU A 1 32 ? 7.515   -2.166  -5.752  1.00 7.05  ? 110 LEU A CG   1 
ATOM   296 C CD1  . LEU A 1 32 ? 6.218   -1.533  -6.230  1.00 10.45 ? 110 LEU A CD1  1 
ATOM   297 C CD2  . LEU A 1 32 ? 7.353   -3.656  -5.553  1.00 3.62  ? 110 LEU A CD2  1 
ATOM   298 H H    . LEU A 1 32 ? 9.689   -0.070  -5.315  1.00 0.00  ? 110 LEU A H    1 
ATOM   299 N N    . GLU A 1 33 ? 11.358  -0.857  -7.913  1.00 9.94  ? 111 GLU A N    1 
ATOM   300 C CA   . GLU A 1 33 ? 12.381  -0.758  -8.956  1.00 13.93 ? 111 GLU A CA   1 
ATOM   301 C C    . GLU A 1 33 ? 13.746  -1.223  -8.439  1.00 14.78 ? 111 GLU A C    1 
ATOM   302 O O    . GLU A 1 33 ? 14.549  -1.726  -9.205  1.00 16.10 ? 111 GLU A O    1 
ATOM   303 C CB   . GLU A 1 33 ? 12.513  0.682   -9.461  1.00 16.04 ? 111 GLU A CB   1 
ATOM   304 C CG   . GLU A 1 33 ? 11.339  1.231   -10.292 1.00 21.14 ? 111 GLU A CG   1 
ATOM   305 C CD   . GLU A 1 33 ? 11.238  0.598   -11.674 1.00 27.14 ? 111 GLU A CD   1 
ATOM   306 O OE1  . GLU A 1 33 ? 11.683  -0.554  -11.839 1.00 31.29 ? 111 GLU A OE1  1 
ATOM   307 O OE2  . GLU A 1 33 ? 10.675  1.242   -12.594 1.00 27.84 ? 111 GLU A OE2  1 
ATOM   308 H H    . GLU A 1 33 ? 11.046  0.012   -7.604  1.00 0.00  ? 111 GLU A H    1 
ATOM   309 N N    . LYS A 1 34 ? 14.006  -1.034  -7.150  1.00 15.55 ? 112 LYS A N    1 
ATOM   310 C CA   . LYS A 1 34 ? 15.234  -1.528  -6.522  1.00 18.18 ? 112 LYS A CA   1 
ATOM   311 C C    . LYS A 1 34 ? 15.196  -3.031  -6.203  1.00 18.07 ? 112 LYS A C    1 
ATOM   312 O O    . LYS A 1 34 ? 16.155  -3.569  -5.667  1.00 18.96 ? 112 LYS A O    1 
ATOM   313 C CB   . LYS A 1 34 ? 15.553  -0.750  -5.232  1.00 20.33 ? 112 LYS A CB   1 
ATOM   314 C CG   . LYS A 1 34 ? 15.597  0.777   -5.366  1.00 26.65 ? 112 LYS A CG   1 
ATOM   315 C CD   . LYS A 1 34 ? 16.327  1.244   -6.639  1.00 29.55 ? 112 LYS A CD   1 
ATOM   316 C CE   . LYS A 1 34 ? 15.923  2.675   -7.059  1.00 31.52 ? 112 LYS A CE   1 
ATOM   317 N NZ   . LYS A 1 34 ? 14.653  2.738   -7.864  1.00 26.10 ? 112 LYS A NZ   1 
ATOM   318 H H    . LYS A 1 34 ? 13.336  -0.620  -6.603  1.00 0.00  ? 112 LYS A H    1 
ATOM   319 H HZ1  . LYS A 1 34 ? 14.768  2.168   -8.727  1.00 0.00  ? 112 LYS A HZ1  1 
ATOM   320 H HZ2  . LYS A 1 34 ? 13.887  2.355   -7.281  1.00 0.00  ? 112 LYS A HZ2  1 
ATOM   321 H HZ3  . LYS A 1 34 ? 14.472  3.723   -8.118  1.00 0.00  ? 112 LYS A HZ3  1 
ATOM   322 N N    . GLY A 1 35 ? 14.048  -3.678  -6.430  1.00 16.98 ? 113 GLY A N    1 
ATOM   323 C CA   . GLY A 1 35 ? 13.938  -5.125  -6.252  1.00 13.36 ? 113 GLY A CA   1 
ATOM   324 C C    . GLY A 1 35 ? 13.366  -5.537  -4.905  1.00 14.55 ? 113 GLY A C    1 
ATOM   325 O O    . GLY A 1 35 ? 13.334  -6.728  -4.530  1.00 14.78 ? 113 GLY A O    1 
ATOM   326 H H    . GLY A 1 35 ? 13.348  -3.193  -6.897  1.00 0.00  ? 113 GLY A H    1 
ATOM   327 N N    . ASP A 1 36 ? 12.955  -4.548  -4.111  1.00 12.53 ? 114 ASP A N    1 
ATOM   328 C CA   . ASP A 1 36 ? 12.431  -4.845  -2.794  1.00 11.88 ? 114 ASP A CA   1 
ATOM   329 C C    . ASP A 1 36 ? 10.931  -4.937  -2.775  1.00 13.53 ? 114 ASP A C    1 
ATOM   330 O O    . ASP A 1 36 ? 10.254  -4.416  -3.654  1.00 13.62 ? 114 ASP A O    1 
ATOM   331 C CB   . ASP A 1 36 ? 12.881  -3.820  -1.772  1.00 12.76 ? 114 ASP A CB   1 
ATOM   332 C CG   . ASP A 1 36 ? 14.359  -3.954  -1.434  1.00 14.48 ? 114 ASP A CG   1 
ATOM   333 O OD1  . ASP A 1 36 ? 14.943  -5.062  -1.532  1.00 19.52 ? 114 ASP A OD1  1 
ATOM   334 O OD2  . ASP A 1 36 ? 14.934  -2.923  -1.094  1.00 18.28 ? 114 ASP A OD2  1 
ATOM   335 H H    . ASP A 1 36 ? 13.062  -3.622  -4.468  1.00 0.00  ? 114 ASP A H    1 
ATOM   336 N N    . LYS A 1 37 ? 10.420  -5.764  -1.876  1.00 13.84 ? 115 LYS A N    1 
ATOM   337 C CA   . LYS A 1 37 ? 8.977   -5.878  -1.754  1.00 12.52 ? 115 LYS A CA   1 
ATOM   338 C C    . LYS A 1 37 ? 8.444   -4.724  -0.929  1.00 9.34  ? 115 LYS A C    1 
ATOM   339 O O    . LYS A 1 37 ? 9.194   -4.030  -0.245  1.00 9.03  ? 115 LYS A O    1 
ATOM   340 C CB   . LYS A 1 37 ? 8.581   -7.208  -1.136  1.00 11.39 ? 115 LYS A CB   1 
ATOM   341 C CG   . LYS A 1 37 ? 8.831   -8.371  -2.050  1.00 13.85 ? 115 LYS A CG   1 
ATOM   342 C CD   . LYS A 1 37 ? 8.435   -9.645  -1.361  1.00 14.94 ? 115 LYS A CD   1 
ATOM   343 C CE   . LYS A 1 37 ? 8.745   -10.802 -2.249  1.00 15.10 ? 115 LYS A CE   1 
ATOM   344 N NZ   . LYS A 1 37 ? 8.379   -12.052 -1.574  1.00 16.84 ? 115 LYS A NZ   1 
ATOM   345 H H    . LYS A 1 37 ? 11.040  -6.223  -1.274  1.00 0.00  ? 115 LYS A H    1 
ATOM   346 H HZ1  . LYS A 1 37 ? 8.922   -12.167 -0.706  1.00 0.00  ? 115 LYS A HZ1  1 
ATOM   347 H HZ2  . LYS A 1 37 ? 7.354   -12.080 -1.409  1.00 0.00  ? 115 LYS A HZ2  1 
ATOM   348 H HZ3  . LYS A 1 37 ? 8.590   -12.831 -2.221  1.00 0.00  ? 115 LYS A HZ3  1 
ATOM   349 N N    . VAL A 1 38 ? 7.170   -4.445  -1.098  1.00 10.84 ? 116 VAL A N    1 
ATOM   350 C CA   . VAL A 1 38 ? 6.555   -3.307  -0.415  1.00 10.14 ? 116 VAL A CA   1 
ATOM   351 C C    . VAL A 1 38 ? 5.308   -3.748  0.367   1.00 7.46  ? 116 VAL A C    1 
ATOM   352 O O    . VAL A 1 38 ? 4.382   -4.331  -0.173  1.00 7.64  ? 116 VAL A O    1 
ATOM   353 C CB   . VAL A 1 38 ? 6.188   -2.147  -1.429  1.00 10.98 ? 116 VAL A CB   1 
ATOM   354 C CG1  . VAL A 1 38 ? 5.421   -1.063  -0.713  1.00 11.74 ? 116 VAL A CG1  1 
ATOM   355 C CG2  . VAL A 1 38 ? 7.471   -1.520  -2.034  1.00 9.84  ? 116 VAL A CG2  1 
ATOM   356 H H    . VAL A 1 38 ? 6.652   -5.002  -1.700  1.00 0.00  ? 116 VAL A H    1 
ATOM   357 N N    . LYS A 1 39 ? 5.307   -3.456  1.661   1.00 9.26  ? 117 LYS A N    1 
ATOM   358 C CA   . LYS A 1 39 ? 4.134   -3.679  2.483   1.00 9.73  ? 117 LYS A CA   1 
ATOM   359 C C    . LYS A 1 39 ? 3.514   -2.316  2.754   1.00 9.31  ? 117 LYS A C    1 
ATOM   360 O O    . LYS A 1 39 ? 4.170   -1.451  3.312   1.00 8.75  ? 117 LYS A O    1 
ATOM   361 C CB   . LYS A 1 39 ? 4.502   -4.360  3.799   1.00 11.26 ? 117 LYS A CB   1 
ATOM   362 C CG   . LYS A 1 39 ? 3.291   -4.606  4.699   1.00 13.83 ? 117 LYS A CG   1 
ATOM   363 C CD   . LYS A 1 39 ? 3.692   -4.992  6.113   1.00 16.84 ? 117 LYS A CD   1 
ATOM   364 C CE   . LYS A 1 39 ? 2.460   -5.264  6.992   1.00 20.32 ? 117 LYS A CE   1 
ATOM   365 N NZ   . LYS A 1 39 ? 2.709   -5.730  8.405   1.00 23.52 ? 117 LYS A NZ   1 
ATOM   366 H H    . LYS A 1 39 ? 6.105   -3.000  2.027   1.00 0.00  ? 117 LYS A H    1 
ATOM   367 H HZ1  . LYS A 1 39 ? 3.286   -5.014  8.902   1.00 0.00  ? 117 LYS A HZ1  1 
ATOM   368 H HZ2  . LYS A 1 39 ? 1.806   -5.815  8.919   1.00 0.00  ? 117 LYS A HZ2  1 
ATOM   369 H HZ3  . LYS A 1 39 ? 3.229   -6.633  8.431   1.00 0.00  ? 117 LYS A HZ3  1 
ATOM   370 N N    . ALA A 1 40 ? 2.344   -2.077  2.153   1.00 9.50  ? 118 ALA A N    1 
ATOM   371 C CA   . ALA A 1 40 ? 1.620   -0.806  2.293   1.00 9.35  ? 118 ALA A CA   1 
ATOM   372 C C    . ALA A 1 40 ? 0.617   -0.962  3.406   1.00 10.32 ? 118 ALA A C    1 
ATOM   373 O O    . ALA A 1 40 ? -0.237  -1.836  3.334   1.00 10.40 ? 118 ALA A O    1 
ATOM   374 C CB   . ALA A 1 40 ? 0.891   -0.460  1.008   1.00 6.15  ? 118 ALA A CB   1 
ATOM   375 H H    . ALA A 1 40 ? 1.998   -2.788  1.572   1.00 0.00  ? 118 ALA A H    1 
ATOM   376 N N    . THR A 1 41 ? 0.750   -0.156  4.445   1.00 9.87  ? 119 THR A N    1 
ATOM   377 C CA   . THR A 1 41 ? -0.088  -0.315  5.621   1.00 13.42 ? 119 THR A CA   1 
ATOM   378 C C    . THR A 1 41 ? -0.902  0.931   6.001   1.00 13.24 ? 119 THR A C    1 
ATOM   379 O O    . THR A 1 41 ? -0.442  2.046   5.902   1.00 12.28 ? 119 THR A O    1 
ATOM   380 C CB   . THR A 1 41 ? 0.744   -0.763  6.855   1.00 14.57 ? 119 THR A CB   1 
ATOM   381 O OG1  . THR A 1 41 ? 1.626   -1.827  6.478   1.00 19.60 ? 119 THR A OG1  1 
ATOM   382 C CG2  . THR A 1 41 ? -0.176  -1.294  7.933   1.00 18.23 ? 119 THR A CG2  1 
ATOM   383 H H    . THR A 1 41 ? 1.469   0.528   4.417   1.00 0.00  ? 119 THR A H    1 
ATOM   384 H HG1  . THR A 1 41 ? 2.270   -1.533  5.821   1.00 0.00  ? 119 THR A HG1  1 
ATOM   385 N N    . ILE A 1 42 ? -2.135  0.698   6.425   1.00 13.58 ? 120 ILE A N    1 
ATOM   386 C CA   . ILE A 1 42 ? -3.009  1.728   6.966   1.00 14.88 ? 120 ILE A CA   1 
ATOM   387 C C    . ILE A 1 42 ? -3.380  1.351   8.408   1.00 15.47 ? 120 ILE A C    1 
ATOM   388 O O    . ILE A 1 42 ? -3.936  0.285   8.643   1.00 13.40 ? 120 ILE A O    1 
ATOM   389 C CB   . ILE A 1 42 ? -4.313  1.840   6.123   1.00 16.52 ? 120 ILE A CB   1 
ATOM   390 C CG1  . ILE A 1 42 ? -3.988  2.333   4.702   1.00 14.87 ? 120 ILE A CG1  1 
ATOM   391 C CG2  . ILE A 1 42 ? -5.312  2.769   6.816   1.00 16.03 ? 120 ILE A CG2  1 
ATOM   392 C CD1  . ILE A 1 42 ? -5.149  2.201   3.777   1.00 14.91 ? 120 ILE A CD1  1 
ATOM   393 H H    . ILE A 1 42 ? -2.408  -0.240  6.508   1.00 0.00  ? 120 ILE A H    1 
ATOM   394 N N    . ARG A 1 43 ? -2.994  2.182   9.374   1.00 15.44 ? 121 ARG A N    1 
ATOM   395 C CA   . ARG A 1 43 ? -3.360  1.918   10.756  1.00 20.43 ? 121 ARG A CA   1 
ATOM   396 C C    . ARG A 1 43 ? -4.570  2.787   11.103  1.00 21.42 ? 121 ARG A C    1 
ATOM   397 O O    . ARG A 1 43 ? -4.524  4.028   11.029  1.00 23.74 ? 121 ARG A O    1 
ATOM   398 C CB   . ARG A 1 43 ? -2.196  2.176   11.733  1.00 23.44 ? 121 ARG A CB   1 
ATOM   399 C CG   . ARG A 1 43 ? -2.476  1.680   13.176  1.00 32.86 ? 121 ARG A CG   1 
ATOM   400 C CD   . ARG A 1 43 ? -1.278  1.819   14.157  1.00 38.52 ? 121 ARG A CD   1 
ATOM   401 N NE   . ARG A 1 43 ? -0.206  0.834   13.936  1.00 42.58 ? 121 ARG A NE   1 
ATOM   402 C CZ   . ARG A 1 43 ? -0.226  -0.430  14.349  1.00 43.58 ? 121 ARG A CZ   1 
ATOM   403 N NH1  . ARG A 1 43 ? -1.343  -0.971  14.827  1.00 45.56 ? 121 ARG A NH1  1 
ATOM   404 N NH2  . ARG A 1 43 ? 0.830   -1.202  14.141  1.00 45.51 ? 121 ARG A NH2  1 
ATOM   405 H H    . ARG A 1 43 ? -2.504  2.998   9.138   1.00 0.00  ? 121 ARG A H    1 
ATOM   406 H HE   . ARG A 1 43 ? 0.634   1.163   13.562  1.00 0.00  ? 121 ARG A HE   1 
ATOM   407 H HH11 . ARG A 1 43 ? -2.151  -0.416  15.016  1.00 0.00  ? 121 ARG A HH11 1 
ATOM   408 H HH12 . ARG A 1 43 ? -1.351  -1.945  15.090  1.00 0.00  ? 121 ARG A HH12 1 
ATOM   409 H HH21 . ARG A 1 43 ? 1.641   -0.842  13.682  1.00 0.00  ? 121 ARG A HH21 1 
ATOM   410 H HH22 . ARG A 1 43 ? 0.779   -2.185  14.340  1.00 0.00  ? 121 ARG A HH22 1 
ATOM   411 N N    . PHE A 1 44 ? -5.703  2.118   11.314  1.00 20.48 ? 122 PHE A N    1 
ATOM   412 C CA   . PHE A 1 44 ? -6.959  2.800   11.552  1.00 22.57 ? 122 PHE A CA   1 
ATOM   413 C C    . PHE A 1 44 ? -7.093  3.309   12.979  1.00 24.27 ? 122 PHE A C    1 
ATOM   414 O O    . PHE A 1 44 ? -6.719  2.624   13.927  1.00 24.79 ? 122 PHE A O    1 
ATOM   415 C CB   . PHE A 1 44 ? -8.101  1.859   11.230  1.00 20.89 ? 122 PHE A CB   1 
ATOM   416 C CG   . PHE A 1 44 ? -8.209  1.542   9.786   1.00 21.85 ? 122 PHE A CG   1 
ATOM   417 C CD1  . PHE A 1 44 ? -8.398  2.567   8.859   1.00 23.46 ? 122 PHE A CD1  1 
ATOM   418 C CD2  . PHE A 1 44 ? -8.128  0.238   9.338   1.00 22.65 ? 122 PHE A CD2  1 
ATOM   419 C CE1  . PHE A 1 44 ? -8.512  2.290   7.511   1.00 22.80 ? 122 PHE A CE1  1 
ATOM   420 C CE2  . PHE A 1 44 ? -8.252  -0.047  7.992   1.00 22.50 ? 122 PHE A CE2  1 
ATOM   421 C CZ   . PHE A 1 44 ? -8.441  0.986   7.076   1.00 21.54 ? 122 PHE A CZ   1 
ATOM   422 H H    . PHE A 1 44 ? -5.662  1.140   11.307  1.00 0.00  ? 122 PHE A H    1 
ATOM   423 N N    . LYS A 1 45 ? -7.510  4.565   13.110  1.00 24.63 ? 123 LYS A N    1 
ATOM   424 C CA   . LYS A 1 45 ? -7.833  5.169   14.406  1.00 26.47 ? 123 LYS A CA   1 
ATOM   425 C C    . LYS A 1 45 ? -9.352  5.208   14.547  1.00 23.52 ? 123 LYS A C    1 
ATOM   426 O O    . LYS A 1 45 ? -10.059 5.458   13.577  1.00 23.92 ? 123 LYS A O    1 
ATOM   427 C CB   . LYS A 1 45 ? -7.246  6.588   14.511  1.00 29.47 ? 123 LYS A CB   1 
ATOM   428 C CG   . LYS A 1 45 ? -5.735  6.666   14.275  1.00 35.55 ? 123 LYS A CG   1 
ATOM   429 C CD   . LYS A 1 45 ? -4.948  5.675   15.174  1.00 39.61 ? 123 LYS A CD   1 
ATOM   430 C CE   . LYS A 1 45 ? -3.434  5.714   14.903  1.00 41.09 ? 123 LYS A CE   1 
ATOM   431 N NZ   . LYS A 1 45 ? -3.087  5.389   13.485  1.00 43.78 ? 123 LYS A NZ   1 
ATOM   432 H H    . LYS A 1 45 ? -7.710  5.068   12.312  1.00 0.00  ? 123 LYS A H    1 
ATOM   433 H HZ1  . LYS A 1 45 ? -3.541  6.067   12.835  1.00 0.00  ? 123 LYS A HZ1  1 
ATOM   434 H HZ2  . LYS A 1 45 ? -2.057  5.449   13.340  1.00 0.00  ? 123 LYS A HZ2  1 
ATOM   435 H HZ3  . LYS A 1 45 ? -3.419  4.433   13.259  1.00 0.00  ? 123 LYS A HZ3  1 
ATOM   436 N N    . GLY A 1 46 ? -9.846  4.753   15.684  1.00 21.81 ? 124 GLY A N    1 
ATOM   437 C CA   . GLY A 1 46 ? -11.276 4.716   15.892  1.00 21.52 ? 124 GLY A CA   1 
ATOM   438 C C    . GLY A 1 46 ? -12.013 3.672   15.077  1.00 19.66 ? 124 GLY A C    1 
ATOM   439 O O    . GLY A 1 46 ? -11.414 2.902   14.336  1.00 20.79 ? 124 GLY A O    1 
ATOM   440 H H    . GLY A 1 46 ? -9.246  4.465   16.407  1.00 0.00  ? 124 GLY A H    1 
ATOM   441 N N    . ARG A 1 47 ? -13.332 3.695   15.159  1.00 19.55 ? 125 ARG A N    1 
ATOM   442 C CA   . ARG A 1 47 ? -14.137 2.653   14.557  1.00 19.50 ? 125 ARG A CA   1 
ATOM   443 C C    . ARG A 1 47 ? -15.144 3.191   13.533  1.00 18.92 ? 125 ARG A C    1 
ATOM   444 O O    . ARG A 1 47 ? -16.314 2.805   13.525  1.00 19.08 ? 125 ARG A O    1 
ATOM   445 C CB   . ARG A 1 47 ? -14.884 1.883   15.657  1.00 21.13 ? 125 ARG A CB   1 
ATOM   446 C CG   . ARG A 1 47 ? -13.975 1.168   16.654  1.00 23.44 ? 125 ARG A CG   1 
ATOM   447 C CD   . ARG A 1 47 ? -13.211 0.015   15.988  1.00 23.21 ? 125 ARG A CD   1 
ATOM   448 N NE   . ARG A 1 47 ? -12.303 -0.654  16.922  1.00 23.41 ? 125 ARG A NE   1 
ATOM   449 C CZ   . ARG A 1 47 ? -11.970 -1.936  16.848  1.00 23.80 ? 125 ARG A CZ   1 
ATOM   450 N NH1  . ARG A 1 47 ? -12.462 -2.685  15.881  1.00 21.64 ? 125 ARG A NH1  1 
ATOM   451 N NH2  . ARG A 1 47 ? -11.152 -2.472  17.742  1.00 23.26 ? 125 ARG A NH2  1 
ATOM   452 H H    . ARG A 1 47 ? -13.734 4.383   15.714  1.00 0.00  ? 125 ARG A H    1 
ATOM   453 H HE   . ARG A 1 47 ? -11.946 -0.134  17.650  1.00 0.00  ? 125 ARG A HE   1 
ATOM   454 H HH11 . ARG A 1 47 ? -13.118 -2.298  15.248  1.00 0.00  ? 125 ARG A HH11 1 
ATOM   455 H HH12 . ARG A 1 47 ? -12.253 -3.656  15.900  1.00 0.00  ? 125 ARG A HH12 1 
ATOM   456 H HH21 . ARG A 1 47 ? -10.804 -1.907  18.474  1.00 0.00  ? 125 ARG A HH21 1 
ATOM   457 H HH22 . ARG A 1 47 ? -10.934 -3.443  17.770  1.00 0.00  ? 125 ARG A HH22 1 
ATOM   458 N N    . ALA A 1 48 ? -14.696 4.049   12.630  1.00 19.60 ? 126 ALA A N    1 
ATOM   459 C CA   . ALA A 1 48 ? -15.608 4.510   11.573  1.00 18.39 ? 126 ALA A CA   1 
ATOM   460 C C    . ALA A 1 48 ? -16.198 3.348   10.788  1.00 18.32 ? 126 ALA A C    1 
ATOM   461 O O    . ALA A 1 48 ? -15.502 2.393   10.445  1.00 18.35 ? 126 ALA A O    1 
ATOM   462 C CB   . ALA A 1 48 ? -14.910 5.464   10.647  1.00 18.37 ? 126 ALA A CB   1 
ATOM   463 H H    . ALA A 1 48 ? -13.774 4.374   12.691  1.00 0.00  ? 126 ALA A H    1 
ATOM   464 N N    . ILE A 1 49 ? -17.462 3.486   10.424  1.00 18.86 ? 127 ILE A N    1 
ATOM   465 C CA   . ILE A 1 49 ? -18.199 2.422   9.733   1.00 18.16 ? 127 ILE A CA   1 
ATOM   466 C C    . ILE A 1 49 ? -17.676 2.226   8.309   1.00 17.38 ? 127 ILE A C    1 
ATOM   467 O O    . ILE A 1 49 ? -17.998 1.256   7.632   1.00 17.14 ? 127 ILE A O    1 
ATOM   468 C CB   . ILE A 1 49 ? -19.743 2.730   9.689   1.00 19.15 ? 127 ILE A CB   1 
ATOM   469 C CG1  . ILE A 1 49 ? -20.013 4.041   8.960   1.00 19.12 ? 127 ILE A CG1  1 
ATOM   470 C CG2  . ILE A 1 49 ? -20.320 2.826   11.118  1.00 18.62 ? 127 ILE A CG2  1 
ATOM   471 C CD1  . ILE A 1 49 ? -21.490 4.364   8.873   1.00 21.49 ? 127 ILE A CD1  1 
ATOM   472 H H    . ILE A 1 49 ? -17.963 4.275   10.761  1.00 0.00  ? 127 ILE A H    1 
ATOM   473 N N    . THR A 1 50 ? -16.862 3.176   7.860   1.00 16.32 ? 128 THR A N    1 
ATOM   474 C CA   . THR A 1 50 ? -16.453 3.246   6.460   1.00 17.71 ? 128 THR A CA   1 
ATOM   475 C C    . THR A 1 50 ? -14.953 2.915   6.259   1.00 16.65 ? 128 THR A C    1 
ATOM   476 O O    . THR A 1 50 ? -14.462 2.839   5.134   1.00 14.61 ? 128 THR A O    1 
ATOM   477 C CB   . THR A 1 50 ? -16.792 4.647   5.909   1.00 19.38 ? 128 THR A CB   1 
ATOM   478 O OG1  . THR A 1 50 ? -16.789 4.611   4.482   1.00 28.80 ? 128 THR A OG1  1 
ATOM   479 C CG2  . THR A 1 50 ? -15.825 5.680   6.413   1.00 16.08 ? 128 THR A CG2  1 
ATOM   480 H H    . THR A 1 50 ? -16.661 3.912   8.476   1.00 0.00  ? 128 THR A H    1 
ATOM   481 H HG1  . THR A 1 50 ? -17.092 5.463   4.147   1.00 0.00  ? 128 THR A HG1  1 
ATOM   482 N N    . HIS A 1 51 ? -14.280 2.591   7.361   1.00 16.16 ? 129 HIS A N    1 
ATOM   483 C CA   . HIS A 1 51 ? -12.835 2.343   7.366   1.00 17.55 ? 129 HIS A CA   1 
ATOM   484 C C    . HIS A 1 51 ? -12.346 1.265   6.423   1.00 16.53 ? 129 HIS A C    1 
ATOM   485 O O    . HIS A 1 51 ? -11.392 1.507   5.687   1.00 15.50 ? 129 HIS A O    1 
ATOM   486 C CB   . HIS A 1 51 ? -12.355 2.038   8.786   1.00 19.04 ? 129 HIS A CB   1 
ATOM   487 C CG   . HIS A 1 51 ? -11.923 3.246   9.547   1.00 18.62 ? 129 HIS A CG   1 
ATOM   488 N ND1  . HIS A 1 51 ? -11.701 3.240   10.906  1.00 20.43 ? 129 HIS A ND1  1 
ATOM   489 C CD2  . HIS A 1 51 ? -11.669 4.515   9.129   1.00 19.29 ? 129 HIS A CD2  1 
ATOM   490 C CE1  . HIS A 1 51 ? -11.335 4.443   11.298  1.00 20.17 ? 129 HIS A CE1  1 
ATOM   491 N NE2  . HIS A 1 51 ? -11.305 5.242   10.235  1.00 18.64 ? 129 HIS A NE2  1 
ATOM   492 H H    . HIS A 1 51 ? -14.772 2.625   8.217   1.00 0.00  ? 129 HIS A H    1 
ATOM   493 H HD1  . HIS A 1 51 ? -11.868 2.488   11.523  1.00 0.00  ? 129 HIS A HD1  1 
ATOM   494 H HE2  . HIS A 1 51 ? -11.020 6.184   10.239  1.00 0.00  ? 129 HIS A HE2  1 
ATOM   495 N N    . LYS A 1 52 ? -12.970 0.091   6.461   1.00 18.33 ? 130 LYS A N    1 
ATOM   496 C CA   . LYS A 1 52 ? -12.566 -1.022  5.600   1.00 22.86 ? 130 LYS A CA   1 
ATOM   497 C C    . LYS A 1 52 ? -12.731 -0.676  4.117   1.00 23.79 ? 130 LYS A C    1 
ATOM   498 O O    . LYS A 1 52 ? -11.953 -1.096  3.266   1.00 23.74 ? 130 LYS A O    1 
ATOM   499 C CB   . LYS A 1 52 ? -13.392 -2.259  5.914   1.00 26.05 ? 130 LYS A CB   1 
ATOM   500 C CG   . LYS A 1 52 ? -12.650 -3.572  5.669   1.00 34.58 ? 130 LYS A CG   1 
ATOM   501 C CD   . LYS A 1 52 ? -13.498 -4.579  4.894   1.00 39.92 ? 130 LYS A CD   1 
ATOM   502 C CE   . LYS A 1 52 ? -13.785 -4.103  3.455   1.00 44.10 ? 130 LYS A CE   1 
ATOM   503 N NZ   . LYS A 1 52 ? -12.542 -3.883  2.641   1.00 45.20 ? 130 LYS A NZ   1 
ATOM   504 H H    . LYS A 1 52 ? -13.755 -0.023  7.045   1.00 0.00  ? 130 LYS A H    1 
ATOM   505 H HZ1  . LYS A 1 52 ? -11.973 -4.753  2.574   1.00 0.00  ? 130 LYS A HZ1  1 
ATOM   506 H HZ2  . LYS A 1 52 ? -12.808 -3.575  1.686   1.00 0.00  ? 130 LYS A HZ2  1 
ATOM   507 H HZ3  . LYS A 1 52 ? -11.968 -3.139  3.087   1.00 0.00  ? 130 LYS A HZ3  1 
ATOM   508 N N    . GLU A 1 53 ? -13.776 0.087   3.821   1.00 25.14 ? 131 GLU A N    1 
ATOM   509 C CA   . GLU A 1 53 ? -14.057 0.532   2.471   1.00 24.65 ? 131 GLU A CA   1 
ATOM   510 C C    . GLU A 1 53 ? -13.028 1.521   1.959   1.00 22.21 ? 131 GLU A C    1 
ATOM   511 O O    . GLU A 1 53 ? -12.530 1.380   0.854   1.00 24.73 ? 131 GLU A O    1 
ATOM   512 C CB   . GLU A 1 53 ? -15.467 1.148   2.413   1.00 28.35 ? 131 GLU A CB   1 
ATOM   513 C CG   . GLU A 1 53 ? -16.564 0.173   2.880   1.00 33.32 ? 131 GLU A CG   1 
ATOM   514 C CD   . GLU A 1 53 ? -17.077 0.460   4.296   1.00 36.51 ? 131 GLU A CD   1 
ATOM   515 O OE1  . GLU A 1 53 ? -16.447 0.012   5.296   1.00 28.77 ? 131 GLU A OE1  1 
ATOM   516 O OE2  . GLU A 1 53 ? -18.150 1.124   4.378   1.00 37.56 ? 131 GLU A OE2  1 
ATOM   517 H H    . GLU A 1 53 ? -14.351 0.390   4.554   1.00 0.00  ? 131 GLU A H    1 
ATOM   518 N N    . ILE A 1 54 ? -12.620 2.477   2.779   1.00 20.03 ? 132 ILE A N    1 
ATOM   519 C CA   . ILE A 1 54 ? -11.673 3.461   2.287   1.00 19.85 ? 132 ILE A CA   1 
ATOM   520 C C    . ILE A 1 54 ? -10.240 2.952   2.341   1.00 18.77 ? 132 ILE A C    1 
ATOM   521 O O    . ILE A 1 54 ? -9.426  3.336   1.517   1.00 15.39 ? 132 ILE A O    1 
ATOM   522 C CB   . ILE A 1 54 ? -11.799 4.815   3.041   1.00 20.80 ? 132 ILE A CB   1 
ATOM   523 C CG1  . ILE A 1 54 ? -11.025 4.791   4.356   1.00 21.27 ? 132 ILE A CG1  1 
ATOM   524 C CG2  . ILE A 1 54 ? -13.239 5.070   3.400   1.00 24.64 ? 132 ILE A CG2  1 
ATOM   525 C CD1  . ILE A 1 54 ? -9.709  5.501   4.307   1.00 22.62 ? 132 ILE A CD1  1 
ATOM   526 H H    . ILE A 1 54 ? -13.022 2.547   3.673   1.00 0.00  ? 132 ILE A H    1 
ATOM   527 N N    . GLY A 1 55 ? -9.944  2.071   3.298   1.00 16.53 ? 133 GLY A N    1 
ATOM   528 C CA   . GLY A 1 55 ? -8.635  1.440   3.346   1.00 13.57 ? 133 GLY A CA   1 
ATOM   529 C C    . GLY A 1 55 ? -8.422  0.574   2.125   1.00 13.03 ? 133 GLY A C    1 
ATOM   530 O O    . GLY A 1 55 ? -7.427  0.685   1.423   1.00 14.39 ? 133 GLY A O    1 
ATOM   531 H H    . GLY A 1 55 ? -10.642 1.791   3.931   1.00 0.00  ? 133 GLY A H    1 
ATOM   532 N N    . GLN A 1 56 ? -9.495  -0.085  1.730   1.00 13.02 ? 134 GLN A N    1 
ATOM   533 C CA   . GLN A 1 56 ? -9.502  -0.920  0.545   1.00 15.27 ? 134 GLN A CA   1 
ATOM   534 C C    . GLN A 1 56 ? -9.248  -0.065  -0.684  1.00 17.80 ? 134 GLN A C    1 
ATOM   535 O O    . GLN A 1 56 ? -8.409  -0.373  -1.531  1.00 18.56 ? 134 GLN A O    1 
ATOM   536 C CB   . GLN A 1 56 ? -10.871 -1.595  0.436   1.00 20.66 ? 134 GLN A CB   1 
ATOM   537 C CG   . GLN A 1 56 ? -11.093 -2.378  -0.808  1.00 28.12 ? 134 GLN A CG   1 
ATOM   538 C CD   . GLN A 1 56 ? -10.583 -3.787  -0.677  1.00 33.09 ? 134 GLN A CD   1 
ATOM   539 O OE1  . GLN A 1 56 ? -10.708 -4.399  0.387   1.00 37.15 ? 134 GLN A OE1  1 
ATOM   540 N NE2  . GLN A 1 56 ? -9.981  -4.303  -1.725  1.00 35.52 ? 134 GLN A NE2  1 
ATOM   541 H H    . GLN A 1 56 ? -10.295 -0.067  2.294   1.00 0.00  ? 134 GLN A H    1 
ATOM   542 H HE21 . GLN A 1 56 ? -9.657  -5.209  -1.592  1.00 0.00  ? 134 GLN A HE21 1 
ATOM   543 H HE22 . GLN A 1 56 ? -9.875  -3.760  -2.518  1.00 0.00  ? 134 GLN A HE22 1 
ATOM   544 N N    . ARG A 1 57 ? -9.960  1.053   -0.750  1.00 17.42 ? 135 ARG A N    1 
ATOM   545 C CA   . ARG A 1 57 ? -9.887  1.946   -1.888  1.00 16.03 ? 135 ARG A CA   1 
ATOM   546 C C    . ARG A 1 57 ? -8.535  2.622   -2.017  1.00 12.99 ? 135 ARG A C    1 
ATOM   547 O O    . ARG A 1 57 ? -8.049  2.821   -3.120  1.00 15.02 ? 135 ARG A O    1 
ATOM   548 C CB   . ARG A 1 57 ? -10.972 3.004   -1.814  1.00 19.85 ? 135 ARG A CB   1 
ATOM   549 C CG   . ARG A 1 57 ? -12.387 2.471   -2.052  1.00 27.17 ? 135 ARG A CG   1 
ATOM   550 C CD   . ARG A 1 57 ? -12.560 1.867   -3.443  1.00 32.96 ? 135 ARG A CD   1 
ATOM   551 N NE   . ARG A 1 57 ? -12.177 2.747   -4.564  1.00 37.72 ? 135 ARG A NE   1 
ATOM   552 C CZ   . ARG A 1 57 ? -12.983 3.675   -5.092  1.00 39.03 ? 135 ARG A CZ   1 
ATOM   553 N NH1  . ARG A 1 57 ? -14.296 3.561   -4.931  1.00 38.05 ? 135 ARG A NH1  1 
ATOM   554 N NH2  . ARG A 1 57 ? -12.493 4.629   -5.880  1.00 39.67 ? 135 ARG A NH2  1 
ATOM   555 H H    . ARG A 1 57 ? -10.643 1.229   -0.067  1.00 0.00  ? 135 ARG A H    1 
ATOM   556 H HE   . ARG A 1 57 ? -11.222 2.793   -4.844  1.00 0.00  ? 135 ARG A HE   1 
ATOM   557 H HH11 . ARG A 1 57 ? -14.608 2.920   -4.200  1.00 0.00  ? 135 ARG A HH11 1 
ATOM   558 H HH12 . ARG A 1 57 ? -14.915 4.218   -5.295  1.00 0.00  ? 135 ARG A HH12 1 
ATOM   559 H HH21 . ARG A 1 57 ? -11.508 4.693   -6.044  1.00 0.00  ? 135 ARG A HH21 1 
ATOM   560 H HH22 . ARG A 1 57 ? -13.127 5.242   -6.357  1.00 0.00  ? 135 ARG A HH22 1 
ATOM   561 N N    . VAL A 1 58 ? -7.942  3.023   -0.898  1.00 11.93 ? 136 VAL A N    1 
ATOM   562 C CA   . VAL A 1 58 ? -6.606  3.622   -0.944  1.00 12.89 ? 136 VAL A CA   1 
ATOM   563 C C    . VAL A 1 58 ? -5.525  2.607   -1.420  1.00 13.10 ? 136 VAL A C    1 
ATOM   564 O O    . VAL A 1 58 ? -4.696  2.898   -2.281  1.00 10.34 ? 136 VAL A O    1 
ATOM   565 C CB   . VAL A 1 58 ? -6.223  4.197   0.443   1.00 13.57 ? 136 VAL A CB   1 
ATOM   566 C CG1  . VAL A 1 58 ? -4.770  4.633   0.465   1.00 12.69 ? 136 VAL A CG1  1 
ATOM   567 C CG2  . VAL A 1 58 ? -7.104  5.384   0.764   1.00 14.24 ? 136 VAL A CG2  1 
ATOM   568 H H    . VAL A 1 58 ? -8.400  2.897   -0.045  1.00 0.00  ? 136 VAL A H    1 
ATOM   569 N N    . LEU A 1 59 ? -5.586  1.386   -0.887  1.00 13.10 ? 137 LEU A N    1 
ATOM   570 C CA   . LEU A 1 59 ? -4.633  0.341   -1.243  1.00 12.37 ? 137 LEU A CA   1 
ATOM   571 C C    . LEU A 1 59 ? -4.842  -0.194  -2.673  1.00 11.49 ? 137 LEU A C    1 
ATOM   572 O O    . LEU A 1 59 ? -3.868  -0.437  -3.396  1.00 12.22 ? 137 LEU A O    1 
ATOM   573 C CB   . LEU A 1 59 ? -4.687  -0.799  -0.214  1.00 10.54 ? 137 LEU A CB   1 
ATOM   574 C CG   . LEU A 1 59 ? -4.313  -0.420  1.225   1.00 9.76  ? 137 LEU A CG   1 
ATOM   575 C CD1  . LEU A 1 59 ? -4.425  -1.643  2.120   1.00 11.00 ? 137 LEU A CD1  1 
ATOM   576 C CD2  . LEU A 1 59 ? -2.911  0.138   1.268   1.00 10.16 ? 137 LEU A CD2  1 
ATOM   577 H H    . LEU A 1 59 ? -6.259  1.200   -0.202  1.00 0.00  ? 137 LEU A H    1 
ATOM   578 N N    . ASP A 1 60 ? -6.091  -0.280  -3.124  1.00 9.25  ? 138 ASP A N    1 
ATOM   579 C CA   . ASP A 1 60 ? -6.359  -0.667  -4.503  1.00 10.41 ? 138 ASP A CA   1 
ATOM   580 C C    . ASP A 1 60 ? -5.809  0.350   -5.494  1.00 9.95  ? 138 ASP A C    1 
ATOM   581 O O    . ASP A 1 60 ? -5.321  -0.013  -6.563  1.00 10.99 ? 138 ASP A O    1 
ATOM   582 C CB   . ASP A 1 60 ? -7.855  -0.830  -4.747  1.00 13.68 ? 138 ASP A CB   1 
ATOM   583 C CG   . ASP A 1 60 ? -8.387  -2.142  -4.236  1.00 18.96 ? 138 ASP A CG   1 
ATOM   584 O OD1  . ASP A 1 60 ? -7.601  -3.076  -3.975  1.00 21.79 ? 138 ASP A OD1  1 
ATOM   585 O OD2  . ASP A 1 60 ? -9.622  -2.246  -4.111  1.00 22.42 ? 138 ASP A OD2  1 
ATOM   586 H H    . ASP A 1 60 ? -6.840  -0.018  -2.554  1.00 0.00  ? 138 ASP A H    1 
ATOM   587 N N    . ARG A 1 61 ? -5.896  1.633   -5.133  1.00 11.07 ? 139 ARG A N    1 
ATOM   588 C CA   . ARG A 1 61 ? -5.318  2.705   -5.949  1.00 11.88 ? 139 ARG A CA   1 
ATOM   589 C C    . ARG A 1 61 ? -3.786  2.568   -6.046  1.00 10.66 ? 139 ARG A C    1 
ATOM   590 O O    . ARG A 1 61 ? -3.207  2.764   -7.118  1.00 7.98  ? 139 ARG A O    1 
ATOM   591 C CB   . ARG A 1 61 ? -5.662  4.094   -5.399  1.00 10.69 ? 139 ARG A CB   1 
ATOM   592 C CG   . ARG A 1 61 ? -5.211  5.208   -6.346  1.00 16.80 ? 139 ARG A CG   1 
ATOM   593 C CD   . ARG A 1 61 ? -5.408  6.617   -5.819  1.00 22.40 ? 139 ARG A CD   1 
ATOM   594 N NE   . ARG A 1 61 ? -4.809  7.632   -6.697  1.00 25.91 ? 139 ARG A NE   1 
ATOM   595 C CZ   . ARG A 1 61 ? -4.695  8.925   -6.382  1.00 31.03 ? 139 ARG A CZ   1 
ATOM   596 N NH1  . ARG A 1 61 ? -5.207  9.382   -5.250  1.00 32.34 ? 139 ARG A NH1  1 
ATOM   597 N NH2  . ARG A 1 61 ? -4.041  9.762   -7.184  1.00 29.77 ? 139 ARG A NH2  1 
ATOM   598 H H    . ARG A 1 61 ? -6.259  1.862   -4.271  1.00 0.00  ? 139 ARG A H    1 
ATOM   599 H HE   . ARG A 1 61 ? -4.371  7.350   -7.534  1.00 0.00  ? 139 ARG A HE   1 
ATOM   600 H HH11 . ARG A 1 61 ? -5.652  8.747   -4.619  1.00 0.00  ? 139 ARG A HH11 1 
ATOM   601 H HH12 . ARG A 1 61 ? -5.142  10.350  -5.008  1.00 0.00  ? 139 ARG A HH12 1 
ATOM   602 H HH21 . ARG A 1 61 ? -3.617  9.462   -8.029  1.00 0.00  ? 139 ARG A HH21 1 
ATOM   603 H HH22 . ARG A 1 61 ? -4.027  10.714  -6.935  1.00 0.00  ? 139 ARG A HH22 1 
ATOM   604 N N    . LEU A 1 62 ? -3.140  2.269   -4.918  1.00 9.23  ? 140 LEU A N    1 
ATOM   605 C CA   . LEU A 1 62 ? -1.699  2.030   -4.892  1.00 9.95  ? 140 LEU A CA   1 
ATOM   606 C C    . LEU A 1 62 ? -1.300  0.809   -5.716  1.00 9.94  ? 140 LEU A C    1 
ATOM   607 O O    . LEU A 1 62 ? -0.350  0.839   -6.470  1.00 10.20 ? 140 LEU A O    1 
ATOM   608 C CB   . LEU A 1 62 ? -1.206  1.843   -3.464  1.00 10.43 ? 140 LEU A CB   1 
ATOM   609 C CG   . LEU A 1 62 ? 0.320   1.757   -3.333  1.00 14.84 ? 140 LEU A CG   1 
ATOM   610 C CD1  . LEU A 1 62 ? 0.977   3.105   -3.673  1.00 14.02 ? 140 LEU A CD1  1 
ATOM   611 C CD2  . LEU A 1 62 ? 0.665   1.336   -1.925  1.00 13.19 ? 140 LEU A CD2  1 
ATOM   612 H H    . LEU A 1 62 ? -3.655  2.118   -4.111  1.00 0.00  ? 140 LEU A H    1 
ATOM   613 N N    . SER A 1 63 ? -2.045  -0.273  -5.544  1.00 8.26  ? 141 SER A N    1 
ATOM   614 C CA   . SER A 1 63 ? -1.806  -1.514  -6.255  1.00 13.49 ? 141 SER A CA   1 
ATOM   615 C C    . SER A 1 63 ? -1.903  -1.390  -7.789  1.00 15.46 ? 141 SER A C    1 
ATOM   616 O O    . SER A 1 63 ? -1.044  -1.890  -8.527  1.00 14.77 ? 141 SER A O    1 
ATOM   617 C CB   . SER A 1 63 ? -2.796  -2.583  -5.753  1.00 14.73 ? 141 SER A CB   1 
ATOM   618 O OG   . SER A 1 63 ? -2.616  -3.794  -6.455  1.00 24.92 ? 141 SER A OG   1 
ATOM   619 H H    . SER A 1 63 ? -2.766  -0.218  -4.899  1.00 0.00  ? 141 SER A H    1 
ATOM   620 H HG   . SER A 1 63 ? -1.726  -4.139  -6.338  1.00 0.00  ? 141 SER A HG   1 
ATOM   621 N N    . GLU A 1 64 ? -2.986  -0.764  -8.260  1.00 14.75 ? 142 GLU A N    1 
ATOM   622 C CA   . GLU A 1 64 ? -3.203  -0.475  -9.672  1.00 15.96 ? 142 GLU A CA   1 
ATOM   623 C C    . GLU A 1 64 ? -2.184  0.531   -10.222 1.00 12.04 ? 142 GLU A C    1 
ATOM   624 O O    . GLU A 1 64 ? -1.762  0.430   -11.352 1.00 14.75 ? 142 GLU A O    1 
ATOM   625 C CB   . GLU A 1 64 ? -4.645  0.052   -9.885  1.00 21.10 ? 142 GLU A CB   1 
ATOM   626 C CG   . GLU A 1 64 ? -5.161  -0.061  -11.329 1.00 30.24 ? 142 GLU A CG   1 
ATOM   627 C CD   . GLU A 1 64 ? -6.118  1.079   -11.709 1.00 37.44 ? 142 GLU A CD   1 
ATOM   628 O OE1  . GLU A 1 64 ? -6.839  1.571   -10.802 1.00 39.92 ? 142 GLU A OE1  1 
ATOM   629 O OE2  . GLU A 1 64 ? -6.131  1.494   -12.907 1.00 38.61 ? 142 GLU A OE2  1 
ATOM   630 H H    . GLU A 1 64 ? -3.638  -0.420  -7.621  1.00 0.00  ? 142 GLU A H    1 
ATOM   631 N N    . ALA A 1 65 ? -1.775  1.503   -9.427  1.00 11.86 ? 143 ALA A N    1 
ATOM   632 C CA   . ALA A 1 65 ? -0.764  2.443   -9.861  1.00 12.41 ? 143 ALA A CA   1 
ATOM   633 C C    . ALA A 1 65 ? 0.651   1.827   -9.998  1.00 14.41 ? 143 ALA A C    1 
ATOM   634 O O    . ALA A 1 65 ? 1.516   2.401   -10.660 1.00 12.04 ? 143 ALA A O    1 
ATOM   635 C CB   . ALA A 1 65 ? -0.721  3.601   -8.905  1.00 11.32 ? 143 ALA A CB   1 
ATOM   636 H H    . ALA A 1 65 ? -2.124  1.582   -8.528  1.00 0.00  ? 143 ALA A H    1 
ATOM   637 N N    . CYS A 1 66 ? 0.853   0.635   -9.404  1.00 11.42 ? 144 CYS A N    1 
ATOM   638 C CA   . CYS A 1 66 ? 2.125   -0.100  -9.473  1.00 10.19 ? 144 CYS A CA   1 
ATOM   639 C C    . CYS A 1 66 ? 2.043   -1.380  -10.317 1.00 9.60  ? 144 CYS A C    1 
ATOM   640 O O    . CYS A 1 66 ? 2.999   -2.144  -10.405 1.00 9.81  ? 144 CYS A O    1 
ATOM   641 C CB   . CYS A 1 66 ? 2.596   -0.480  -8.065  1.00 6.23  ? 144 CYS A CB   1 
ATOM   642 S SG   . CYS A 1 66 ? 2.963   0.884   -7.022  1.00 12.25 ? 144 CYS A SG   1 
ATOM   643 H H    . CYS A 1 66 ? 0.128   0.233   -8.919  1.00 0.00  ? 144 CYS A H    1 
ATOM   644 N N    . ALA A 1 67 ? 0.903   -1.614  -10.950 1.00 8.78  ? 145 ALA A N    1 
ATOM   645 C CA   . ALA A 1 67 ? 0.689   -2.818  -11.727 1.00 9.83  ? 145 ALA A CA   1 
ATOM   646 C C    . ALA A 1 67 ? 1.695   -3.026  -12.847 1.00 12.54 ? 145 ALA A C    1 
ATOM   647 O O    . ALA A 1 67 ? 1.920   -4.154  -13.269 1.00 9.95  ? 145 ALA A O    1 
ATOM   648 C CB   . ALA A 1 67 ? -0.718  -2.833  -12.315 1.00 11.57 ? 145 ALA A CB   1 
ATOM   649 H H    . ALA A 1 67 ? 0.182   -0.977  -10.907 1.00 0.00  ? 145 ALA A H    1 
ATOM   650 N N    . ASP A 1 68 ? 2.249   -1.932  -13.377 1.00 14.76 ? 146 ASP A N    1 
ATOM   651 C CA   . ASP A 1 68 ? 3.239   -2.030  -14.452 1.00 15.14 ? 146 ASP A CA   1 
ATOM   652 C C    . ASP A 1 68 ? 4.549   -2.676  -13.992 1.00 15.15 ? 146 ASP A C    1 
ATOM   653 O O    . ASP A 1 68 ? 5.167   -3.399  -14.745 1.00 15.22 ? 146 ASP A O    1 
ATOM   654 C CB   . ASP A 1 68 ? 3.492   -0.646  -15.114 1.00 14.61 ? 146 ASP A CB   1 
ATOM   655 C CG   . ASP A 1 68 ? 4.009   0.414   -14.149 1.00 17.04 ? 146 ASP A CG   1 
ATOM   656 O OD1  . ASP A 1 68 ? 3.737   0.301   -12.950 1.00 19.51 ? 146 ASP A OD1  1 
ATOM   657 O OD2  . ASP A 1 68 ? 4.672   1.388   -14.579 1.00 17.60 ? 146 ASP A OD2  1 
ATOM   658 H H    . ASP A 1 68 ? 2.046   -1.058  -13.048 1.00 0.00  ? 146 ASP A H    1 
ATOM   659 N N    . ILE A 1 69 ? 4.878   -2.561  -12.707 1.00 13.01 ? 147 ILE A N    1 
ATOM   660 C CA   . ILE A 1 69 ? 6.139   -3.076  -12.195 1.00 12.44 ? 147 ILE A CA   1 
ATOM   661 C C    . ILE A 1 69 ? 6.022   -4.072  -11.033 1.00 13.07 ? 147 ILE A C    1 
ATOM   662 O O    . ILE A 1 69 ? 7.027   -4.571  -10.529 1.00 12.14 ? 147 ILE A O    1 
ATOM   663 C CB   . ILE A 1 69 ? 7.092   -1.930  -11.773 1.00 12.78 ? 147 ILE A CB   1 
ATOM   664 C CG1  . ILE A 1 69 ? 6.462   -1.061  -10.688 1.00 11.63 ? 147 ILE A CG1  1 
ATOM   665 C CG2  . ILE A 1 69 ? 7.471   -1.085  -12.994 1.00 12.49 ? 147 ILE A CG2  1 
ATOM   666 C CD1  . ILE A 1 69 ? 7.390   0.090   -10.211 1.00 12.49 ? 147 ILE A CD1  1 
ATOM   667 H H    . ILE A 1 69 ? 4.299   -2.034  -12.149 1.00 0.00  ? 147 ILE A H    1 
ATOM   668 N N    . ALA A 1 70 ? 4.802   -4.300  -10.544 1.00 9.88  ? 148 ALA A N    1 
ATOM   669 C CA   . ALA A 1 70 ? 4.631   -5.163  -9.376  1.00 10.25 ? 148 ALA A CA   1 
ATOM   670 C C    . ALA A 1 70 ? 3.508   -6.164  -9.504  1.00 10.67 ? 148 ALA A C    1 
ATOM   671 O O    . ALA A 1 70 ? 2.554   -5.978  -10.234 1.00 13.69 ? 148 ALA A O    1 
ATOM   672 C CB   . ALA A 1 70 ? 4.444   -4.349  -8.124  1.00 10.60 ? 148 ALA A CB   1 
ATOM   673 H H    . ALA A 1 70 ? 4.050   -3.899  -11.011 1.00 0.00  ? 148 ALA A H    1 
ATOM   674 N N    . VAL A 1 71 ? 3.608   -7.234  -8.738  1.00 10.18 ? 149 VAL A N    1 
ATOM   675 C CA   . VAL A 1 71 ? 2.492   -8.137  -8.555  1.00 8.98  ? 149 VAL A CA   1 
ATOM   676 C C    . VAL A 1 71 ? 1.984   -8.037  -7.112  1.00 9.89  ? 149 VAL A C    1 
ATOM   677 O O    . VAL A 1 71 ? 2.714   -7.678  -6.171  1.00 7.50  ? 149 VAL A O    1 
ATOM   678 C CB   . VAL A 1 71 ? 2.902   -9.599  -8.894  1.00 8.86  ? 149 VAL A CB   1 
ATOM   679 C CG1  . VAL A 1 71 ? 3.305   -9.698  -10.367 1.00 11.09 ? 149 VAL A CG1  1 
ATOM   680 C CG2  . VAL A 1 71 ? 4.053   -10.064 -7.983  1.00 9.98  ? 149 VAL A CG2  1 
ATOM   681 H H    . VAL A 1 71 ? 4.403   -7.357  -8.197  1.00 0.00  ? 149 VAL A H    1 
ATOM   682 N N    . VAL A 1 72 ? 0.700   -8.321  -6.935  1.00 7.97  ? 150 VAL A N    1 
ATOM   683 C CA   . VAL A 1 72 ? 0.157   -8.391  -5.601  1.00 9.95  ? 150 VAL A CA   1 
ATOM   684 C C    . VAL A 1 72 ? 0.439   -9.775  -4.981  1.00 10.50 ? 150 VAL A C    1 
ATOM   685 O O    . VAL A 1 72 ? 0.042   -10.813 -5.505  1.00 11.82 ? 150 VAL A O    1 
ATOM   686 C CB   . VAL A 1 72 ? -1.344  -8.130  -5.602  1.00 9.08  ? 150 VAL A CB   1 
ATOM   687 C CG1  . VAL A 1 72 ? -1.853  -8.190  -4.202  1.00 8.00  ? 150 VAL A CG1  1 
ATOM   688 C CG2  . VAL A 1 72 ? -1.623  -6.758  -6.214  1.00 12.72 ? 150 VAL A CG2  1 
ATOM   689 H H    . VAL A 1 72 ? 0.128   -8.533  -7.707  1.00 0.00  ? 150 VAL A H    1 
ATOM   690 N N    . GLU A 1 73 ? 1.231   -9.771  -3.917  1.00 10.55 ? 151 GLU A N    1 
ATOM   691 C CA   . GLU A 1 73 ? 1.595   -10.991 -3.243  1.00 8.65  ? 151 GLU A CA   1 
ATOM   692 C C    . GLU A 1 73 ? 0.566   -11.264 -2.173  1.00 10.27 ? 151 GLU A C    1 
ATOM   693 O O    . GLU A 1 73 ? 0.171   -12.407 -1.963  1.00 12.55 ? 151 GLU A O    1 
ATOM   694 C CB   . GLU A 1 73 ? 2.959   -10.837 -2.596  1.00 9.27  ? 151 GLU A CB   1 
ATOM   695 C CG   . GLU A 1 73 ? 3.455   -12.096 -1.946  1.00 12.64 ? 151 GLU A CG   1 
ATOM   696 C CD   . GLU A 1 73 ? 4.878   -11.954 -1.511  1.00 14.16 ? 151 GLU A CD   1 
ATOM   697 O OE1  . GLU A 1 73 ? 5.736   -11.746 -2.390  1.00 17.04 ? 151 GLU A OE1  1 
ATOM   698 O OE2  . GLU A 1 73 ? 5.119   -11.907 -0.297  1.00 14.19 ? 151 GLU A OE2  1 
ATOM   699 H H    . GLU A 1 73 ? 1.579   -8.911  -3.609  1.00 0.00  ? 151 GLU A H    1 
ATOM   700 N N    . THR A 1 74 ? 0.127   -10.194 -1.514  1.00 9.91  ? 152 THR A N    1 
ATOM   701 C CA   . THR A 1 74 ? -0.944  -10.273 -0.529  1.00 9.16  ? 152 THR A CA   1 
ATOM   702 C C    . THR A 1 74 ? -1.934  -9.126  -0.723  1.00 9.09  ? 152 THR A C    1 
ATOM   703 O O    . THR A 1 74 ? -1.582  -7.959  -0.578  1.00 7.59  ? 152 THR A O    1 
ATOM   704 C CB   . THR A 1 74 ? -0.370  -10.276 0.927   1.00 8.76  ? 152 THR A CB   1 
ATOM   705 O OG1  . THR A 1 74 ? 0.428   -11.453 1.104   1.00 13.35 ? 152 THR A OG1  1 
ATOM   706 C CG2  . THR A 1 74 ? -1.482  -10.329 1.965   1.00 10.31 ? 152 THR A CG2  1 
ATOM   707 H H    . THR A 1 74 ? 0.493   -9.316  -1.785  1.00 0.00  ? 152 THR A H    1 
ATOM   708 H HG1  . THR A 1 74 ? 0.879   -11.448 1.952   1.00 0.00  ? 152 THR A HG1  1 
ATOM   709 N N    . ALA A 1 75 ? -3.127  -9.467  -1.204  1.00 10.81 ? 153 ALA A N    1 
ATOM   710 C CA   . ALA A 1 75 ? -4.184  -8.492  -1.476  1.00 11.70 ? 153 ALA A CA   1 
ATOM   711 C C    . ALA A 1 75 ? -4.688  -7.867  -0.169  1.00 13.04 ? 153 ALA A C    1 
ATOM   712 O O    . ALA A 1 75 ? -4.438  -8.409  0.904   1.00 13.34 ? 153 ALA A O    1 
ATOM   713 C CB   . ALA A 1 75 ? -5.341  -9.184  -2.208  1.00 13.51 ? 153 ALA A CB   1 
ATOM   714 H H    . ALA A 1 75 ? -3.288  -10.393 -1.427  1.00 0.00  ? 153 ALA A H    1 
ATOM   715 N N    . PRO A 1 76 ? -5.260  -6.632  -0.234  1.00 13.01 ? 154 PRO A N    1 
ATOM   716 C CA   . PRO A 1 76 ? -5.629  -5.940  1.014   1.00 13.93 ? 154 PRO A CA   1 
ATOM   717 C C    . PRO A 1 76 ? -6.365  -6.806  2.047   1.00 15.70 ? 154 PRO A C    1 
ATOM   718 O O    . PRO A 1 76 ? -7.275  -7.574  1.727   1.00 14.86 ? 154 PRO A O    1 
ATOM   719 C CB   . PRO A 1 76 ? -6.489  -4.775  0.512   1.00 13.63 ? 154 PRO A CB   1 
ATOM   720 C CG   . PRO A 1 76 ? -5.911  -4.463  -0.830  1.00 9.94  ? 154 PRO A CG   1 
ATOM   721 C CD   . PRO A 1 76 ? -5.516  -5.793  -1.414  1.00 11.22 ? 154 PRO A CD   1 
ATOM   722 N N    . LYS A 1 77 ? -5.875  -6.755  3.280   1.00 17.84 ? 155 LYS A N    1 
ATOM   723 C CA   . LYS A 1 77 ? -6.410  -7.566  4.352   1.00 21.51 ? 155 LYS A CA   1 
ATOM   724 C C    . LYS A 1 77 ? -6.157  -6.931  5.708   1.00 21.52 ? 155 LYS A C    1 
ATOM   725 O O    . LYS A 1 77 ? -5.238  -6.134  5.881   1.00 18.10 ? 155 LYS A O    1 
ATOM   726 C CB   . LYS A 1 77 ? -5.811  -8.987  4.313   1.00 25.60 ? 155 LYS A CB   1 
ATOM   727 C CG   . LYS A 1 77 ? -4.343  -9.105  4.692   1.00 27.83 ? 155 LYS A CG   1 
ATOM   728 C CD   . LYS A 1 77 ? -3.901  -10.560 4.670   1.00 34.89 ? 155 LYS A CD   1 
ATOM   729 C CE   . LYS A 1 77 ? -4.522  -11.397 5.811   1.00 41.28 ? 155 LYS A CE   1 
ATOM   730 N NZ   . LYS A 1 77 ? -3.875  -11.235 7.178   1.00 44.82 ? 155 LYS A NZ   1 
ATOM   731 H H    . LYS A 1 77 ? -5.083  -6.203  3.448   1.00 0.00  ? 155 LYS A H    1 
ATOM   732 H HZ1  . LYS A 1 77 ? -2.864  -11.466 7.135   1.00 0.00  ? 155 LYS A HZ1  1 
ATOM   733 H HZ2  . LYS A 1 77 ? -3.986  -10.239 7.459   1.00 0.00  ? 155 LYS A HZ2  1 
ATOM   734 H HZ3  . LYS A 1 77 ? -4.360  -11.836 7.876   1.00 0.00  ? 155 LYS A HZ3  1 
ATOM   735 N N    . MET A 1 78 ? -7.008  -7.283  6.661   1.00 24.88 ? 156 MET A N    1 
ATOM   736 C CA   . MET A 1 78 ? -6.941  -6.769  8.026   1.00 28.64 ? 156 MET A CA   1 
ATOM   737 C C    . MET A 1 78 ? -5.977  -7.579  8.870   1.00 30.34 ? 156 MET A C    1 
ATOM   738 O O    . MET A 1 78 ? -5.824  -8.781  8.671   1.00 31.10 ? 156 MET A O    1 
ATOM   739 C CB   . MET A 1 78 ? -8.329  -6.813  8.672   1.00 31.78 ? 156 MET A CB   1 
ATOM   740 C CG   . MET A 1 78 ? -9.419  -6.043  7.915   1.00 33.29 ? 156 MET A CG   1 
ATOM   741 S SD   . MET A 1 78 ? -9.132  -4.253  7.760   1.00 39.73 ? 156 MET A SD   1 
ATOM   742 C CE   . MET A 1 78 ? -9.513  -3.681  9.411   1.00 38.29 ? 156 MET A CE   1 
ATOM   743 H H    . MET A 1 78 ? -7.700  -7.932  6.449   1.00 0.00  ? 156 MET A H    1 
ATOM   744 N N    . ASP A 1 79 ? -5.303  -6.888  9.782   1.00 30.88 ? 157 ASP A N    1 
ATOM   745 C CA   . ASP A 1 79 ? -4.386  -7.482  10.743  1.00 33.80 ? 157 ASP A CA   1 
ATOM   746 C C    . ASP A 1 79 ? -4.595  -6.721  12.065  1.00 33.30 ? 157 ASP A C    1 
ATOM   747 O O    . ASP A 1 79 ? -3.907  -5.746  12.357  1.00 33.60 ? 157 ASP A O    1 
ATOM   748 C CB   . ASP A 1 79 ? -2.933  -7.356  10.233  1.00 38.57 ? 157 ASP A CB   1 
ATOM   749 C CG   . ASP A 1 79 ? -1.874  -7.823  11.258  1.00 43.15 ? 157 ASP A CG   1 
ATOM   750 O OD1  . ASP A 1 79 ? -2.076  -8.831  11.988  1.00 43.36 ? 157 ASP A OD1  1 
ATOM   751 O OD2  . ASP A 1 79 ? -0.784  -7.208  11.257  1.00 45.49 ? 157 ASP A OD2  1 
ATOM   752 H H    . ASP A 1 79 ? -5.523  -5.945  9.876   1.00 0.00  ? 157 ASP A H    1 
ATOM   753 N N    . GLY A 1 80 ? -5.716  -7.002  12.710  1.00 32.91 ? 158 GLY A N    1 
ATOM   754 C CA   . GLY A 1 80 ? -6.070  -6.240  13.890  1.00 31.93 ? 158 GLY A CA   1 
ATOM   755 C C    . GLY A 1 80 ? -6.714  -4.924  13.509  1.00 31.16 ? 158 GLY A C    1 
ATOM   756 O O    . GLY A 1 80 ? -7.760  -4.902  12.853  1.00 30.43 ? 158 GLY A O    1 
ATOM   757 H H    . GLY A 1 80 ? -6.315  -7.692  12.371  1.00 0.00  ? 158 GLY A H    1 
ATOM   758 N N    . ARG A 1 81 ? -6.034  -3.829  13.828  1.00 31.04 ? 159 ARG A N    1 
ATOM   759 C CA   . ARG A 1 81 ? -6.527  -2.470  13.533  1.00 30.44 ? 159 ARG A CA   1 
ATOM   760 C C    . ARG A 1 81 ? -5.731  -1.861  12.365  1.00 29.46 ? 159 ARG A C    1 
ATOM   761 O O    . ARG A 1 81 ? -5.576  -0.643  12.240  1.00 29.12 ? 159 ARG A O    1 
ATOM   762 C CB   . ARG A 1 81 ? -6.393  -1.590  14.778  1.00 31.54 ? 159 ARG A CB   1 
ATOM   763 C CG   . ARG A 1 81 ? -7.099  -2.153  16.031  1.00 35.42 ? 159 ARG A CG   1 
ATOM   764 C CD   . ARG A 1 81 ? -8.594  -1.908  16.049  1.00 35.88 ? 159 ARG A CD   1 
ATOM   765 N NE   . ARG A 1 81 ? -8.930  -0.488  16.143  1.00 40.26 ? 159 ARG A NE   1 
ATOM   766 C CZ   . ARG A 1 81 ? -9.276  0.247   15.085  1.00 41.20 ? 159 ARG A CZ   1 
ATOM   767 N NH1  . ARG A 1 81 ? -9.742  -0.349  13.997  1.00 42.30 ? 159 ARG A NH1  1 
ATOM   768 N NH2  . ARG A 1 81 ? -9.245  1.574   15.126  1.00 40.62 ? 159 ARG A NH2  1 
ATOM   769 H H    . ARG A 1 81 ? -5.173  -3.942  14.290  1.00 0.00  ? 159 ARG A H    1 
ATOM   770 H HE   . ARG A 1 81 ? -8.624  0.040   16.918  1.00 0.00  ? 159 ARG A HE   1 
ATOM   771 H HH11 . ARG A 1 81 ? -9.627  -1.373  13.833  1.00 0.00  ? 159 ARG A HH11 1 
ATOM   772 H HH12 . ARG A 1 81 ? -10.017 0.278   13.216  1.00 0.00  ? 159 ARG A HH12 1 
ATOM   773 H HH21 . ARG A 1 81 ? -8.938  2.058   15.925  1.00 0.00  ? 159 ARG A HH21 1 
ATOM   774 H HH22 . ARG A 1 81 ? -9.676  2.144   14.371  1.00 0.00  ? 159 ARG A HH22 1 
ATOM   775 N N    . ASN A 1 82 ? -5.185  -2.748  11.543  1.00 26.74 ? 160 ASN A N    1 
ATOM   776 C CA   . ASN A 1 82 ? -4.414  -2.364  10.390  1.00 24.33 ? 160 ASN A CA   1 
ATOM   777 C C    . ASN A 1 82 ? -4.976  -3.083  9.196   1.00 21.78 ? 160 ASN A C    1 
ATOM   778 O O    . ASN A 1 82 ? -5.495  -4.188  9.297   1.00 20.81 ? 160 ASN A O    1 
ATOM   779 C CB   . ASN A 1 82 ? -2.954  -2.779  10.568  1.00 28.32 ? 160 ASN A CB   1 
ATOM   780 C CG   . ASN A 1 82 ? -2.439  -2.509  11.953  1.00 31.40 ? 160 ASN A CG   1 
ATOM   781 O OD1  . ASN A 1 82 ? -2.478  -1.375  12.423  1.00 34.15 ? 160 ASN A OD1  1 
ATOM   782 N ND2  . ASN A 1 82 ? -1.983  -3.546  12.627  1.00 33.16 ? 160 ASN A ND2  1 
ATOM   783 H H    . ASN A 1 82 ? -5.379  -3.697  11.685  1.00 0.00  ? 160 ASN A H    1 
ATOM   784 H HD21 . ASN A 1 82 ? -1.621  -3.395  13.532  1.00 0.00  ? 160 ASN A HD21 1 
ATOM   785 H HD22 . ASN A 1 82 ? -1.955  -4.425  12.219  1.00 0.00  ? 160 ASN A HD22 1 
ATOM   786 N N    . MET A 1 83 ? -4.786  -2.478  8.040   1.00 18.88 ? 161 MET A N    1 
ATOM   787 C CA   . MET A 1 83 ? -5.046  -3.125  6.770   1.00 16.97 ? 161 MET A CA   1 
ATOM   788 C C    . MET A 1 83 ? -3.749  -3.054  5.975   1.00 14.13 ? 161 MET A C    1 
ATOM   789 O O    . MET A 1 83 ? -3.056  -2.047  6.013   1.00 13.81 ? 161 MET A O    1 
ATOM   790 C CB   . MET A 1 83 ? -6.173  -2.410  6.048   1.00 18.10 ? 161 MET A CB   1 
ATOM   791 C CG   . MET A 1 83 ? -6.752  -3.230  4.937   1.00 20.27 ? 161 MET A CG   1 
ATOM   792 S SD   . MET A 1 83 ? -7.938  -2.352  3.948   1.00 22.18 ? 161 MET A SD   1 
ATOM   793 C CE   . MET A 1 83 ? -9.139  -3.627  3.668   1.00 22.11 ? 161 MET A CE   1 
ATOM   794 H H    . MET A 1 83 ? -4.313  -1.620  8.032   1.00 0.00  ? 161 MET A H    1 
ATOM   795 N N    . PHE A 1 84 ? -3.362  -4.142  5.329   1.00 10.76 ? 162 PHE A N    1 
ATOM   796 C CA   . PHE A 1 84 ? -2.130  -4.102  4.548   1.00 11.14 ? 162 PHE A CA   1 
ATOM   797 C C    . PHE A 1 84 ? -2.213  -4.836  3.211   1.00 9.91  ? 162 PHE A C    1 
ATOM   798 O O    . PHE A 1 84 ? -3.106  -5.654  2.951   1.00 11.49 ? 162 PHE A O    1 
ATOM   799 C CB   . PHE A 1 84 ? -0.930  -4.629  5.357   1.00 9.92  ? 162 PHE A CB   1 
ATOM   800 C CG   . PHE A 1 84 ? -0.953  -6.119  5.571   1.00 12.29 ? 162 PHE A CG   1 
ATOM   801 C CD1  . PHE A 1 84 ? -1.683  -6.665  6.609   1.00 13.79 ? 162 PHE A CD1  1 
ATOM   802 C CD2  . PHE A 1 84 ? -0.254  -6.973  4.730   1.00 14.83 ? 162 PHE A CD2  1 
ATOM   803 C CE1  . PHE A 1 84 ? -1.711  -8.022  6.818   1.00 14.63 ? 162 PHE A CE1  1 
ATOM   804 C CE2  . PHE A 1 84 ? -0.275  -8.340  4.938   1.00 16.54 ? 162 PHE A CE2  1 
ATOM   805 C CZ   . PHE A 1 84 ? -1.008  -8.860  5.990   1.00 15.27 ? 162 PHE A CZ   1 
ATOM   806 H H    . PHE A 1 84 ? -3.884  -4.965  5.345   1.00 0.00  ? 162 PHE A H    1 
ATOM   807 N N    . LEU A 1 85 ? -1.265  -4.497  2.365   1.00 8.04  ? 163 LEU A N    1 
ATOM   808 C CA   . LEU A 1 85 ? -1.129  -5.042  1.037   1.00 8.48  ? 163 LEU A CA   1 
ATOM   809 C C    . LEU A 1 85 ? 0.381   -5.263  0.890   1.00 7.21  ? 163 LEU A C    1 
ATOM   810 O O    . LEU A 1 85 ? 1.170   -4.497  1.438   1.00 7.95  ? 163 LEU A O    1 
ATOM   811 C CB   . LEU A 1 85 ? -1.609  -3.979  0.028   1.00 10.26 ? 163 LEU A CB   1 
ATOM   812 C CG   . LEU A 1 85 ? -1.107  -4.010  -1.399  1.00 13.41 ? 163 LEU A CG   1 
ATOM   813 C CD1  . LEU A 1 85 ? -1.966  -4.977  -2.152  1.00 18.36 ? 163 LEU A CD1  1 
ATOM   814 C CD2  . LEU A 1 85 ? -1.201  -2.629  -2.046  1.00 15.83 ? 163 LEU A CD2  1 
ATOM   815 H H    . LEU A 1 85 ? -0.567  -3.863  2.674   1.00 0.00  ? 163 LEU A H    1 
ATOM   816 N N    . VAL A 1 86 ? 0.766   -6.346  0.243   1.00 8.63  ? 164 VAL A N    1 
ATOM   817 C CA   . VAL A 1 86 ? 2.165   -6.570  -0.097  1.00 8.41  ? 164 VAL A CA   1 
ATOM   818 C C    . VAL A 1 86 ? 2.284   -6.634  -1.608  1.00 6.24  ? 164 VAL A C    1 
ATOM   819 O O    . VAL A 1 86 ? 1.560   -7.377  -2.253  1.00 5.99  ? 164 VAL A O    1 
ATOM   820 C CB   . VAL A 1 86 ? 2.717   -7.889  0.542   1.00 8.23  ? 164 VAL A CB   1 
ATOM   821 C CG1  . VAL A 1 86 ? 4.208   -8.092  0.182   1.00 6.26  ? 164 VAL A CG1  1 
ATOM   822 C CG2  . VAL A 1 86 ? 2.555   -7.818  2.046   1.00 6.76  ? 164 VAL A CG2  1 
ATOM   823 H H    . VAL A 1 86 ? 0.111   -6.910  -0.212  1.00 0.00  ? 164 VAL A H    1 
ATOM   824 N N    . LEU A 1 87 ? 3.174   -5.818  -2.145  1.00 7.52  ? 165 LEU A N    1 
ATOM   825 C CA   . LEU A 1 87 ? 3.497   -5.837  -3.561  1.00 7.69  ? 165 LEU A CA   1 
ATOM   826 C C    . LEU A 1 87 ? 4.906   -6.409  -3.704  1.00 7.71  ? 165 LEU A C    1 
ATOM   827 O O    . LEU A 1 87 ? 5.792   -6.061  -2.926  1.00 6.75  ? 165 LEU A O    1 
ATOM   828 C CB   . LEU A 1 87 ? 3.507   -4.414  -4.122  1.00 7.50  ? 165 LEU A CB   1 
ATOM   829 C CG   . LEU A 1 87 ? 2.214   -3.612  -3.994  1.00 8.61  ? 165 LEU A CG   1 
ATOM   830 C CD1  . LEU A 1 87 ? 2.505   -2.198  -4.435  1.00 9.02  ? 165 LEU A CD1  1 
ATOM   831 C CD2  . LEU A 1 87 ? 1.114   -4.258  -4.833  1.00 9.25  ? 165 LEU A CD2  1 
ATOM   832 H H    . LEU A 1 87 ? 3.772   -5.282  -1.592  1.00 0.00  ? 165 LEU A H    1 
ATOM   833 N N    . ALA A 1 88 ? 5.113   -7.251  -4.715  1.00 9.73  ? 166 ALA A N    1 
ATOM   834 C CA   . ALA A 1 88 ? 6.436   -7.782  -5.044  1.00 9.55  ? 166 ALA A CA   1 
ATOM   835 C C    . ALA A 1 88 ? 6.801   -7.312  -6.449  1.00 10.40 ? 166 ALA A C    1 
ATOM   836 O O    . ALA A 1 88 ? 5.932   -7.185  -7.301  1.00 10.14 ? 166 ALA A O    1 
ATOM   837 C CB   . ALA A 1 88 ? 6.405   -9.329  -4.989  1.00 7.76  ? 166 ALA A CB   1 
ATOM   838 H H    . ALA A 1 88 ? 4.396   -7.453  -5.348  1.00 0.00  ? 166 ALA A H    1 
ATOM   839 N N    . PRO A 1 89 ? 8.104   -7.071  -6.715  1.00 13.38 ? 167 PRO A N    1 
ATOM   840 C CA   . PRO A 1 89 ? 8.520   -6.699  -8.075  1.00 13.73 ? 167 PRO A CA   1 
ATOM   841 C C    . PRO A 1 89 ? 8.231   -7.810  -9.077  1.00 17.06 ? 167 PRO A C    1 
ATOM   842 O O    . PRO A 1 89 ? 8.276   -8.993  -8.719  1.00 16.58 ? 167 PRO A O    1 
ATOM   843 C CB   . PRO A 1 89 ? 10.016  -6.438  -7.923  1.00 16.22 ? 167 PRO A CB   1 
ATOM   844 C CG   . PRO A 1 89 ? 10.399  -7.177  -6.708  1.00 14.96 ? 167 PRO A CG   1 
ATOM   845 C CD   . PRO A 1 89 ? 9.242   -7.103  -5.789  1.00 10.94 ? 167 PRO A CD   1 
ATOM   846 N N    . LYS A 1 90 ? 7.779   -7.420  -10.261 1.00 18.17 ? 168 LYS A N    1 
ATOM   847 C CA   . LYS A 1 90 ? 7.566   -8.352  -11.358 1.00 22.83 ? 168 LYS A CA   1 
ATOM   848 C C    . LYS A 1 90 ? 8.846   -9.085  -11.751 1.00 27.01 ? 168 LYS A C    1 
ATOM   849 O O    . LYS A 1 90 ? 8.816   -10.275 -12.047 1.00 27.84 ? 168 LYS A O    1 
ATOM   850 C CB   . LYS A 1 90 ? 7.009   -7.612  -12.565 1.00 22.25 ? 168 LYS A CB   1 
ATOM   851 C CG   . LYS A 1 90 ? 5.511   -7.559  -12.591 1.00 22.55 ? 168 LYS A CG   1 
ATOM   852 C CD   . LYS A 1 90 ? 5.023   -6.843  -13.813 1.00 26.09 ? 168 LYS A CD   1 
ATOM   853 C CE   . LYS A 1 90 ? 3.571   -7.190  -14.079 1.00 32.24 ? 168 LYS A CE   1 
ATOM   854 N NZ   . LYS A 1 90 ? 2.688   -6.734  -12.972 1.00 35.82 ? 168 LYS A NZ   1 
ATOM   855 H H    . LYS A 1 90 ? 7.734   -6.460  -10.471 1.00 0.00  ? 168 LYS A H    1 
ATOM   856 H HZ1  . LYS A 1 90 ? 2.912   -7.175  -12.059 1.00 0.00  ? 168 LYS A HZ1  1 
ATOM   857 H HZ2  . LYS A 1 90 ? 2.735   -5.700  -12.872 1.00 0.00  ? 168 LYS A HZ2  1 
ATOM   858 H HZ3  . LYS A 1 90 ? 1.745   -6.997  -13.271 1.00 0.00  ? 168 LYS A HZ3  1 
ATOM   859 N N    . ASN A 1 91 ? 9.956   -8.349  -11.818 1.00 31.31 ? 169 ASN A N    1 
ATOM   860 C CA   . ASN A 1 91 ? 11.259  -8.905  -12.185 1.00 36.93 ? 169 ASN A CA   1 
ATOM   861 C C    . ASN A 1 91 ? 12.309  -8.428  -11.199 1.00 40.16 ? 169 ASN A C    1 
ATOM   862 O O    . ASN A 1 91 ? 12.110  -7.429  -10.523 1.00 39.66 ? 169 ASN A O    1 
ATOM   863 C CB   . ASN A 1 91 ? 11.657  -8.470  -13.602 1.00 38.00 ? 169 ASN A CB   1 
ATOM   864 C CG   . ASN A 1 91 ? 10.751  -9.057  -14.669 1.00 39.49 ? 169 ASN A CG   1 
ATOM   865 O OD1  . ASN A 1 91 ? 9.825   -8.395  -15.137 1.00 39.65 ? 169 ASN A OD1  1 
ATOM   866 N ND2  . ASN A 1 91 ? 11.006  -10.303 -15.053 1.00 39.53 ? 169 ASN A ND2  1 
ATOM   867 H H    . ASN A 1 91 ? 9.931   -7.396  -11.600 1.00 0.00  ? 169 ASN A H    1 
ATOM   868 H HD21 . ASN A 1 91 ? 10.425  -10.678 -15.740 1.00 0.00  ? 169 ASN A HD21 1 
ATOM   869 H HD22 . ASN A 1 91 ? 11.735  -10.790 -14.650 1.00 0.00  ? 169 ASN A HD22 1 
ATOM   870 N N    . ASP A 1 92 ? 13.433  -9.133  -11.138 1.00 46.80 ? 170 ASP A N    1 
ATOM   871 C CA   . ASP A 1 92 ? 14.516  -8.774  -10.218 1.00 52.01 ? 170 ASP A CA   1 
ATOM   872 C C    . ASP A 1 92 ? 15.854  -9.350  -10.680 1.00 54.08 ? 170 ASP A C    1 
ATOM   873 O O    . ASP A 1 92 ? 15.992  -9.593  -11.899 1.00 54.66 ? 170 ASP A O    1 
ATOM   874 C CB   . ASP A 1 92 ? 14.188  -9.238  -8.780  1.00 55.20 ? 170 ASP A CB   1 
ATOM   875 C CG   . ASP A 1 92 ? 13.579  -10.647 -8.723  1.00 57.56 ? 170 ASP A CG   1 
ATOM   876 O OD1  . ASP A 1 92 ? 14.292  -11.626 -9.051  1.00 57.39 ? 170 ASP A OD1  1 
ATOM   877 O OD2  . ASP A 1 92 ? 12.405  -10.773 -8.288  1.00 58.11 ? 170 ASP A OD2  1 
ATOM   878 H H    . ASP A 1 92 ? 13.587  -9.891  -11.720 1.00 0.00  ? 170 ASP A H    1 
HETATM 879 O O    . HOH B 2 .  ? -6.103  16.068  -1.902  0.99 9.25  ? 178 HOH A O    1 
HETATM 880 H H1   . HOH B 2 .  ? -6.052  15.523  -2.683  1.00 0.00  ? 178 HOH A H1   1 
HETATM 881 H H2   . HOH B 2 .  ? -5.496  15.740  -1.252  1.00 0.00  ? 178 HOH A H2   1 
HETATM 882 O O    . HOH B 2 .  ? 9.018   -3.461  6.689   0.95 13.93 ? 182 HOH A O    1 
HETATM 883 H H1   . HOH B 2 .  ? 9.742   -3.779  6.130   1.00 0.00  ? 182 HOH A H1   1 
HETATM 884 H H2   . HOH B 2 .  ? 9.363   -3.650  7.552   1.00 0.00  ? 182 HOH A H2   1 
HETATM 885 O O    . HOH B 2 .  ? 2.237   3.245   -14.021 0.91 18.58 ? 183 HOH A O    1 
HETATM 886 H H1   . HOH B 2 .  ? 2.752   3.321   -14.835 1.00 0.00  ? 183 HOH A H1   1 
HETATM 887 H H2   . HOH B 2 .  ? 1.648   3.988   -14.017 1.00 0.00  ? 183 HOH A H2   1 
HETATM 888 O O    . HOH B 2 .  ? 9.668   -4.766  -11.680 1.06 20.53 ? 184 HOH A O    1 
HETATM 889 H H1   . HOH B 2 .  ? 8.824   -4.305  -11.676 1.00 0.00  ? 184 HOH A H1   1 
HETATM 890 H H2   . HOH B 2 .  ? 10.206  -4.284  -12.330 1.00 0.00  ? 184 HOH A H2   1 
HETATM 891 O O    . HOH B 2 .  ? -5.131  -11.402 0.668   1.01 27.90 ? 187 HOH A O    1 
HETATM 892 H H1   . HOH B 2 .  ? -4.282  -11.731 0.394   1.00 0.00  ? 187 HOH A H1   1 
HETATM 893 H H2   . HOH B 2 .  ? -5.718  -12.155 0.723   1.00 0.00  ? 187 HOH A H2   1 
HETATM 894 O O    . HOH B 2 .  ? 9.250   6.739   -8.236  0.81 26.89 ? 188 HOH A O    1 
HETATM 895 H H1   . HOH B 2 .  ? 10.152  6.897   -7.948  1.00 0.00  ? 188 HOH A H1   1 
HETATM 896 H H2   . HOH B 2 .  ? 9.284   7.044   -9.146  1.00 0.00  ? 188 HOH A H2   1 
HETATM 897 O O    . HOH B 2 .  ? 0.105   -4.168  -8.266  1.06 18.27 ? 189 HOH A O    1 
HETATM 898 H H1   . HOH B 2 .  ? -0.628  -3.634  -7.976  1.00 0.00  ? 189 HOH A H1   1 
HETATM 899 H H2   . HOH B 2 .  ? 0.576   -3.582  -8.866  1.00 0.00  ? 189 HOH A H2   1 
HETATM 900 O O    . HOH B 2 .  ? -1.726  -6.106  -10.067 1.04 50.53 ? 192 HOH A O    1 
HETATM 901 H H1   . HOH B 2 .  ? -0.921  -5.776  -9.652  1.00 0.00  ? 192 HOH A H1   1 
HETATM 902 H H2   . HOH B 2 .  ? -2.411  -5.760  -9.463  1.00 0.00  ? 192 HOH A H2   1 
HETATM 903 O O    . HOH B 2 .  ? 10.733  0.875   5.191   0.94 40.21 ? 194 HOH A O    1 
HETATM 904 H H1   . HOH B 2 .  ? 11.567  1.065   5.629   1.00 0.00  ? 194 HOH A H1   1 
HETATM 905 H H2   . HOH B 2 .  ? 10.851  0.000   4.838   1.00 0.00  ? 194 HOH A H2   1 
HETATM 906 O O    . HOH B 2 .  ? -11.142 -0.074  -4.539  0.95 49.16 ? 201 HOH A O    1 
HETATM 907 H H1   . HOH B 2 .  ? -10.614 0.104   -3.757  1.00 0.00  ? 201 HOH A H1   1 
HETATM 908 H H2   . HOH B 2 .  ? -10.962 -0.991  -4.843  1.00 0.00  ? 201 HOH A H2   1 
HETATM 909 O O    . HOH B 2 .  ? -15.104 -0.211  8.337   1.01 34.21 ? 207 HOH A O    1 
HETATM 910 H H1   . HOH B 2 .  ? -14.680 -0.470  9.165   1.00 0.00  ? 207 HOH A H1   1 
HETATM 911 H H2   . HOH B 2 .  ? -15.934 0.175   8.640   1.00 0.00  ? 207 HOH A H2   1 
HETATM 912 O O    . HOH B 2 .  ? 7.121   -11.423 -9.536  0.80 35.95 ? 208 HOH A O    1 
HETATM 913 H H1   . HOH B 2 .  ? 7.029   -11.241 -8.600  1.00 0.00  ? 208 HOH A H1   1 
HETATM 914 H H2   . HOH B 2 .  ? 6.770   -12.298 -9.673  1.00 0.00  ? 208 HOH A H2   1 
HETATM 915 O O    . HOH B 2 .  ? 7.036   6.257   2.005   1.33 25.49 ? 209 HOH A O    1 
HETATM 916 H H1   . HOH B 2 .  ? 7.696   5.575   2.063   1.00 0.00  ? 209 HOH A H1   1 
HETATM 917 H H2   . HOH B 2 .  ? 7.477   6.921   1.448   1.00 0.00  ? 209 HOH A H2   1 
HETATM 918 O O    . HOH B 2 .  ? -7.104  15.221  5.350   1.02 38.06 ? 210 HOH A O    1 
HETATM 919 H H1   . HOH B 2 .  ? -7.397  14.547  5.947   1.00 0.00  ? 210 HOH A H1   1 
HETATM 920 H H2   . HOH B 2 .  ? -6.479  14.733  4.812   1.00 0.00  ? 210 HOH A H2   1 
HETATM 921 O O    . HOH B 2 .  ? -9.288  14.770  6.847   1.12 24.65 ? 211 HOH A O    1 
HETATM 922 H H1   . HOH B 2 .  ? -8.613  14.328  6.340   1.00 0.00  ? 211 HOH A H1   1 
HETATM 923 H H2   . HOH B 2 .  ? -9.126  14.477  7.745   1.00 0.00  ? 211 HOH A H2   1 
HETATM 924 O O    . HOH B 2 .  ? -2.328  13.399  3.710   0.90 27.28 ? 212 HOH A O    1 
HETATM 925 H H1   . HOH B 2 .  ? -1.897  12.549  3.684   1.00 0.00  ? 212 HOH A H1   1 
HETATM 926 H H2   . HOH B 2 .  ? -1.604  14.032  3.614   1.00 0.00  ? 212 HOH A H2   1 
HETATM 927 O O    . HOH B 2 .  ? 0.290   -6.425  -12.389 0.86 45.19 ? 213 HOH A O    1 
HETATM 928 H H1   . HOH B 2 .  ? -0.256  -6.724  -13.117 1.00 0.00  ? 213 HOH A H1   1 
HETATM 929 H H2   . HOH B 2 .  ? 0.371   -7.197  -11.813 1.00 0.00  ? 213 HOH A H2   1 
HETATM 930 O O    . HOH B 2 .  ? -3.178  -4.345  -8.948  1.15 30.59 ? 214 HOH A O    1 
HETATM 931 H H1   . HOH B 2 .  ? -3.239  -4.244  -9.907  1.00 0.00  ? 214 HOH A H1   1 
HETATM 932 H H2   . HOH B 2 .  ? -2.616  -3.627  -8.669  1.00 0.00  ? 214 HOH A H2   1 
HETATM 933 O O    . HOH B 2 .  ? 12.346  -4.081  -10.136 0.89 38.64 ? 215 HOH A O    1 
HETATM 934 H H1   . HOH B 2 .  ? 12.137  -4.969  -9.840  1.00 0.00  ? 215 HOH A H1   1 
HETATM 935 H H2   . HOH B 2 .  ? 12.142  -3.531  -9.386  1.00 0.00  ? 215 HOH A H2   1 
HETATM 936 O O    . HOH B 2 .  ? -1.424  4.502   8.784   1.12 24.97 ? 216 HOH A O    1 
HETATM 937 H H1   . HOH B 2 .  ? -0.467  4.482   8.839   1.00 0.00  ? 216 HOH A H1   1 
HETATM 938 H H2   . HOH B 2 .  ? -1.717  4.352   9.684   1.00 0.00  ? 216 HOH A H2   1 
HETATM 939 O O    . HOH B 2 .  ? 6.242   5.373   5.429   0.91 39.85 ? 218 HOH A O    1 
HETATM 940 H H1   . HOH B 2 .  ? 6.978   4.771   5.289   1.00 0.00  ? 218 HOH A H1   1 
HETATM 941 H H2   . HOH B 2 .  ? 6.661   6.139   5.833   1.00 0.00  ? 218 HOH A H2   1 
HETATM 942 O O    . HOH B 2 .  ? 11.710  4.775   -1.791  0.92 28.06 ? 219 HOH A O    1 
HETATM 943 H H1   . HOH B 2 .  ? 11.195  5.437   -1.339  1.00 0.00  ? 219 HOH A H1   1 
HETATM 944 H H2   . HOH B 2 .  ? 11.119  4.214   -2.293  1.00 0.00  ? 219 HOH A H2   1 
HETATM 945 O O    . HOH B 2 .  ? -3.044  1.818   -13.872 1.09 45.77 ? 220 HOH A O    1 
HETATM 946 H H1   . HOH B 2 .  ? -3.967  1.647   -13.684 1.00 0.00  ? 220 HOH A H1   1 
HETATM 947 H H2   . HOH B 2 .  ? -2.532  1.305   -13.217 1.00 0.00  ? 220 HOH A H2   1 
HETATM 948 O O    . HOH B 2 .  ? -0.745  -9.155  -9.339  1.05 36.96 ? 221 HOH A O    1 
HETATM 949 H H1   . HOH B 2 .  ? -0.010  -9.224  -8.719  1.00 0.00  ? 221 HOH A H1   1 
HETATM 950 H H2   . HOH B 2 .  ? -1.344  -9.829  -9.009  1.00 0.00  ? 221 HOH A H2   1 
HETATM 951 O O    . HOH B 2 .  ? 11.250  4.851   -9.800  0.94 35.96 ? 222 HOH A O    1 
HETATM 952 H H1   . HOH B 2 .  ? 11.017  3.966   -10.067 1.00 0.00  ? 222 HOH A H1   1 
HETATM 953 H H2   . HOH B 2 .  ? 11.041  4.866   -8.867  1.00 0.00  ? 222 HOH A H2   1 
HETATM 954 O O    . HOH B 2 .  ? 0.577   0.711   -13.682 0.98 28.20 ? 223 HOH A O    1 
HETATM 955 H H1   . HOH B 2 .  ? 1.241   0.864   -14.363 1.00 0.00  ? 223 HOH A H1   1 
HETATM 956 H H2   . HOH B 2 .  ? 1.115   0.542   -12.911 1.00 0.00  ? 223 HOH A H2   1 
HETATM 957 O O    . HOH B 2 .  ? -11.039 0.695   12.100  0.99 39.82 ? 224 HOH A O    1 
HETATM 958 H H1   . HOH B 2 .  ? -10.185 0.668   12.301  1.00 0.00  ? 224 HOH A H1   1 
HETATM 959 H H2   . HOH B 2 .  ? -11.494 1.015   12.855  1.00 0.00  ? 224 HOH A H2   1 
HETATM 960 O O    . HOH B 2 .  ? 17.903  -1.029  1.584   0.71 49.62 ? 225 HOH A O    1 
HETATM 961 H H1   . HOH B 2 .  ? 18.361  -0.195  1.714   1.00 0.00  ? 225 HOH A H1   1 
HETATM 962 H H2   . HOH B 2 .  ? 18.189  -1.544  2.337   1.00 0.00  ? 225 HOH A H2   1 
HETATM 963 O O    . HOH B 2 .  ? 14.878  -1.378  -12.372 0.93 35.22 ? 226 HOH A O    1 
HETATM 964 H H1   . HOH B 2 .  ? 13.991  -1.192  -12.082 1.00 0.00  ? 226 HOH A H1   1 
HETATM 965 H H2   . HOH B 2 .  ? 15.332  -1.641  -11.567 1.00 0.00  ? 226 HOH A H2   1 
HETATM 966 O O    . HOH B 2 .  ? -9.217  -9.749  5.888   0.88 37.03 ? 227 HOH A O    1 
HETATM 967 H H1   . HOH B 2 .  ? -9.472  -9.656  4.969   1.00 0.00  ? 227 HOH A H1   1 
HETATM 968 H H2   . HOH B 2 .  ? -8.335  -9.388  5.936   1.00 0.00  ? 227 HOH A H2   1 
HETATM 969 O O    . HOH B 2 .  ? -7.747  -11.283 8.050   0.80 43.28 ? 228 HOH A O    1 
HETATM 970 H H1   . HOH B 2 .  ? -7.144  -10.703 8.517   1.00 0.00  ? 228 HOH A H1   1 
HETATM 971 H H2   . HOH B 2 .  ? -7.960  -11.978 8.678   1.00 0.00  ? 228 HOH A H2   1 
HETATM 972 O O    . HOH B 2 .  ? 0.059   9.533   5.412   0.92 48.17 ? 229 HOH A O    1 
HETATM 973 H H1   . HOH B 2 .  ? 0.769   9.346   6.025   1.00 0.00  ? 229 HOH A H1   1 
HETATM 974 H H2   . HOH B 2 .  ? 0.612   9.982   4.776   1.00 0.00  ? 229 HOH A H2   1 
HETATM 975 O O    . HOH B 2 .  ? 8.780   2.956   -11.777 0.92 43.62 ? 230 HOH A O    1 
HETATM 976 H H1   . HOH B 2 .  ? 9.402   2.290   -11.950 1.00 0.00  ? 230 HOH A H1   1 
HETATM 977 H H2   . HOH B 2 .  ? 8.898   3.570   -12.497 1.00 0.00  ? 230 HOH A H2   1 
HETATM 978 O O    . HOH B 2 .  ? 12.615  -9.222  -1.935  1.14 30.25 ? 232 HOH A O    1 
HETATM 979 H H1   . HOH B 2 .  ? 12.945  -9.637  -1.132  1.00 0.00  ? 232 HOH A H1   1 
HETATM 980 H H2   . HOH B 2 .  ? 12.691  -9.928  -2.589  1.00 0.00  ? 232 HOH A H2   1 
HETATM 981 O O    . HOH B 2 .  ? 6.054   -2.937  10.454  1.16 42.67 ? 233 HOH A O    1 
HETATM 982 H H1   . HOH B 2 .  ? 6.621   -2.167  10.382  1.00 0.00  ? 233 HOH A H1   1 
HETATM 983 H H2   . HOH B 2 .  ? 5.361   -2.779  9.809   1.00 0.00  ? 233 HOH A H2   1 
HETATM 984 O O    . HOH B 2 .  ? 7.549   -12.510 -6.569  0.96 27.93 ? 234 HOH A O    1 
HETATM 985 H H1   . HOH B 2 .  ? 7.407   -13.298 -6.045  1.00 0.00  ? 234 HOH A H1   1 
HETATM 986 H H2   . HOH B 2 .  ? 7.345   -11.765 -6.006  1.00 0.00  ? 234 HOH A H2   1 
HETATM 987 O O    . HOH B 2 .  ? -0.643  -6.096  -15.036 1.08 44.14 ? 235 HOH A O    1 
HETATM 988 H H1   . HOH B 2 .  ? -0.716  -6.855  -14.460 1.00 0.00  ? 235 HOH A H1   1 
HETATM 989 H H2   . HOH B 2 .  ? 0.074   -5.577  -14.649 1.00 0.00  ? 235 HOH A H2   1 
HETATM 990 O O    . HOH B 2 .  ? -10.557 -5.723  16.684  0.96 37.38 ? 236 HOH A O    1 
HETATM 991 H H1   . HOH B 2 .  ? -9.990  -5.567  15.924  1.00 0.00  ? 236 HOH A H1   1 
HETATM 992 H H2   . HOH B 2 .  ? -11.357 -5.243  16.482  1.00 0.00  ? 236 HOH A H2   1 
HETATM 993 O O    . HOH B 2 .  ? 3.586   -11.408 1.885   0.95 27.31 ? 237 HOH A O    1 
HETATM 994 H H1   . HOH B 2 .  ? 3.185   -11.567 1.029   1.00 0.00  ? 237 HOH A H1   1 
HETATM 995 H H2   . HOH B 2 .  ? 4.529   -11.494 1.720   1.00 0.00  ? 237 HOH A H2   1 
HETATM 996 O O    . HOH B 2 .  ? -10.182 2.493   18.385  0.95 46.19 ? 238 HOH A O    1 
HETATM 997 H H1   . HOH B 2 .  ? -11.086 2.484   18.613  1.00 0.00  ? 238 HOH A H1   1 
HETATM 998 H H2   . HOH B 2 .  ? -9.743  2.237   19.192  1.00 0.00  ? 238 HOH A H2   1 
# 
